data_9BTJ
#
_entry.id   9BTJ
#
_cell.length_a   1.00
_cell.length_b   1.00
_cell.length_c   1.00
_cell.angle_alpha   90.00
_cell.angle_beta   90.00
_cell.angle_gamma   90.00
#
_symmetry.space_group_name_H-M   'P 1'
#
loop_
_entity.id
_entity.type
_entity.pdbx_description
1 polymer 'Fab 6561-a.01 light chain'
2 polymer 'Fab 6561-a.01 heavy chain'
3 polymer 'Envelope glycoprotein gp120'
4 polymer 'Envelope glycoprotein gp41'
5 branched 2-acetamido-2-deoxy-beta-D-glucopyranose-(1-4)-2-acetamido-2-deoxy-beta-D-glucopyranose
6 branched alpha-D-mannopyranose-(1-3)-[alpha-D-mannopyranose-(1-6)]beta-D-mannopyranose-(1-4)-2-acetamido-2-deoxy-beta-D-glucopyranose-(1-4)-2-acetamido-2-deoxy-beta-D-glucopyranose
7 branched beta-D-mannopyranose-(1-4)-2-acetamido-2-deoxy-beta-D-glucopyranose-(1-4)-2-acetamido-2-deoxy-beta-D-glucopyranose
8 branched alpha-D-mannopyranose-(1-3)-[alpha-D-mannopyranose-(1-6)]alpha-D-mannopyranose-(1-6)-[alpha-D-mannopyranose-(1-3)]beta-D-mannopyranose-(1-4)-2-acetamido-2-deoxy-beta-D-glucopyranose-(1-4)-2-acetamido-2-deoxy-beta-D-glucopyranose
9 branched alpha-D-mannopyranose-(1-2)-alpha-D-mannopyranose-(1-3)-[alpha-D-mannopyranose-(1-3)-[alpha-D-mannopyranose-(1-6)]alpha-D-mannopyranose-(1-6)]beta-D-mannopyranose-(1-4)-2-acetamido-2-deoxy-beta-D-glucopyranose-(1-4)-2-acetamido-2-deoxy-beta-D-glucopyranose
10 branched alpha-D-mannopyranose-(1-2)-alpha-D-mannopyranose-(1-6)-[alpha-D-mannopyranose-(1-3)]alpha-D-mannopyranose-(1-6)-[alpha-D-mannopyranose-(1-2)-alpha-D-mannopyranose-(1-3)]beta-D-mannopyranose-(1-4)-2-acetamido-2-deoxy-beta-D-glucopyranose-(1-4)-2-acetamido-2-deoxy-beta-D-glucopyranose
11 branched alpha-D-mannopyranose-(1-3)-beta-D-mannopyranose-(1-4)-2-acetamido-2-deoxy-beta-D-glucopyranose-(1-4)-2-acetamido-2-deoxy-beta-D-glucopyranose
12 branched alpha-D-mannopyranose-(1-2)-alpha-D-mannopyranose-(1-3)-[alpha-D-mannopyranose-(1-6)]beta-D-mannopyranose-(1-4)-2-acetamido-2-deoxy-beta-D-glucopyranose-(1-4)-2-acetamido-2-deoxy-beta-D-glucopyranose
13 non-polymer 2-acetamido-2-deoxy-beta-D-glucopyranose
#
loop_
_entity_poly.entity_id
_entity_poly.type
_entity_poly.pdbx_seq_one_letter_code
_entity_poly.pdbx_strand_id
1 'polypeptide(L)'
;QPVVTQSPSASASLGASVKLTCTLGSGNTNYAIAWHQQQEGKAPRFLMRVESGGSHSKGDGIPHRFSGSSSGAERYLTIS
NLQSEDEADYFCQTWTTGTHVFGVGTKLTVLGQPKAAPSVTLFPPSSEELQANKATLVCLISDFYPGAVTVAWKADSSPV
KAGVETTTPSKQSNNKYAASSYLSLTPEQWKSHRSYSCQVTHEGSTVEKTVAPTECS
;
L
2 'polypeptide(L)'
;QVQLQESGPGLVRPSETLSLTCTVSGGSISDRYYWNWIRQRPGKPLEWLGNIYGFSERTYHNPSFKSRVTISKDTSKNQF
FLSLSSVTAADTAVYYCVRDRLLEEY(TYS)EED(TYS)DNWYRVFDALEVWGRGLLVTVSSASTKGPSVFPLAPSSKST
SGGTAALGCLVKDYFPEPVTVSWNSGALTSGVHTFPAVLQSSGLYSLSSVVTVPSSSLGTQTYICNVNHKPSNTKVDKKV
EPKSCDKGLEVLFQ
;
H
3 'polypeptide(L)'
;GPAENLWVTVYYGVPVWKEAKTTLFCASDAKAYEKEVHNVWATHACVPTDPNPQEMVLENVTENFNMWKNDMVDQMHEDV
ISLWDQSLKPCVKLTPLCVTLNCTNTTVSNGSSNSNANFEEMKNCSFNATTEIKDKKKNEYALFYKLDIVPLNNSSGKYR
LINCNTSACTQICPKVTFEPIPIHYCAPAGYAILKCNNKTFNGTGPCNNVSTVQCTHGIKPVVSTQLLLNGSLAEKEIII
RSENLTNNAKTIIVHLNESVGIVCTRPSNMTRKSIRIGPGQTFYALGDIIGDIRQPHCNISKQNWNRTLQQVGRKLAEHF
PNRNITFNHSSGGDLEITTHSFNCRGEFFYCNTSGLFNGTYHPNGTYNETAVNSSDTITLQCRIKQIINMWQEVGRCMYA
PPIAGNITCNSNITGLLLTRDGGINQTGEEIFRPGGGDMRDNWRSELYKYKVVEIKPLGIAPTKCKRRVVERRRRRR
;
G,A,D
4 'polypeptide(L)'
;AVGIGAVFLGFLGAAGSTMGAASNTLTVQARQLLSGIVQQQSNLLRAPEAQQHMLQLGVWGFKQLQARVLAIERYLEVQQ
LLGIWGCSGKLICCTNVPWNSTWSNRTQEDIWNNMTWMEWEREIGNYTHTIYSLLEESQFQQEINEKDLLALD
;
B,C,E
#
# COMPACT_ATOMS: atom_id res chain seq x y z
N GLN A 1 -5.64 -51.97 5.44
CA GLN A 1 -5.89 -52.82 6.59
C GLN A 1 -4.60 -53.18 7.34
N PRO A 2 -4.24 -52.35 8.34
CA PRO A 2 -3.06 -52.66 9.15
C PRO A 2 -3.22 -53.98 9.89
N VAL A 3 -2.16 -54.77 9.90
CA VAL A 3 -2.14 -56.07 10.55
C VAL A 3 -1.24 -56.00 11.77
N VAL A 4 -1.79 -56.36 12.93
CA VAL A 4 -1.07 -56.30 14.20
C VAL A 4 -0.72 -57.73 14.62
N THR A 5 0.51 -57.91 15.10
CA THR A 5 0.99 -59.19 15.58
C THR A 5 1.24 -59.12 17.08
N GLN A 6 1.28 -60.30 17.70
CA GLN A 6 1.44 -60.37 19.15
C GLN A 6 1.96 -61.75 19.52
N SER A 7 2.60 -61.83 20.68
CA SER A 7 3.07 -63.12 21.19
C SER A 7 1.87 -64.01 21.51
N PRO A 8 1.96 -65.30 21.19
CA PRO A 8 0.82 -66.20 21.45
C PRO A 8 0.45 -66.32 22.92
N SER A 9 1.43 -66.25 23.83
CA SER A 9 1.16 -66.38 25.25
C SER A 9 2.19 -65.59 26.04
N ALA A 10 1.85 -65.27 27.28
CA ALA A 10 2.72 -64.56 28.20
C ALA A 10 2.82 -65.32 29.50
N SER A 11 4.00 -65.30 30.12
CA SER A 11 4.25 -66.00 31.38
C SER A 11 4.59 -64.98 32.46
N ALA A 12 3.94 -65.12 33.60
CA ALA A 12 4.18 -64.22 34.73
C ALA A 12 3.82 -64.94 36.02
N SER A 13 4.36 -64.42 37.13
CA SER A 13 4.10 -64.99 38.44
C SER A 13 2.91 -64.29 39.10
N LEU A 14 2.25 -65.02 39.99
CA LEU A 14 1.10 -64.46 40.70
C LEU A 14 1.54 -63.36 41.65
N GLY A 15 0.76 -62.28 41.71
CA GLY A 15 1.06 -61.16 42.55
C GLY A 15 2.01 -60.13 41.96
N ALA A 16 2.53 -60.38 40.77
CA ALA A 16 3.44 -59.46 40.12
C ALA A 16 2.66 -58.50 39.22
N SER A 17 3.37 -57.74 38.39
CA SER A 17 2.76 -56.80 37.45
C SER A 17 3.04 -57.27 36.03
N VAL A 18 1.99 -57.35 35.22
CA VAL A 18 2.10 -57.82 33.85
C VAL A 18 2.38 -56.62 32.94
N LYS A 19 3.10 -56.87 31.85
CA LYS A 19 3.45 -55.85 30.87
C LYS A 19 3.00 -56.37 29.50
N LEU A 20 1.75 -56.08 29.15
CA LEU A 20 1.16 -56.57 27.91
C LEU A 20 1.50 -55.65 26.75
N THR A 21 1.86 -56.27 25.61
CA THR A 21 2.23 -55.53 24.41
C THR A 21 1.54 -56.15 23.21
N CYS A 22 1.34 -55.34 22.16
CA CYS A 22 0.97 -55.84 20.86
C CYS A 22 1.59 -54.94 19.81
N THR A 23 2.18 -55.54 18.77
CA THR A 23 2.97 -54.81 17.80
C THR A 23 2.11 -54.36 16.63
N LEU A 24 2.33 -53.13 16.17
CA LEU A 24 1.61 -52.57 15.04
C LEU A 24 2.48 -52.64 13.79
N GLY A 25 1.91 -53.14 12.70
CA GLY A 25 2.64 -53.23 11.45
C GLY A 25 1.80 -52.88 10.23
N SER A 26 2.25 -51.87 9.48
CA SER A 26 1.56 -51.42 8.28
C SER A 26 2.49 -50.49 7.52
N GLY A 27 2.04 -50.09 6.32
CA GLY A 27 2.79 -49.09 5.57
C GLY A 27 2.83 -47.75 6.29
N ASN A 28 1.71 -47.35 6.89
CA ASN A 28 1.64 -46.16 7.72
C ASN A 28 1.21 -46.60 9.11
N THR A 29 2.08 -46.40 10.10
CA THR A 29 1.84 -46.81 11.48
C THR A 29 1.14 -45.73 12.29
N ASN A 30 0.69 -44.65 11.65
CA ASN A 30 0.13 -43.50 12.35
C ASN A 30 -1.28 -43.79 12.85
N TYR A 31 -1.91 -44.86 12.39
CA TYR A 31 -3.25 -45.21 12.85
C TYR A 31 -3.25 -45.53 14.34
N ALA A 32 -4.24 -45.00 15.05
CA ALA A 32 -4.35 -45.20 16.49
C ALA A 32 -5.04 -46.53 16.80
N ILE A 33 -4.99 -46.94 18.06
CA ILE A 33 -5.59 -48.19 18.52
C ILE A 33 -6.43 -47.94 19.76
N ALA A 34 -7.13 -48.98 20.19
CA ALA A 34 -7.96 -48.94 21.39
C ALA A 34 -8.01 -50.33 21.99
N TRP A 35 -7.65 -50.46 23.27
CA TRP A 35 -7.58 -51.75 23.91
C TRP A 35 -8.96 -52.22 24.38
N HIS A 36 -9.08 -53.53 24.59
CA HIS A 36 -10.32 -54.15 25.04
C HIS A 36 -9.98 -55.29 25.97
N GLN A 37 -11.02 -56.00 26.43
CA GLN A 37 -10.86 -57.17 27.29
C GLN A 37 -12.01 -58.14 27.02
N GLN A 38 -11.66 -59.41 26.82
CA GLN A 38 -12.62 -60.46 26.51
C GLN A 38 -12.63 -61.48 27.64
N GLN A 39 -13.72 -61.52 28.40
CA GLN A 39 -13.88 -62.52 29.45
C GLN A 39 -14.44 -63.82 28.87
N GLU A 40 -14.71 -64.77 29.75
CA GLU A 40 -15.23 -66.07 29.34
C GLU A 40 -16.72 -65.94 29.05
N GLY A 41 -17.06 -65.85 27.75
CA GLY A 41 -18.45 -65.75 27.37
C GLY A 41 -19.07 -64.41 27.74
N LYS A 42 -20.38 -64.43 27.94
CA LYS A 42 -21.17 -63.25 28.31
C LYS A 42 -20.98 -62.13 27.29
N ALA A 43 -20.08 -61.19 27.59
CA ALA A 43 -19.80 -60.08 26.70
C ALA A 43 -18.45 -59.45 27.05
N PRO A 44 -17.57 -59.27 26.08
CA PRO A 44 -16.31 -58.57 26.35
C PRO A 44 -16.55 -57.09 26.61
N ARG A 45 -15.50 -56.41 27.06
CA ARG A 45 -15.60 -55.04 27.54
C ARG A 45 -14.59 -54.14 26.84
N PHE A 46 -14.94 -52.87 26.71
CA PHE A 46 -14.06 -51.84 26.17
C PHE A 46 -13.39 -51.11 27.33
N LEU A 47 -12.08 -50.89 27.22
CA LEU A 47 -11.28 -50.40 28.32
C LEU A 47 -10.80 -48.97 28.11
N MET A 48 -10.06 -48.70 27.02
CA MET A 48 -9.44 -47.40 26.83
C MET A 48 -9.05 -47.24 25.37
N ARG A 49 -8.71 -46.01 25.00
CA ARG A 49 -8.37 -45.65 23.64
C ARG A 49 -7.01 -45.00 23.60
N VAL A 50 -6.18 -45.41 22.65
CA VAL A 50 -4.81 -44.92 22.51
C VAL A 50 -4.75 -44.00 21.29
N GLU A 51 -3.96 -42.94 21.40
CA GLU A 51 -3.67 -42.08 20.27
C GLU A 51 -2.21 -41.66 20.35
N SER A 52 -1.78 -40.84 19.39
CA SER A 52 -0.41 -40.35 19.38
C SER A 52 -0.15 -39.46 20.59
N GLY A 53 1.00 -39.63 21.21
CA GLY A 53 1.34 -38.91 22.41
C GLY A 53 0.83 -39.52 23.70
N GLY A 54 0.30 -40.73 23.64
CA GLY A 54 -0.22 -41.39 24.84
C GLY A 54 -1.45 -40.73 25.43
N SER A 55 -2.41 -40.35 24.60
CA SER A 55 -3.63 -39.71 25.06
C SER A 55 -4.53 -40.76 25.70
N HIS A 56 -4.52 -40.83 27.02
CA HIS A 56 -5.35 -41.80 27.73
C HIS A 56 -6.82 -41.41 27.64
N SER A 57 -7.67 -42.37 27.29
CA SER A 57 -9.10 -42.12 27.10
C SER A 57 -9.92 -43.21 27.78
N LYS A 58 -9.60 -43.49 29.04
CA LYS A 58 -10.34 -44.47 29.83
C LYS A 58 -11.76 -43.94 30.07
N GLY A 59 -12.74 -44.56 29.42
CA GLY A 59 -14.09 -44.03 29.41
C GLY A 59 -14.97 -44.38 30.60
N ASP A 60 -15.21 -45.66 30.83
CA ASP A 60 -16.24 -46.11 31.77
C ASP A 60 -15.63 -47.00 32.85
N GLY A 61 -15.55 -46.47 34.06
CA GLY A 61 -15.19 -47.26 35.23
C GLY A 61 -13.82 -47.92 35.19
N ILE A 62 -12.81 -47.16 34.81
CA ILE A 62 -11.44 -47.66 34.70
C ILE A 62 -10.60 -47.00 35.79
N PRO A 63 -10.02 -47.77 36.72
CA PRO A 63 -9.14 -47.16 37.73
C PRO A 63 -7.85 -46.60 37.13
N HIS A 64 -7.02 -45.99 37.98
CA HIS A 64 -5.78 -45.34 37.54
C HIS A 64 -4.58 -46.27 37.55
N ARG A 65 -4.79 -47.58 37.40
CA ARG A 65 -3.72 -48.57 37.40
C ARG A 65 -3.65 -49.26 36.05
N PHE A 66 -3.92 -48.53 34.97
CA PHE A 66 -3.95 -49.06 33.62
C PHE A 66 -3.20 -48.14 32.66
N SER A 67 -1.99 -47.73 33.07
CA SER A 67 -1.19 -46.83 32.26
C SER A 67 -0.66 -47.54 31.01
N GLY A 68 -0.25 -46.74 30.02
CA GLY A 68 0.27 -47.27 28.78
C GLY A 68 1.28 -46.32 28.17
N SER A 69 1.98 -46.82 27.16
CA SER A 69 3.02 -46.06 26.48
C SER A 69 3.23 -46.63 25.09
N SER A 70 3.92 -45.86 24.25
CA SER A 70 4.24 -46.26 22.90
C SER A 70 5.75 -46.16 22.67
N SER A 71 6.27 -47.08 21.85
CA SER A 71 7.70 -47.10 21.54
C SER A 71 7.85 -47.60 20.10
N GLY A 72 7.94 -46.65 19.17
CA GLY A 72 8.05 -46.98 17.76
C GLY A 72 6.81 -47.63 17.19
N ALA A 73 6.96 -48.82 16.62
CA ALA A 73 5.85 -49.55 16.04
C ALA A 73 5.15 -50.47 17.04
N GLU A 74 5.58 -50.47 18.30
CA GLU A 74 4.99 -51.31 19.32
C GLU A 74 4.64 -50.45 20.53
N ARG A 75 3.48 -50.71 21.13
CA ARG A 75 2.98 -49.93 22.25
C ARG A 75 2.98 -50.77 23.52
N TYR A 76 3.40 -50.17 24.62
CA TYR A 76 3.51 -50.85 25.92
C TYR A 76 2.29 -50.53 26.77
N LEU A 77 1.75 -51.56 27.42
CA LEU A 77 0.66 -51.41 28.38
C LEU A 77 1.12 -51.92 29.73
N THR A 78 0.99 -51.08 30.76
CA THR A 78 1.44 -51.40 32.11
C THR A 78 0.22 -51.59 33.01
N ILE A 79 0.14 -52.76 33.64
CA ILE A 79 -0.95 -53.08 34.56
C ILE A 79 -0.35 -53.39 35.92
N SER A 80 -0.87 -52.73 36.96
CA SER A 80 -0.40 -52.91 38.32
C SER A 80 -1.56 -53.37 39.20
N ASN A 81 -1.20 -54.02 40.31
CA ASN A 81 -2.14 -54.57 41.28
C ASN A 81 -3.10 -55.56 40.61
N LEU A 82 -2.51 -56.63 40.10
CA LEU A 82 -3.28 -57.67 39.43
C LEU A 82 -4.16 -58.43 40.42
N GLN A 83 -5.28 -58.92 39.92
CA GLN A 83 -6.24 -59.68 40.73
C GLN A 83 -6.59 -60.98 40.01
N SER A 84 -7.38 -61.81 40.68
CA SER A 84 -7.77 -63.09 40.10
C SER A 84 -8.72 -62.90 38.93
N GLU A 85 -9.53 -61.84 38.95
CA GLU A 85 -10.49 -61.58 37.89
C GLU A 85 -9.89 -60.80 36.72
N ASP A 86 -8.61 -60.43 36.80
CA ASP A 86 -7.99 -59.62 35.75
C ASP A 86 -7.50 -60.45 34.56
N GLU A 87 -7.52 -61.78 34.66
CA GLU A 87 -7.07 -62.62 33.55
C GLU A 87 -8.17 -62.72 32.50
N ALA A 88 -7.84 -62.33 31.27
CA ALA A 88 -8.78 -62.33 30.15
C ALA A 88 -7.98 -62.14 28.87
N ASP A 89 -8.69 -61.97 27.75
CA ASP A 89 -8.08 -61.73 26.45
C ASP A 89 -8.22 -60.25 26.09
N TYR A 90 -7.11 -59.61 25.78
CA TYR A 90 -7.08 -58.18 25.44
C TYR A 90 -6.82 -58.03 23.95
N PHE A 91 -7.65 -57.24 23.29
CA PHE A 91 -7.60 -57.06 21.84
C PHE A 91 -7.23 -55.60 21.52
N CYS A 92 -6.30 -55.42 20.60
CA CYS A 92 -5.95 -54.10 20.09
C CYS A 92 -6.36 -54.03 18.63
N GLN A 93 -7.12 -52.99 18.27
CA GLN A 93 -7.75 -52.85 16.97
C GLN A 93 -7.39 -51.50 16.36
N THR A 94 -7.50 -51.42 15.03
CA THR A 94 -7.33 -50.16 14.32
C THR A 94 -8.69 -49.71 13.78
N TRP A 95 -8.73 -48.48 13.27
CA TRP A 95 -9.97 -47.88 12.79
C TRP A 95 -9.99 -47.68 11.28
N THR A 96 -9.03 -46.91 10.75
CA THR A 96 -9.03 -46.45 9.36
C THR A 96 -10.40 -45.87 8.99
N THR A 97 -10.89 -46.20 7.80
CA THR A 97 -12.24 -45.85 7.37
C THR A 97 -12.92 -47.10 6.81
N GLY A 98 -12.80 -48.18 7.54
CA GLY A 98 -13.35 -49.47 7.14
C GLY A 98 -12.34 -50.57 7.35
N THR A 99 -12.83 -51.81 7.30
CA THR A 99 -12.03 -53.03 7.46
C THR A 99 -11.29 -53.03 8.80
N HIS A 100 -12.09 -53.11 9.86
CA HIS A 100 -11.55 -53.27 11.21
C HIS A 100 -10.84 -54.61 11.31
N VAL A 101 -9.54 -54.58 11.58
CA VAL A 101 -8.74 -55.79 11.47
C VAL A 101 -8.67 -56.56 12.79
N PHE A 102 -8.84 -55.88 13.92
CA PHE A 102 -8.80 -56.47 15.26
C PHE A 102 -7.42 -57.03 15.57
N GLY A 103 -7.30 -57.74 16.69
CA GLY A 103 -6.03 -58.29 17.11
C GLY A 103 -6.17 -59.73 17.54
N VAL A 104 -5.05 -60.45 17.48
CA VAL A 104 -5.03 -61.86 17.87
C VAL A 104 -5.17 -61.99 19.39
N GLY A 105 -4.57 -61.07 20.15
CA GLY A 105 -4.66 -61.10 21.59
C GLY A 105 -3.68 -62.07 22.23
N THR A 106 -3.63 -62.02 23.56
CA THR A 106 -2.80 -62.91 24.35
C THR A 106 -3.61 -63.44 25.52
N LYS A 107 -3.56 -64.74 25.73
CA LYS A 107 -4.29 -65.41 26.80
C LYS A 107 -3.33 -65.85 27.89
N LEU A 108 -3.65 -65.52 29.14
CA LEU A 108 -2.82 -65.89 30.27
C LEU A 108 -3.43 -67.05 31.03
N GLN B 1 -26.10 -43.24 30.03
CA GLN B 1 -25.67 -44.53 29.49
C GLN B 1 -26.76 -45.13 28.60
N VAL B 2 -26.36 -46.12 27.80
CA VAL B 2 -27.27 -46.82 26.90
C VAL B 2 -27.16 -48.32 27.16
N GLN B 3 -28.26 -49.03 26.93
CA GLN B 3 -28.32 -50.47 27.12
C GLN B 3 -28.82 -51.13 25.84
N LEU B 4 -28.25 -52.31 25.54
CA LEU B 4 -28.56 -53.04 24.32
C LEU B 4 -29.04 -54.44 24.70
N GLN B 5 -30.24 -54.80 24.25
CA GLN B 5 -30.83 -56.11 24.49
C GLN B 5 -31.16 -56.74 23.15
N GLU B 6 -30.65 -57.95 22.93
CA GLU B 6 -30.84 -58.65 21.66
C GLU B 6 -31.76 -59.84 21.85
N SER B 7 -32.63 -60.07 20.86
CA SER B 7 -33.55 -61.19 20.87
C SER B 7 -33.73 -61.69 19.44
N GLY B 8 -34.13 -62.95 19.32
CA GLY B 8 -34.35 -63.55 18.03
C GLY B 8 -34.21 -65.06 18.06
N PRO B 9 -34.27 -65.68 16.88
CA PRO B 9 -34.13 -67.15 16.78
C PRO B 9 -32.69 -67.61 16.93
N GLY B 10 -32.24 -67.75 18.18
CA GLY B 10 -30.90 -68.24 18.43
C GLY B 10 -30.72 -69.68 18.01
N LEU B 11 -31.70 -70.52 18.31
CA LEU B 11 -31.66 -71.94 17.94
C LEU B 11 -32.37 -72.11 16.60
N VAL B 12 -31.61 -72.44 15.57
CA VAL B 12 -32.12 -72.58 14.21
C VAL B 12 -31.84 -74.01 13.75
N ARG B 13 -32.88 -74.84 13.68
CA ARG B 13 -32.73 -76.20 13.20
C ARG B 13 -32.66 -76.26 11.68
N PRO B 14 -33.60 -75.63 10.90
CA PRO B 14 -33.39 -75.60 9.46
C PRO B 14 -32.52 -74.42 9.03
N SER B 15 -31.34 -74.70 8.47
CA SER B 15 -30.37 -73.66 8.17
C SER B 15 -30.62 -73.13 6.77
N GLU B 16 -31.35 -72.02 6.69
CA GLU B 16 -31.55 -71.30 5.43
C GLU B 16 -31.01 -69.88 5.50
N THR B 17 -31.36 -69.13 6.54
CA THR B 17 -30.89 -67.77 6.74
C THR B 17 -30.92 -67.47 8.23
N LEU B 18 -30.68 -66.21 8.59
CA LEU B 18 -30.69 -65.80 9.99
C LEU B 18 -31.07 -64.34 10.09
N SER B 19 -31.96 -64.01 11.03
CA SER B 19 -32.39 -62.65 11.28
C SER B 19 -32.28 -62.37 12.77
N LEU B 20 -31.83 -61.16 13.12
CA LEU B 20 -31.56 -60.79 14.50
C LEU B 20 -32.13 -59.41 14.80
N THR B 21 -32.12 -59.06 16.08
CA THR B 21 -32.76 -57.85 16.58
C THR B 21 -31.99 -57.35 17.80
N CYS B 22 -31.89 -56.02 17.93
CA CYS B 22 -31.32 -55.39 19.12
C CYS B 22 -32.14 -54.18 19.51
N THR B 23 -32.92 -54.30 20.58
CA THR B 23 -33.60 -53.16 21.17
C THR B 23 -32.59 -52.27 21.88
N VAL B 24 -32.80 -50.96 21.82
CA VAL B 24 -31.90 -49.98 22.40
C VAL B 24 -32.64 -49.23 23.51
N SER B 25 -32.03 -49.16 24.69
CA SER B 25 -32.60 -48.47 25.83
C SER B 25 -31.82 -47.19 26.11
N GLY B 26 -32.53 -46.09 26.29
CA GLY B 26 -31.89 -44.82 26.55
C GLY B 26 -31.87 -43.91 25.34
N GLY B 27 -30.67 -43.61 24.85
CA GLY B 27 -30.52 -42.81 23.65
C GLY B 27 -31.14 -43.43 22.42
N SER B 28 -31.87 -42.65 21.64
CA SER B 28 -32.49 -43.14 20.43
C SER B 28 -31.44 -43.54 19.40
N ILE B 29 -31.79 -44.51 18.55
CA ILE B 29 -30.87 -44.94 17.51
C ILE B 29 -30.65 -43.83 16.49
N SER B 30 -31.68 -43.04 16.21
CA SER B 30 -31.56 -41.96 15.23
C SER B 30 -30.48 -40.97 15.65
N ASP B 31 -30.45 -40.59 16.92
CA ASP B 31 -29.42 -39.72 17.44
C ASP B 31 -28.15 -40.52 17.73
N ARG B 32 -27.11 -39.80 18.15
CA ARG B 32 -25.85 -40.36 18.63
C ARG B 32 -25.12 -41.20 17.59
N TYR B 33 -25.34 -40.92 16.31
CA TYR B 33 -24.49 -41.37 15.21
C TYR B 33 -24.43 -42.89 15.03
N TYR B 34 -23.21 -43.43 14.99
CA TYR B 34 -22.96 -44.75 14.42
C TYR B 34 -23.47 -45.88 15.32
N TRP B 35 -23.72 -47.02 14.67
CA TRP B 35 -24.01 -48.29 15.33
C TRP B 35 -23.35 -49.40 14.52
N ASN B 36 -22.94 -50.47 15.20
CA ASN B 36 -22.14 -51.51 14.58
C ASN B 36 -22.70 -52.90 14.90
N TRP B 37 -22.15 -53.90 14.21
CA TRP B 37 -22.48 -55.30 14.41
C TRP B 37 -21.20 -56.11 14.41
N ILE B 38 -21.12 -57.09 15.31
CA ILE B 38 -19.91 -57.88 15.50
C ILE B 38 -20.28 -59.36 15.64
N ARG B 39 -19.56 -60.21 14.90
CA ARG B 39 -19.70 -61.65 15.01
C ARG B 39 -18.62 -62.23 15.93
N GLN B 40 -18.89 -63.41 16.47
CA GLN B 40 -17.92 -64.13 17.30
C GLN B 40 -18.27 -65.61 17.26
N ARG B 41 -17.38 -66.43 16.64
CA ARG B 41 -17.58 -67.86 16.53
C ARG B 41 -16.70 -68.61 17.53
N PRO B 42 -17.15 -69.77 18.02
CA PRO B 42 -16.45 -70.41 19.15
C PRO B 42 -15.15 -71.09 18.78
N GLY B 43 -14.05 -70.34 18.77
CA GLY B 43 -12.74 -70.93 18.55
C GLY B 43 -11.83 -70.09 17.68
N LYS B 44 -12.43 -69.24 16.85
CA LYS B 44 -11.75 -68.35 15.93
C LYS B 44 -12.04 -66.90 16.28
N PRO B 45 -11.12 -65.98 15.98
CA PRO B 45 -11.27 -64.60 16.46
C PRO B 45 -12.46 -63.88 15.87
N LEU B 46 -12.97 -62.93 16.63
CA LEU B 46 -14.16 -62.19 16.25
C LEU B 46 -13.93 -61.36 14.99
N GLU B 47 -14.99 -61.16 14.22
CA GLU B 47 -14.94 -60.47 12.94
C GLU B 47 -16.01 -59.38 12.88
N TRP B 48 -15.84 -58.47 11.93
CA TRP B 48 -16.78 -57.37 11.71
C TRP B 48 -17.52 -57.61 10.40
N LEU B 49 -18.84 -57.43 10.43
CA LEU B 49 -19.68 -57.74 9.27
C LEU B 49 -20.14 -56.51 8.51
N GLY B 50 -20.43 -55.40 9.19
CA GLY B 50 -20.98 -54.26 8.51
C GLY B 50 -21.21 -53.11 9.46
N ASN B 51 -21.74 -52.02 8.91
CA ASN B 51 -21.90 -50.78 9.66
C ASN B 51 -23.20 -50.10 9.25
N ILE B 52 -23.75 -49.31 10.16
CA ILE B 52 -24.94 -48.51 9.92
C ILE B 52 -24.75 -47.13 10.53
N TYR B 53 -25.29 -46.11 9.89
CA TYR B 53 -25.23 -44.75 10.39
C TYR B 53 -26.59 -44.33 10.94
N GLY B 54 -26.57 -43.31 11.78
CA GLY B 54 -27.78 -42.85 12.44
C GLY B 54 -28.60 -41.86 11.64
N PHE B 55 -27.94 -40.82 11.11
CA PHE B 55 -28.65 -39.71 10.48
C PHE B 55 -28.75 -39.83 8.96
N SER B 56 -27.64 -40.09 8.27
CA SER B 56 -27.59 -40.01 6.82
C SER B 56 -27.78 -41.34 6.11
N GLU B 57 -27.80 -42.45 6.83
CA GLU B 57 -27.98 -43.79 6.26
C GLU B 57 -26.90 -44.10 5.22
N ARG B 58 -25.65 -44.11 5.68
CA ARG B 58 -24.50 -44.45 4.85
C ARG B 58 -23.93 -45.77 5.37
N THR B 59 -24.24 -46.86 4.67
CA THR B 59 -23.93 -48.20 5.13
C THR B 59 -22.55 -48.62 4.63
N TYR B 60 -21.61 -48.81 5.55
CA TYR B 60 -20.28 -49.30 5.21
C TYR B 60 -20.19 -50.79 5.53
N HIS B 61 -20.79 -51.59 4.66
CA HIS B 61 -20.67 -53.04 4.79
C HIS B 61 -19.24 -53.47 4.51
N ASN B 62 -18.86 -54.62 5.10
CA ASN B 62 -17.49 -55.13 5.04
C ASN B 62 -17.04 -55.31 3.60
N PRO B 63 -16.04 -54.54 3.14
CA PRO B 63 -15.58 -54.67 1.75
C PRO B 63 -14.99 -56.03 1.43
N SER B 64 -14.48 -56.75 2.42
CA SER B 64 -13.91 -58.07 2.18
C SER B 64 -14.98 -59.06 1.72
N PHE B 65 -16.17 -59.00 2.33
CA PHE B 65 -17.25 -59.89 1.98
C PHE B 65 -18.15 -59.25 0.93
N LYS B 66 -18.82 -60.10 0.15
CA LYS B 66 -19.73 -59.63 -0.89
C LYS B 66 -21.07 -59.25 -0.29
N SER B 67 -22.08 -59.07 -1.14
CA SER B 67 -23.40 -58.62 -0.70
C SER B 67 -24.12 -59.78 -0.02
N ARG B 68 -23.74 -60.04 1.23
CA ARG B 68 -24.35 -61.07 2.04
C ARG B 68 -24.93 -60.54 3.35
N VAL B 69 -24.72 -59.26 3.66
CA VAL B 69 -25.18 -58.66 4.91
C VAL B 69 -26.09 -57.48 4.57
N THR B 70 -27.18 -57.34 5.32
CA THR B 70 -28.13 -56.25 5.14
C THR B 70 -28.49 -55.69 6.51
N ILE B 71 -28.61 -54.36 6.59
CA ILE B 71 -28.93 -53.67 7.83
C ILE B 71 -30.19 -52.85 7.61
N SER B 72 -31.13 -52.96 8.54
CA SER B 72 -32.30 -52.10 8.56
C SER B 72 -32.06 -50.89 9.45
N LYS B 73 -32.71 -49.77 9.13
CA LYS B 73 -32.52 -48.55 9.89
C LYS B 73 -33.50 -48.45 11.06
N ASP B 74 -34.79 -48.63 10.79
CA ASP B 74 -35.87 -48.67 11.80
C ASP B 74 -35.75 -47.54 12.81
N THR B 75 -35.68 -46.31 12.28
CA THR B 75 -35.61 -45.12 13.13
C THR B 75 -36.94 -44.78 13.78
N SER B 76 -38.03 -45.45 13.39
CA SER B 76 -39.35 -45.10 13.90
C SER B 76 -39.53 -45.55 15.34
N LYS B 77 -39.07 -46.75 15.68
CA LYS B 77 -39.35 -47.33 16.99
C LYS B 77 -38.07 -47.75 17.72
N ASN B 78 -36.96 -47.07 17.44
CA ASN B 78 -35.69 -47.25 18.15
C ASN B 78 -35.21 -48.70 18.05
N GLN B 79 -34.89 -49.09 16.81
CA GLN B 79 -34.61 -50.48 16.52
C GLN B 79 -33.65 -50.56 15.33
N PHE B 80 -32.90 -51.67 15.25
CA PHE B 80 -32.13 -51.99 14.06
C PHE B 80 -31.98 -53.50 13.97
N PHE B 81 -31.96 -54.01 12.74
CA PHE B 81 -32.02 -55.43 12.46
C PHE B 81 -30.70 -55.94 11.89
N LEU B 82 -30.63 -57.26 11.69
CA LEU B 82 -29.53 -57.92 11.01
C LEU B 82 -30.07 -59.14 10.29
N SER B 83 -29.76 -59.26 9.00
CA SER B 83 -30.15 -60.42 8.22
C SER B 83 -29.00 -60.85 7.33
N LEU B 84 -28.65 -62.13 7.40
CA LEU B 84 -27.59 -62.71 6.57
C LEU B 84 -28.20 -63.84 5.76
N SER B 85 -27.91 -63.88 4.46
CA SER B 85 -28.51 -64.84 3.55
C SER B 85 -27.58 -66.03 3.33
N SER B 86 -28.20 -67.21 3.18
CA SER B 86 -27.49 -68.46 2.88
C SER B 86 -26.44 -68.77 3.95
N VAL B 87 -26.94 -69.02 5.17
CA VAL B 87 -26.05 -69.33 6.29
C VAL B 87 -25.42 -70.70 6.07
N THR B 88 -24.11 -70.78 6.31
CA THR B 88 -23.36 -72.03 6.21
C THR B 88 -23.22 -72.64 7.61
N ALA B 89 -22.99 -73.95 7.65
CA ALA B 89 -22.81 -74.64 8.91
C ALA B 89 -21.60 -74.13 9.69
N ALA B 90 -20.64 -73.51 9.00
CA ALA B 90 -19.49 -72.92 9.66
C ALA B 90 -19.77 -71.51 10.19
N ASP B 91 -20.97 -70.97 9.94
CA ASP B 91 -21.34 -69.64 10.41
C ASP B 91 -21.94 -69.65 11.80
N THR B 92 -21.85 -70.77 12.53
CA THR B 92 -22.31 -70.84 13.91
C THR B 92 -21.50 -69.88 14.76
N ALA B 93 -22.12 -68.80 15.23
CA ALA B 93 -21.38 -67.75 15.91
C ALA B 93 -22.30 -66.97 16.83
N VAL B 94 -21.68 -66.20 17.72
CA VAL B 94 -22.38 -65.31 18.64
C VAL B 94 -22.25 -63.89 18.12
N TYR B 95 -23.35 -63.14 18.12
CA TYR B 95 -23.40 -61.81 17.53
C TYR B 95 -23.49 -60.75 18.61
N TYR B 96 -22.74 -59.66 18.42
CA TYR B 96 -22.77 -58.51 19.32
C TYR B 96 -23.06 -57.26 18.51
N CYS B 97 -24.08 -56.51 18.91
CA CYS B 97 -24.43 -55.24 18.28
C CYS B 97 -23.89 -54.09 19.13
N VAL B 98 -23.31 -53.10 18.45
CA VAL B 98 -22.41 -52.13 19.07
C VAL B 98 -22.88 -50.71 18.80
N ARG B 99 -22.61 -49.82 19.75
CA ARG B 99 -22.64 -48.38 19.57
C ARG B 99 -21.22 -47.83 19.69
N ASP B 100 -20.92 -46.78 18.93
CA ASP B 100 -19.56 -46.26 18.82
C ASP B 100 -19.38 -45.00 19.65
N ARG B 101 -18.11 -44.60 19.79
CA ARG B 101 -17.68 -43.46 20.56
C ARG B 101 -17.85 -42.18 19.72
N LEU B 102 -17.83 -41.02 20.37
CA LEU B 102 -18.04 -39.73 19.71
C LEU B 102 -16.70 -39.03 19.50
N LEU B 103 -16.09 -39.23 18.33
CA LEU B 103 -15.01 -38.40 17.82
C LEU B 103 -15.56 -37.66 16.60
N GLU B 104 -16.02 -36.43 16.83
CA GLU B 104 -16.73 -35.66 15.81
C GLU B 104 -15.73 -35.08 14.82
N GLU B 105 -15.41 -35.86 13.79
CA GLU B 105 -14.61 -35.42 12.66
C GLU B 105 -15.39 -35.78 11.39
N TYR B 106 -15.83 -34.77 10.65
CA TYR B 106 -16.65 -35.01 9.47
C TYR B 106 -15.93 -34.65 8.17
N GLU B 108 -15.89 -35.06 3.68
CA GLU B 108 -16.82 -34.64 2.63
C GLU B 108 -16.50 -35.21 1.25
N GLU B 109 -17.44 -35.98 0.70
CA GLU B 109 -17.32 -36.41 -0.70
C GLU B 109 -17.85 -35.34 -1.64
N ASP B 110 -19.14 -35.02 -1.52
CA ASP B 110 -19.79 -34.06 -2.41
C ASP B 110 -20.30 -32.85 -1.64
N ASP B 112 -22.39 -30.42 0.37
CA ASP B 112 -23.42 -30.62 1.40
C ASP B 112 -23.73 -32.10 1.60
N ASN B 113 -22.67 -32.91 1.72
CA ASN B 113 -22.79 -34.35 1.96
C ASN B 113 -21.63 -34.76 2.85
N TRP B 114 -21.89 -34.87 4.15
CA TRP B 114 -20.86 -35.10 5.15
C TRP B 114 -21.07 -36.46 5.81
N TYR B 115 -19.97 -37.00 6.35
CA TYR B 115 -20.01 -38.27 7.06
C TYR B 115 -18.91 -38.28 8.10
N ARG B 116 -19.16 -39.01 9.19
CA ARG B 116 -18.25 -39.01 10.34
C ARG B 116 -17.22 -40.14 10.22
N VAL B 117 -16.05 -39.90 10.81
CA VAL B 117 -14.99 -40.90 10.84
C VAL B 117 -15.39 -42.02 11.79
N PHE B 118 -14.99 -43.26 11.44
CA PHE B 118 -15.26 -44.40 12.29
C PHE B 118 -14.55 -44.24 13.63
N ASP B 119 -15.06 -44.93 14.65
CA ASP B 119 -14.58 -44.76 16.00
C ASP B 119 -14.47 -46.12 16.69
N ALA B 120 -13.81 -46.12 17.84
CA ALA B 120 -13.63 -47.32 18.62
C ALA B 120 -14.96 -47.81 19.18
N LEU B 121 -15.09 -49.13 19.28
CA LEU B 121 -16.30 -49.74 19.82
C LEU B 121 -16.36 -49.50 21.32
N GLU B 122 -17.52 -49.06 21.82
CA GLU B 122 -17.60 -48.53 23.17
C GLU B 122 -18.40 -49.39 24.14
N VAL B 123 -19.65 -49.70 23.84
CA VAL B 123 -20.55 -50.18 24.90
C VAL B 123 -20.54 -51.70 25.06
N TRP B 124 -21.00 -52.43 24.02
CA TRP B 124 -21.12 -53.89 24.02
C TRP B 124 -22.11 -54.39 25.08
N GLY B 125 -22.66 -55.59 24.88
CA GLY B 125 -23.60 -56.10 25.85
C GLY B 125 -24.12 -57.50 25.58
N ARG B 126 -24.09 -58.35 26.62
CA ARG B 126 -24.56 -59.74 26.66
C ARG B 126 -24.27 -60.52 25.37
N GLY B 127 -25.11 -61.50 25.07
CA GLY B 127 -24.94 -62.31 23.87
C GLY B 127 -26.03 -63.36 23.79
N LEU B 128 -26.07 -64.04 22.65
CA LEU B 128 -27.06 -65.07 22.39
C LEU B 128 -26.35 -66.36 21.99
N LEU B 129 -26.74 -67.46 22.62
CA LEU B 129 -26.16 -68.76 22.29
C LEU B 129 -26.81 -69.30 21.02
N VAL B 130 -26.01 -69.43 19.96
CA VAL B 130 -26.49 -69.88 18.65
C VAL B 130 -25.75 -71.14 18.28
N THR B 131 -26.50 -72.18 17.91
CA THR B 131 -25.94 -73.46 17.46
C THR B 131 -26.66 -73.85 16.18
N VAL B 132 -26.11 -73.44 15.03
CA VAL B 132 -26.70 -73.73 13.72
C VAL B 132 -26.33 -75.16 13.36
N SER B 133 -27.27 -76.09 13.56
CA SER B 133 -27.05 -77.49 13.24
C SER B 133 -28.27 -78.03 12.51
N SER B 134 -28.03 -78.99 11.62
CA SER B 134 -29.11 -79.60 10.84
C SER B 134 -28.76 -81.05 10.47
N ASN C 5 7.94 63.97 1.00
CA ASN C 5 8.38 62.98 0.03
C ASN C 5 8.70 61.64 0.70
N LEU C 6 7.81 60.67 0.50
CA LEU C 6 7.95 59.34 1.08
C LEU C 6 7.94 58.29 -0.02
N TRP C 7 8.72 57.23 0.19
CA TRP C 7 8.86 56.18 -0.81
C TRP C 7 8.69 54.82 -0.14
N VAL C 8 8.27 53.84 -0.94
CA VAL C 8 7.95 52.51 -0.43
C VAL C 8 9.23 51.70 -0.25
N THR C 9 9.31 50.94 0.84
CA THR C 9 10.39 50.01 1.08
C THR C 9 9.81 48.63 1.36
N VAL C 10 10.63 47.61 1.14
CA VAL C 10 10.23 46.22 1.30
C VAL C 10 11.01 45.62 2.46
N TYR C 11 10.29 45.01 3.40
CA TYR C 11 10.88 44.39 4.57
C TYR C 11 10.63 42.88 4.52
N TYR C 12 11.67 42.10 4.77
CA TYR C 12 11.60 40.64 4.77
C TYR C 12 11.80 40.11 6.18
N GLY C 13 11.13 39.00 6.47
CA GLY C 13 11.24 38.39 7.78
C GLY C 13 10.45 39.09 8.87
N VAL C 14 9.45 39.88 8.51
CA VAL C 14 8.63 40.60 9.49
C VAL C 14 7.75 39.60 10.22
N PRO C 15 7.41 39.86 11.49
CA PRO C 15 6.52 38.93 12.23
C PRO C 15 5.03 39.21 11.97
N VAL C 16 4.57 38.75 10.80
CA VAL C 16 3.17 38.88 10.40
C VAL C 16 2.64 37.48 10.11
N TRP C 17 1.49 37.15 10.70
CA TRP C 17 0.88 35.85 10.51
C TRP C 17 -0.56 36.00 10.05
N LYS C 18 -1.03 35.00 9.30
CA LYS C 18 -2.39 34.96 8.79
C LYS C 18 -2.95 33.56 8.99
N GLU C 19 -4.22 33.47 9.37
CA GLU C 19 -4.85 32.19 9.66
C GLU C 19 -4.98 31.36 8.39
N ALA C 20 -4.63 30.08 8.50
CA ALA C 20 -4.73 29.15 7.38
C ALA C 20 -4.81 27.72 7.92
N LYS C 21 -5.24 26.81 7.06
CA LYS C 21 -5.36 25.40 7.38
C LYS C 21 -4.34 24.61 6.55
N THR C 22 -3.68 23.65 7.19
CA THR C 22 -2.64 22.87 6.54
C THR C 22 -2.61 21.48 7.13
N THR C 23 -1.76 20.64 6.55
CA THR C 23 -1.52 19.29 7.05
C THR C 23 -0.37 19.30 8.05
N LEU C 24 -0.37 18.31 8.94
CA LEU C 24 0.67 18.17 9.96
C LEU C 24 1.15 16.72 9.97
N PHE C 25 2.42 16.54 10.34
CA PHE C 25 3.03 15.23 10.41
C PHE C 25 3.21 14.82 11.87
N CYS C 26 3.35 13.51 12.07
CA CYS C 26 3.51 12.96 13.41
C CYS C 26 4.89 13.26 14.00
N ALA C 27 4.97 13.11 15.31
CA ALA C 27 6.22 13.23 16.05
C ALA C 27 6.04 12.55 17.40
N SER C 28 7.11 11.98 17.93
CA SER C 28 7.02 11.23 19.19
C SER C 28 8.35 11.34 19.91
N ASP C 29 8.54 10.48 20.91
CA ASP C 29 9.77 10.40 21.69
C ASP C 29 10.39 9.03 21.52
N ALA C 30 11.73 8.98 21.60
CA ALA C 30 12.47 7.73 21.45
C ALA C 30 12.46 6.95 22.77
N LYS C 31 11.25 6.58 23.21
CA LYS C 31 11.11 5.84 24.46
C LYS C 31 11.64 4.42 24.31
N ALA C 32 11.28 3.73 23.24
CA ALA C 32 11.69 2.35 23.03
C ALA C 32 11.73 2.06 21.54
N TYR C 33 12.89 1.64 21.04
CA TYR C 33 13.05 1.23 19.66
C TYR C 33 12.90 -0.28 19.47
N GLU C 34 12.53 -1.00 20.53
CA GLU C 34 12.41 -2.46 20.48
C GLU C 34 11.08 -2.85 19.84
N LYS C 35 10.73 -4.13 19.96
CA LYS C 35 9.50 -4.73 19.45
C LYS C 35 9.43 -4.71 17.92
N GLU C 36 8.51 -5.49 17.35
CA GLU C 36 8.34 -5.61 15.91
C GLU C 36 6.92 -5.15 15.55
N VAL C 37 6.82 -3.95 14.98
CA VAL C 37 5.61 -3.29 14.48
C VAL C 37 4.46 -3.45 15.47
N HIS C 38 4.79 -3.47 16.76
CA HIS C 38 3.77 -3.67 17.80
C HIS C 38 2.86 -2.46 17.93
N ASN C 39 3.40 -1.26 17.72
CA ASN C 39 2.61 -0.05 17.93
C ASN C 39 1.67 0.20 16.76
N VAL C 40 0.37 0.35 17.08
CA VAL C 40 -0.62 0.66 16.06
C VAL C 40 -0.44 2.08 15.55
N TRP C 41 -0.16 3.03 16.45
CA TRP C 41 -0.01 4.43 16.08
C TRP C 41 1.21 4.69 15.22
N ALA C 42 2.13 3.73 15.12
CA ALA C 42 3.31 3.80 14.25
C ALA C 42 4.18 5.01 14.59
N THR C 43 4.72 5.00 15.81
CA THR C 43 5.66 6.04 16.23
C THR C 43 7.06 5.83 15.69
N HIS C 44 7.31 4.72 14.99
CA HIS C 44 8.62 4.51 14.38
C HIS C 44 8.88 5.54 13.28
N ALA C 45 7.84 5.88 12.51
CA ALA C 45 7.97 6.90 11.49
C ALA C 45 7.83 8.32 12.02
N CYS C 46 7.44 8.47 13.29
CA CYS C 46 7.28 9.79 13.90
C CYS C 46 8.66 10.32 14.32
N VAL C 47 9.03 11.46 13.78
CA VAL C 47 10.38 12.03 14.05
C VAL C 47 10.43 12.54 15.47
N PRO C 48 11.48 12.24 16.24
CA PRO C 48 11.63 12.85 17.57
C PRO C 48 11.75 14.37 17.45
N THR C 49 11.16 15.07 18.42
CA THR C 49 11.06 16.52 18.30
C THR C 49 12.33 17.21 18.76
N ASP C 50 12.62 17.15 20.07
CA ASP C 50 13.75 17.84 20.67
C ASP C 50 13.84 17.38 22.12
N PRO C 51 15.04 17.07 22.65
CA PRO C 51 15.14 16.87 24.11
C PRO C 51 14.75 18.09 24.92
N ASN C 52 14.94 19.30 24.39
CA ASN C 52 14.48 20.52 25.04
C ASN C 52 13.96 21.47 23.97
N PRO C 53 12.67 21.42 23.68
CA PRO C 53 12.13 22.22 22.57
C PRO C 53 12.21 23.71 22.84
N GLN C 54 12.08 24.49 21.76
CA GLN C 54 12.19 25.94 21.81
C GLN C 54 10.79 26.55 21.90
N GLU C 55 10.57 27.36 22.94
CA GLU C 55 9.32 28.09 23.12
C GLU C 55 9.63 29.55 23.38
N MET C 56 8.85 30.43 22.77
CA MET C 56 8.99 31.87 22.95
C MET C 56 7.68 32.42 23.48
N VAL C 57 7.76 33.16 24.59
CA VAL C 57 6.57 33.72 25.23
C VAL C 57 6.33 35.10 24.62
N LEU C 58 5.35 35.18 23.73
CA LEU C 58 5.01 36.45 23.12
C LEU C 58 4.22 37.32 24.09
N GLU C 59 4.33 38.62 23.90
CA GLU C 59 3.59 39.59 24.71
C GLU C 59 3.43 40.87 23.92
N ASN C 60 2.55 41.76 24.40
CA ASN C 60 1.93 42.89 23.72
C ASN C 60 0.92 42.46 22.67
N VAL C 61 0.62 41.17 22.55
CA VAL C 61 -0.20 40.64 21.47
C VAL C 61 -1.41 39.92 22.06
N THR C 62 -2.58 40.17 21.46
CA THR C 62 -3.81 39.48 21.81
C THR C 62 -4.34 38.78 20.56
N GLU C 63 -4.72 37.51 20.71
CA GLU C 63 -5.18 36.70 19.59
C GLU C 63 -6.51 36.06 19.93
N ASN C 64 -7.43 36.05 18.97
CA ASN C 64 -8.74 35.44 19.15
C ASN C 64 -8.67 33.95 18.79
N PHE C 65 -9.17 33.11 19.68
CA PHE C 65 -9.18 31.67 19.50
C PHE C 65 -10.60 31.18 19.29
N ASN C 66 -10.78 30.25 18.35
CA ASN C 66 -12.08 29.63 18.13
C ASN C 66 -11.81 28.17 17.77
N MET C 67 -11.84 27.32 18.80
CA MET C 67 -11.52 25.90 18.65
C MET C 67 -12.70 25.06 18.20
N TRP C 68 -13.91 25.61 18.22
CA TRP C 68 -15.09 24.88 17.75
C TRP C 68 -15.16 24.79 16.23
N LYS C 69 -14.40 25.61 15.51
CA LYS C 69 -14.24 25.50 14.07
C LYS C 69 -12.77 25.29 13.71
N ASN C 70 -12.10 24.45 14.49
CA ASN C 70 -10.67 24.22 14.34
C ASN C 70 -10.42 23.02 13.45
N ASP C 71 -9.45 23.14 12.55
CA ASP C 71 -9.05 22.04 11.69
C ASP C 71 -8.08 21.08 12.38
N MET C 72 -7.57 21.44 13.56
CA MET C 72 -6.63 20.56 14.26
C MET C 72 -7.29 19.26 14.69
N VAL C 73 -8.44 19.35 15.35
CA VAL C 73 -9.12 18.14 15.82
C VAL C 73 -9.73 17.37 14.65
N ASP C 74 -10.21 18.08 13.62
CA ASP C 74 -10.80 17.40 12.47
C ASP C 74 -9.73 16.63 11.69
N GLN C 75 -8.56 17.23 11.49
CA GLN C 75 -7.46 16.52 10.83
C GLN C 75 -6.95 15.38 11.71
N MET C 76 -6.98 15.57 13.04
CA MET C 76 -6.50 14.54 13.94
C MET C 76 -7.43 13.33 13.92
N HIS C 77 -8.73 13.54 13.66
CA HIS C 77 -9.64 12.43 13.42
C HIS C 77 -9.27 11.66 12.16
N GLU C 78 -8.90 12.36 11.10
CA GLU C 78 -8.65 11.72 9.81
C GLU C 78 -7.46 10.76 9.88
N ASP C 79 -6.54 11.00 10.81
CA ASP C 79 -5.43 10.06 11.00
C ASP C 79 -5.90 8.78 11.67
N VAL C 80 -6.74 8.90 12.71
CA VAL C 80 -7.09 7.75 13.53
C VAL C 80 -7.82 6.69 12.72
N ILE C 81 -8.70 7.11 11.81
CA ILE C 81 -9.36 6.16 10.92
C ILE C 81 -8.35 5.52 9.97
N SER C 82 -7.32 6.27 9.56
CA SER C 82 -6.32 5.73 8.65
C SER C 82 -5.35 4.79 9.37
N LEU C 83 -4.92 5.15 10.59
CA LEU C 83 -4.03 4.27 11.34
C LEU C 83 -4.72 2.95 11.69
N TRP C 84 -5.98 3.01 12.11
CA TRP C 84 -6.68 1.77 12.48
C TRP C 84 -6.89 0.87 11.27
N ASP C 85 -7.25 1.44 10.12
CA ASP C 85 -7.46 0.63 8.93
C ASP C 85 -6.16 0.06 8.38
N GLN C 86 -5.07 0.82 8.49
CA GLN C 86 -3.79 0.35 7.96
C GLN C 86 -3.27 -0.86 8.72
N SER C 87 -3.44 -0.87 10.05
CA SER C 87 -2.89 -1.92 10.88
C SER C 87 -3.73 -3.19 10.88
N LEU C 88 -4.91 -3.18 10.25
CA LEU C 88 -5.80 -4.32 10.23
C LEU C 88 -5.91 -4.99 8.86
N LYS C 89 -5.25 -4.45 7.84
CA LYS C 89 -5.25 -5.11 6.53
C LYS C 89 -4.61 -6.49 6.56
N PRO C 90 -3.39 -6.69 7.12
CA PRO C 90 -2.83 -8.06 7.15
C PRO C 90 -3.28 -8.84 8.38
N CYS C 91 -4.60 -9.00 8.52
CA CYS C 91 -5.19 -9.74 9.61
C CYS C 91 -6.27 -10.67 9.09
N VAL C 92 -6.52 -11.75 9.83
CA VAL C 92 -7.50 -12.74 9.41
C VAL C 92 -8.90 -12.19 9.57
N LYS C 93 -9.83 -12.74 8.80
CA LYS C 93 -11.23 -12.34 8.84
C LYS C 93 -12.07 -13.45 9.48
N LEU C 94 -13.15 -13.03 10.14
CA LEU C 94 -14.02 -13.95 10.87
C LEU C 94 -15.21 -14.42 10.04
N THR C 95 -15.06 -14.48 8.72
CA THR C 95 -16.13 -14.99 7.86
C THR C 95 -16.50 -16.45 8.16
N PRO C 96 -15.56 -17.40 8.31
CA PRO C 96 -15.98 -18.79 8.60
C PRO C 96 -16.66 -18.97 9.95
N LEU C 97 -16.54 -18.01 10.87
CA LEU C 97 -17.18 -18.14 12.17
C LEU C 97 -18.70 -18.03 12.11
N CYS C 98 -19.27 -17.60 10.99
CA CYS C 98 -20.72 -17.45 10.86
C CYS C 98 -21.35 -18.82 10.64
N VAL C 99 -21.37 -19.61 11.72
CA VAL C 99 -21.89 -20.97 11.71
C VAL C 99 -22.85 -21.14 12.88
N THR C 100 -23.66 -22.19 12.79
CA THR C 100 -24.63 -22.47 13.84
C THR C 100 -23.92 -22.87 15.13
N LEU C 101 -24.38 -22.31 16.24
CA LEU C 101 -23.76 -22.50 17.54
C LEU C 101 -24.69 -23.29 18.45
N ASN C 102 -24.18 -24.35 19.05
CA ASN C 102 -24.92 -25.16 20.02
C ASN C 102 -24.52 -24.68 21.40
N CYS C 103 -25.26 -23.68 21.90
CA CYS C 103 -24.90 -22.98 23.12
C CYS C 103 -25.77 -23.42 24.29
N THR C 104 -25.19 -23.39 25.48
CA THR C 104 -25.88 -23.75 26.72
C THR C 104 -25.19 -23.04 27.88
N ASN C 105 -25.56 -23.42 29.09
CA ASN C 105 -24.97 -22.84 30.29
C ASN C 105 -23.52 -23.28 30.46
N THR C 106 -22.73 -22.43 31.10
CA THR C 106 -21.35 -22.76 31.42
C THR C 106 -21.30 -23.71 32.61
N THR C 107 -20.20 -24.43 32.72
CA THR C 107 -19.99 -25.41 33.78
C THR C 107 -18.87 -24.96 34.70
N VAL C 108 -19.10 -25.08 36.00
CA VAL C 108 -18.12 -24.71 37.03
C VAL C 108 -17.79 -25.95 37.86
N SER C 109 -16.52 -26.13 38.16
CA SER C 109 -16.06 -27.29 38.91
C SER C 109 -16.44 -27.15 40.39
N ASN C 110 -16.11 -28.17 41.17
CA ASN C 110 -16.42 -28.16 42.60
C ASN C 110 -15.59 -27.11 43.33
N GLY C 111 -16.24 -26.39 44.23
CA GLY C 111 -15.59 -25.35 45.00
C GLY C 111 -16.55 -24.33 45.57
N SER C 115 -24.08 -17.35 44.02
CA SER C 115 -23.42 -17.13 42.74
C SER C 115 -24.30 -17.58 41.58
N ASN C 116 -25.49 -18.10 41.92
CA ASN C 116 -26.42 -18.56 40.90
C ASN C 116 -27.09 -17.42 40.15
N ALA C 117 -26.99 -16.18 40.64
CA ALA C 117 -27.59 -15.02 39.99
C ALA C 117 -26.57 -14.13 39.32
N ASN C 118 -25.33 -14.58 39.17
CA ASN C 118 -24.27 -13.76 38.59
C ASN C 118 -23.52 -14.40 37.44
N PHE C 119 -23.75 -15.69 37.16
CA PHE C 119 -22.97 -16.40 36.14
C PHE C 119 -23.64 -16.43 34.78
N GLU C 120 -24.79 -15.80 34.60
CA GLU C 120 -25.51 -15.82 33.33
C GLU C 120 -25.01 -14.70 32.40
N GLU C 121 -23.71 -14.74 32.13
CA GLU C 121 -23.07 -13.78 31.25
C GLU C 121 -22.29 -14.41 30.11
N MET C 122 -21.69 -15.58 30.32
CA MET C 122 -20.87 -16.25 29.32
C MET C 122 -21.46 -17.62 29.05
N LYS C 123 -21.67 -17.93 27.77
CA LYS C 123 -22.33 -19.16 27.36
C LYS C 123 -21.35 -20.06 26.64
N ASN C 124 -21.25 -21.30 27.11
CA ASN C 124 -20.49 -22.33 26.39
C ASN C 124 -21.16 -22.62 25.06
N CYS C 125 -20.35 -22.63 23.99
CA CYS C 125 -20.88 -22.80 22.65
C CYS C 125 -20.00 -23.73 21.84
N SER C 126 -20.62 -24.57 21.03
CA SER C 126 -19.93 -25.46 20.10
C SER C 126 -20.50 -25.25 18.71
N PHE C 127 -19.66 -25.45 17.70
CA PHE C 127 -20.05 -25.12 16.33
C PHE C 127 -19.24 -25.98 15.36
N ASN C 128 -19.69 -26.03 14.11
CA ASN C 128 -18.91 -26.67 13.06
C ASN C 128 -17.65 -25.85 12.81
N ALA C 129 -16.52 -26.54 12.65
CA ALA C 129 -15.25 -25.86 12.45
C ALA C 129 -14.46 -26.59 11.37
N THR C 130 -14.23 -25.92 10.26
CA THR C 130 -13.39 -26.48 9.21
C THR C 130 -11.93 -26.46 9.63
N THR C 131 -11.20 -27.53 9.30
CA THR C 131 -9.81 -27.64 9.65
C THR C 131 -8.94 -27.09 8.52
N GLU C 132 -7.63 -27.35 8.59
CA GLU C 132 -6.68 -26.76 7.64
C GLU C 132 -6.88 -27.27 6.21
N ILE C 133 -7.49 -28.43 6.02
CA ILE C 133 -7.66 -29.00 4.69
C ILE C 133 -9.00 -28.57 4.08
N LYS C 134 -9.69 -27.62 4.71
CA LYS C 134 -10.93 -27.03 4.23
C LYS C 134 -12.08 -28.04 4.19
N ASP C 135 -11.97 -29.07 3.35
CA ASP C 135 -13.08 -30.01 3.19
C ASP C 135 -13.10 -31.06 4.30
N LYS C 136 -13.04 -30.63 5.55
CA LYS C 136 -13.14 -31.52 6.70
C LYS C 136 -13.50 -30.68 7.92
N LYS C 137 -14.55 -31.10 8.63
CA LYS C 137 -15.04 -30.35 9.78
C LYS C 137 -14.90 -31.19 11.04
N LYS C 138 -14.46 -30.54 12.12
CA LYS C 138 -14.39 -31.14 13.44
C LYS C 138 -15.04 -30.21 14.45
N ASN C 139 -15.62 -30.81 15.49
CA ASN C 139 -16.33 -30.04 16.50
C ASN C 139 -15.35 -29.35 17.42
N GLU C 140 -15.57 -28.05 17.65
CA GLU C 140 -14.76 -27.26 18.56
C GLU C 140 -15.68 -26.41 19.43
N TYR C 141 -15.18 -26.02 20.59
CA TYR C 141 -15.97 -25.29 21.57
C TYR C 141 -15.21 -24.06 22.04
N ALA C 142 -15.96 -23.03 22.42
CA ALA C 142 -15.41 -21.79 22.93
C ALA C 142 -16.45 -21.10 23.80
N LEU C 143 -15.97 -20.18 24.63
CA LEU C 143 -16.84 -19.41 25.52
C LEU C 143 -17.11 -18.04 24.90
N PHE C 144 -18.38 -17.72 24.70
CA PHE C 144 -18.80 -16.46 24.11
C PHE C 144 -19.66 -15.69 25.10
N TYR C 145 -19.59 -14.36 25.02
CA TYR C 145 -20.36 -13.50 25.90
C TYR C 145 -21.82 -13.44 25.45
N LYS C 146 -22.69 -13.05 26.40
CA LYS C 146 -24.12 -12.94 26.10
C LYS C 146 -24.40 -11.86 25.07
N LEU C 147 -23.68 -10.74 25.14
CA LEU C 147 -23.95 -9.60 24.27
C LEU C 147 -23.56 -9.84 22.83
N ASP C 148 -22.80 -10.89 22.53
CA ASP C 148 -22.29 -11.14 21.19
C ASP C 148 -23.07 -12.21 20.43
N ILE C 149 -24.17 -12.69 20.97
CA ILE C 149 -24.93 -13.78 20.36
C ILE C 149 -26.39 -13.39 20.25
N VAL C 150 -27.01 -13.75 19.13
CA VAL C 150 -28.43 -13.56 18.89
C VAL C 150 -29.04 -14.95 18.73
N PRO C 151 -30.16 -15.28 19.39
CA PRO C 151 -30.65 -16.65 19.36
C PRO C 151 -31.37 -17.04 18.08
N LEU C 152 -30.81 -16.66 16.94
CA LEU C 152 -31.21 -17.11 15.60
C LEU C 152 -32.71 -17.09 15.37
N ASN C 153 -33.43 -18.06 15.94
CA ASN C 153 -34.86 -18.22 15.73
C ASN C 153 -35.57 -18.36 17.07
N ASN C 154 -36.82 -17.93 17.10
CA ASN C 154 -37.62 -18.01 18.33
C ASN C 154 -37.82 -19.46 18.74
N SER C 155 -37.80 -19.70 20.06
CA SER C 155 -37.98 -21.02 20.65
C SER C 155 -36.94 -22.02 20.12
N SER C 156 -35.69 -21.57 20.02
CA SER C 156 -34.60 -22.40 19.55
C SER C 156 -33.41 -22.23 20.49
N GLY C 157 -32.65 -23.32 20.66
CA GLY C 157 -31.48 -23.30 21.52
C GLY C 157 -30.19 -23.08 20.76
N LYS C 158 -30.30 -22.56 19.54
CA LYS C 158 -29.15 -22.32 18.67
C LYS C 158 -28.97 -20.83 18.45
N TYR C 159 -27.72 -20.38 18.53
CA TYR C 159 -27.39 -18.96 18.45
C TYR C 159 -26.52 -18.69 17.22
N ARG C 160 -26.24 -17.41 16.99
CA ARG C 160 -25.37 -16.98 15.90
C ARG C 160 -24.75 -15.64 16.29
N LEU C 161 -23.65 -15.31 15.61
CA LEU C 161 -22.96 -14.06 15.89
C LEU C 161 -23.78 -12.87 15.44
N ILE C 162 -23.72 -11.79 16.23
CA ILE C 162 -24.53 -10.61 15.96
C ILE C 162 -24.04 -9.89 14.71
N ASN C 163 -22.73 -9.86 14.48
CA ASN C 163 -22.14 -9.08 13.41
C ASN C 163 -22.09 -9.82 12.08
N CYS C 164 -22.69 -11.02 12.00
CA CYS C 164 -22.63 -11.79 10.76
C CYS C 164 -23.43 -11.12 9.65
N ASN C 165 -24.66 -10.71 9.94
CA ASN C 165 -25.54 -10.16 8.93
C ASN C 165 -25.30 -8.68 8.62
N THR C 166 -24.53 -7.98 9.46
CA THR C 166 -24.30 -6.56 9.22
C THR C 166 -23.22 -6.35 8.15
N SER C 167 -22.00 -6.83 8.42
CA SER C 167 -20.90 -6.70 7.48
C SER C 167 -19.81 -7.69 7.85
N ALA C 168 -19.12 -8.22 6.84
CA ALA C 168 -17.95 -9.04 7.11
C ALA C 168 -16.88 -8.20 7.79
N CYS C 169 -16.33 -8.72 8.88
CA CYS C 169 -15.45 -7.92 9.72
C CYS C 169 -14.36 -8.79 10.33
N THR C 170 -13.20 -8.17 10.56
CA THR C 170 -11.95 -8.86 10.80
C THR C 170 -11.59 -8.88 12.29
N GLN C 171 -10.37 -9.32 12.58
CA GLN C 171 -9.87 -9.51 13.93
C GLN C 171 -8.63 -8.65 14.16
N ILE C 172 -8.48 -8.14 15.38
CA ILE C 172 -7.24 -7.46 15.76
C ILE C 172 -6.14 -8.51 15.88
N CYS C 173 -5.04 -8.29 15.18
CA CYS C 173 -3.92 -9.22 15.26
C CYS C 173 -3.22 -9.08 16.61
N PRO C 174 -2.92 -10.17 17.30
CA PRO C 174 -2.22 -10.07 18.60
C PRO C 174 -0.82 -9.50 18.50
N LYS C 175 -0.21 -9.52 17.31
CA LYS C 175 1.16 -9.04 17.15
C LYS C 175 1.28 -7.53 17.29
N VAL C 176 0.18 -6.79 17.32
CA VAL C 176 0.19 -5.34 17.43
C VAL C 176 -0.53 -4.94 18.72
N THR C 177 -0.16 -3.79 19.26
CA THR C 177 -0.79 -3.23 20.45
C THR C 177 -1.10 -1.77 20.21
N PHE C 178 -2.10 -1.26 20.93
CA PHE C 178 -2.63 0.09 20.71
C PHE C 178 -2.80 0.81 22.04
N GLU C 179 -1.77 0.75 22.88
CA GLU C 179 -1.77 1.55 24.09
C GLU C 179 -1.62 3.03 23.75
N PRO C 180 -2.22 3.92 24.53
CA PRO C 180 -2.19 5.35 24.18
C PRO C 180 -0.84 6.00 24.42
N ILE C 181 0.10 5.77 23.51
CA ILE C 181 1.39 6.47 23.58
C ILE C 181 1.20 7.93 23.18
N PRO C 182 1.75 8.89 23.92
CA PRO C 182 1.62 10.29 23.52
C PRO C 182 2.33 10.56 22.20
N ILE C 183 1.67 11.34 21.35
CA ILE C 183 2.18 11.65 20.01
C ILE C 183 2.08 13.16 19.78
N HIS C 184 3.05 13.69 19.03
CA HIS C 184 3.11 15.10 18.70
C HIS C 184 2.79 15.27 17.23
N TYR C 185 1.96 16.27 16.91
CA TYR C 185 1.75 16.68 15.52
C TYR C 185 2.43 18.04 15.32
N CYS C 186 3.36 18.08 14.38
CA CYS C 186 4.30 19.19 14.32
C CYS C 186 4.19 19.87 12.96
N ALA C 187 4.07 21.20 12.98
CA ALA C 187 3.83 21.96 11.76
C ALA C 187 5.06 21.97 10.86
N PRO C 188 4.88 22.08 9.55
CA PRO C 188 6.02 22.17 8.63
C PRO C 188 6.68 23.54 8.71
N ALA C 189 7.73 23.72 7.93
CA ALA C 189 8.45 24.98 7.90
C ALA C 189 7.56 26.09 7.30
N GLY C 190 7.65 27.28 7.89
CA GLY C 190 6.84 28.39 7.46
C GLY C 190 5.48 28.50 8.12
N TYR C 191 5.09 27.51 8.91
CA TYR C 191 3.82 27.53 9.63
C TYR C 191 4.09 27.36 11.11
N ALA C 192 3.36 28.11 11.93
CA ALA C 192 3.53 28.12 13.37
C ALA C 192 2.21 27.78 14.06
N ILE C 193 2.33 27.34 15.31
CA ILE C 193 1.17 26.99 16.14
C ILE C 193 1.18 27.90 17.35
N LEU C 194 0.06 28.59 17.57
CA LEU C 194 -0.07 29.54 18.67
C LEU C 194 -0.67 28.85 19.89
N LYS C 195 -0.04 29.04 21.04
CA LYS C 195 -0.46 28.44 22.30
C LYS C 195 -0.89 29.52 23.27
N CYS C 196 -2.10 29.37 23.82
CA CYS C 196 -2.60 30.29 24.83
C CYS C 196 -2.16 29.83 26.22
N ASN C 197 -2.20 30.76 27.18
CA ASN C 197 -1.74 30.46 28.53
C ASN C 197 -2.66 31.01 29.61
N ASN C 198 -3.83 31.56 29.28
CA ASN C 198 -4.74 32.05 30.29
C ASN C 198 -5.44 30.88 30.97
N LYS C 199 -5.35 30.82 32.30
CA LYS C 199 -5.87 29.68 33.04
C LYS C 199 -7.39 29.62 32.96
N THR C 200 -8.06 30.77 33.03
CA THR C 200 -9.51 30.84 33.02
C THR C 200 -10.08 31.03 31.62
N PHE C 201 -9.36 30.56 30.60
CA PHE C 201 -9.78 30.74 29.21
C PHE C 201 -10.67 29.57 28.80
N ASN C 202 -11.92 29.88 28.46
CA ASN C 202 -12.86 28.88 27.99
C ASN C 202 -12.73 28.75 26.47
N GLY C 203 -13.71 28.13 25.82
CA GLY C 203 -13.55 27.74 24.42
C GLY C 203 -13.29 28.92 23.49
N THR C 204 -14.03 30.01 23.66
CA THR C 204 -13.92 31.17 22.78
C THR C 204 -13.58 32.41 23.61
N GLY C 205 -12.65 33.21 23.10
CA GLY C 205 -12.29 34.45 23.75
C GLY C 205 -10.86 34.88 23.45
N PRO C 206 -10.56 36.15 23.69
CA PRO C 206 -9.19 36.63 23.50
C PRO C 206 -8.25 36.04 24.55
N CYS C 207 -6.98 35.94 24.17
CA CYS C 207 -5.94 35.39 25.04
C CYS C 207 -4.86 36.45 25.24
N ASN C 208 -4.62 36.82 26.49
CA ASN C 208 -3.66 37.86 26.81
C ASN C 208 -2.24 37.34 26.96
N ASN C 209 -2.04 36.03 26.99
CA ASN C 209 -0.73 35.42 27.15
C ASN C 209 -0.45 34.43 26.02
N VAL C 210 -0.69 34.89 24.78
CA VAL C 210 -0.41 34.06 23.62
C VAL C 210 1.10 33.86 23.51
N SER C 211 1.51 32.61 23.38
CA SER C 211 2.92 32.27 23.20
C SER C 211 3.07 31.38 21.97
N THR C 212 4.13 31.63 21.21
CA THR C 212 4.43 30.84 20.03
C THR C 212 5.30 29.65 20.43
N VAL C 213 5.05 28.52 19.78
CA VAL C 213 5.84 27.32 19.97
C VAL C 213 6.16 26.78 18.59
N GLN C 214 7.22 25.97 18.52
CA GLN C 214 7.49 25.25 17.27
C GLN C 214 6.31 24.37 16.91
N CYS C 215 5.84 23.58 17.87
CA CYS C 215 4.70 22.67 17.71
C CYS C 215 4.34 22.06 19.07
N THR C 216 3.34 21.18 19.04
CA THR C 216 2.57 20.84 20.23
C THR C 216 3.39 20.01 21.23
N HIS C 217 2.78 19.80 22.39
CA HIS C 217 3.31 18.92 23.41
C HIS C 217 2.67 17.54 23.30
N GLY C 218 2.92 16.70 24.29
CA GLY C 218 2.49 15.31 24.23
C GLY C 218 0.98 15.18 24.32
N ILE C 219 0.35 14.68 23.27
CA ILE C 219 -1.08 14.43 23.23
C ILE C 219 -1.28 12.93 23.05
N LYS C 220 -2.02 12.31 23.96
CA LYS C 220 -2.22 10.86 23.90
C LYS C 220 -3.62 10.54 23.38
N PRO C 221 -3.74 9.76 22.32
CA PRO C 221 -5.07 9.41 21.79
C PRO C 221 -5.74 8.34 22.64
N VAL C 222 -6.78 8.75 23.37
CA VAL C 222 -7.55 7.86 24.23
C VAL C 222 -9.00 7.90 23.78
N VAL C 223 -9.59 6.73 23.57
CA VAL C 223 -10.98 6.62 23.14
C VAL C 223 -11.86 6.39 24.36
N SER C 224 -12.97 7.13 24.44
CA SER C 224 -13.91 7.02 25.54
C SER C 224 -15.22 7.63 25.09
N THR C 225 -16.23 7.52 25.95
CA THR C 225 -17.55 8.07 25.64
C THR C 225 -18.13 8.93 26.75
N GLN C 226 -17.78 8.67 28.00
CA GLN C 226 -18.39 9.38 29.11
C GLN C 226 -17.40 10.07 30.03
N LEU C 227 -16.25 9.45 30.32
CA LEU C 227 -15.24 10.04 31.17
C LEU C 227 -13.89 10.03 30.47
N LEU C 228 -13.17 11.14 30.59
CA LEU C 228 -11.84 11.25 30.01
C LEU C 228 -10.82 10.58 30.92
N LEU C 229 -9.98 9.72 30.34
CA LEU C 229 -9.00 8.97 31.10
C LEU C 229 -7.60 9.50 30.84
N ASN C 230 -6.76 9.42 31.89
CA ASN C 230 -5.35 9.79 31.94
C ASN C 230 -5.00 11.04 31.13
N GLY C 231 -5.84 12.07 31.18
CA GLY C 231 -5.61 13.28 30.43
C GLY C 231 -4.84 14.33 31.23
N SER C 232 -4.64 15.47 30.59
CA SER C 232 -3.93 16.57 31.23
C SER C 232 -4.80 17.21 32.30
N LEU C 233 -4.15 17.81 33.28
CA LEU C 233 -4.82 18.43 34.42
C LEU C 233 -4.80 19.94 34.28
N ALA C 234 -5.87 20.59 34.74
CA ALA C 234 -5.94 22.04 34.73
C ALA C 234 -5.01 22.63 35.79
N GLU C 235 -4.77 23.92 35.68
CA GLU C 235 -3.80 24.61 36.54
C GLU C 235 -4.47 25.37 37.69
N LYS C 236 -5.41 26.25 37.39
CA LYS C 236 -6.01 27.11 38.41
C LYS C 236 -7.25 26.48 39.03
N GLU C 237 -8.26 26.19 38.21
CA GLU C 237 -9.55 25.72 38.72
C GLU C 237 -10.27 24.97 37.61
N ILE C 238 -11.55 24.73 37.82
CA ILE C 238 -12.38 24.00 36.87
C ILE C 238 -13.02 24.98 35.89
N ILE C 239 -12.93 24.66 34.60
CA ILE C 239 -13.47 25.50 33.54
C ILE C 239 -14.57 24.73 32.83
N ILE C 240 -15.73 25.38 32.68
CA ILE C 240 -16.87 24.81 31.96
C ILE C 240 -16.89 25.42 30.56
N ARG C 241 -16.85 24.56 29.54
CA ARG C 241 -16.71 24.98 28.15
C ARG C 241 -17.88 24.45 27.34
N SER C 242 -18.45 25.31 26.50
CA SER C 242 -19.53 24.92 25.61
C SER C 242 -19.55 25.88 24.41
N GLU C 243 -20.00 25.36 23.27
CA GLU C 243 -20.19 26.21 22.11
C GLU C 243 -21.39 27.15 22.29
N ASN C 244 -22.49 26.61 22.79
CA ASN C 244 -23.69 27.40 23.09
C ASN C 244 -24.31 26.81 24.34
N LEU C 245 -24.11 27.49 25.47
CA LEU C 245 -24.63 26.99 26.74
C LEU C 245 -26.15 26.98 26.76
N THR C 246 -26.77 27.97 26.10
CA THR C 246 -28.23 28.01 26.03
C THR C 246 -28.82 26.93 25.12
N ASN C 247 -28.00 26.27 24.32
CA ASN C 247 -28.47 25.18 23.46
C ASN C 247 -28.25 23.85 24.17
N ASN C 248 -29.32 23.08 24.34
CA ASN C 248 -29.24 21.82 25.08
C ASN C 248 -28.73 20.66 24.23
N ALA C 249 -28.67 20.81 22.91
CA ALA C 249 -28.27 19.72 22.03
C ALA C 249 -26.76 19.61 21.86
N LYS C 250 -25.98 20.53 22.43
CA LYS C 250 -24.53 20.53 22.31
C LYS C 250 -23.91 20.08 23.62
N THR C 251 -22.93 19.19 23.53
CA THR C 251 -22.31 18.62 24.72
C THR C 251 -21.52 19.68 25.48
N ILE C 252 -21.39 19.48 26.79
CA ILE C 252 -20.65 20.38 27.67
C ILE C 252 -19.44 19.62 28.19
N ILE C 253 -18.26 20.20 28.00
CA ILE C 253 -17.00 19.59 28.43
C ILE C 253 -16.54 20.28 29.70
N VAL C 254 -16.23 19.49 30.72
CA VAL C 254 -15.75 20.00 32.01
C VAL C 254 -14.34 19.47 32.23
N HIS C 255 -13.42 20.37 32.55
CA HIS C 255 -12.03 20.02 32.82
C HIS C 255 -11.75 20.19 34.31
N LEU C 256 -11.27 19.13 34.94
CA LEU C 256 -11.03 19.10 36.38
C LEU C 256 -9.55 19.26 36.67
N ASN C 257 -9.21 20.12 37.62
CA ASN C 257 -7.83 20.29 38.05
C ASN C 257 -7.41 19.30 39.12
N GLU C 258 -8.35 18.56 39.69
CA GLU C 258 -8.05 17.51 40.66
C GLU C 258 -8.30 16.16 40.03
N SER C 259 -7.31 15.28 40.14
CA SER C 259 -7.37 13.96 39.50
C SER C 259 -8.16 13.00 40.38
N VAL C 260 -9.14 12.33 39.78
CA VAL C 260 -9.92 11.30 40.45
C VAL C 260 -9.42 9.95 39.97
N GLY C 261 -8.91 9.14 40.90
CA GLY C 261 -8.29 7.88 40.55
C GLY C 261 -9.30 6.74 40.50
N ILE C 262 -9.33 6.04 39.37
CA ILE C 262 -10.14 4.84 39.20
C ILE C 262 -9.20 3.67 38.96
N VAL C 263 -9.37 2.60 39.73
CA VAL C 263 -8.51 1.42 39.64
C VAL C 263 -9.41 0.19 39.71
N CYS C 264 -9.23 -0.73 38.77
CA CYS C 264 -10.00 -1.97 38.76
C CYS C 264 -9.36 -2.97 37.81
N THR C 265 -10.07 -4.07 37.60
CA THR C 265 -9.56 -5.25 36.91
C THR C 265 -10.74 -6.15 36.59
N ARG C 266 -10.50 -7.15 35.73
CA ARG C 266 -11.47 -8.23 35.58
C ARG C 266 -10.91 -9.48 36.25
N PRO C 267 -11.59 -9.99 37.28
CA PRO C 267 -11.02 -11.03 38.15
C PRO C 267 -11.32 -12.45 37.65
N SER C 268 -10.62 -12.85 36.60
CA SER C 268 -10.75 -14.22 36.09
C SER C 268 -9.48 -14.59 35.36
N ASN C 269 -8.95 -15.78 35.66
CA ASN C 269 -7.77 -16.31 35.00
C ASN C 269 -8.22 -17.32 33.94
N MET C 270 -8.19 -16.91 32.68
CA MET C 270 -8.77 -17.66 31.58
C MET C 270 -7.67 -17.98 30.57
N THR C 271 -7.56 -19.25 30.19
CA THR C 271 -6.52 -19.67 29.26
C THR C 271 -6.91 -19.36 27.83
N ARG C 272 -5.98 -18.80 27.07
CA ARG C 272 -6.20 -18.56 25.65
C ARG C 272 -6.12 -19.87 24.88
N LYS C 273 -7.11 -20.13 24.03
CA LYS C 273 -7.16 -21.34 23.23
C LYS C 273 -7.13 -20.98 21.76
N SER C 274 -6.22 -21.60 21.02
CA SER C 274 -6.08 -21.35 19.58
C SER C 274 -6.98 -22.31 18.81
N ILE C 275 -7.86 -21.75 17.99
CA ILE C 275 -8.81 -22.52 17.20
C ILE C 275 -8.56 -22.23 15.73
N ARG C 276 -8.40 -23.28 14.94
CA ARG C 276 -8.16 -23.16 13.50
C ARG C 276 -9.49 -23.31 12.75
N ILE C 277 -9.77 -22.37 11.87
CA ILE C 277 -11.03 -22.34 11.13
C ILE C 277 -10.83 -22.50 9.63
N GLY C 278 -9.59 -22.58 9.15
CA GLY C 278 -9.33 -22.72 7.74
C GLY C 278 -7.85 -22.81 7.43
N PRO C 279 -7.52 -22.87 6.14
CA PRO C 279 -6.10 -22.95 5.75
C PRO C 279 -5.36 -21.65 6.00
N GLY C 280 -4.50 -21.64 7.02
CA GLY C 280 -3.73 -20.46 7.36
C GLY C 280 -4.45 -19.44 8.21
N GLN C 281 -5.71 -19.69 8.57
CA GLN C 281 -6.49 -18.77 9.38
C GLN C 281 -6.70 -19.38 10.77
N THR C 282 -6.39 -18.61 11.80
CA THR C 282 -6.61 -19.04 13.17
C THR C 282 -7.03 -17.85 14.02
N PHE C 283 -7.89 -18.10 15.00
CA PHE C 283 -8.37 -17.06 15.89
C PHE C 283 -8.33 -17.60 17.32
N TYR C 284 -8.20 -16.68 18.28
CA TYR C 284 -8.07 -17.02 19.68
C TYR C 284 -9.34 -16.64 20.42
N ALA C 285 -9.88 -17.58 21.20
CA ALA C 285 -11.10 -17.38 21.97
C ALA C 285 -10.89 -17.89 23.38
N LEU C 286 -11.90 -17.70 24.22
CA LEU C 286 -11.82 -18.13 25.61
C LEU C 286 -11.85 -19.66 25.69
N GLY C 287 -10.92 -20.23 26.44
CA GLY C 287 -10.82 -21.67 26.55
C GLY C 287 -11.72 -22.25 27.62
N ASP C 288 -11.53 -21.82 28.86
CA ASP C 288 -12.32 -22.30 29.99
C ASP C 288 -12.21 -21.29 31.12
N ILE C 289 -12.81 -21.64 32.26
CA ILE C 289 -12.80 -20.80 33.46
C ILE C 289 -12.18 -21.61 34.58
N ILE C 290 -11.14 -21.06 35.21
CA ILE C 290 -10.50 -21.68 36.36
C ILE C 290 -11.01 -20.97 37.61
N GLY C 291 -11.59 -21.73 38.53
CA GLY C 291 -12.16 -21.15 39.73
C GLY C 291 -13.61 -20.77 39.57
N ASP C 292 -14.06 -19.78 40.33
CA ASP C 292 -15.45 -19.34 40.29
C ASP C 292 -15.65 -18.29 39.19
N ILE C 293 -16.91 -17.90 39.01
CA ILE C 293 -17.28 -16.88 38.04
C ILE C 293 -17.69 -15.63 38.80
N ARG C 294 -16.98 -14.53 38.57
CA ARG C 294 -17.26 -13.27 39.24
C ARG C 294 -17.23 -12.14 38.23
N GLN C 295 -18.19 -11.22 38.36
CA GLN C 295 -18.41 -10.14 37.42
C GLN C 295 -17.32 -9.07 37.54
N PRO C 296 -16.92 -8.45 36.42
CA PRO C 296 -15.90 -7.40 36.49
C PRO C 296 -16.44 -6.12 37.11
N HIS C 297 -15.78 -5.66 38.17
CA HIS C 297 -16.22 -4.54 38.97
C HIS C 297 -15.15 -3.44 38.97
N CYS C 298 -15.59 -2.20 39.21
CA CYS C 298 -14.68 -1.07 39.30
C CYS C 298 -15.02 -0.21 40.50
N ASN C 299 -13.98 0.42 41.07
CA ASN C 299 -14.07 1.14 42.33
C ASN C 299 -13.89 2.63 42.11
N ILE C 300 -14.73 3.43 42.78
CA ILE C 300 -14.61 4.87 42.82
C ILE C 300 -14.77 5.31 44.28
N SER C 301 -13.80 6.07 44.78
CA SER C 301 -13.84 6.53 46.16
C SER C 301 -14.99 7.49 46.39
N LYS C 302 -15.70 7.31 47.50
CA LYS C 302 -16.84 8.15 47.81
C LYS C 302 -16.40 9.57 48.18
N GLN C 303 -15.40 9.69 49.04
CA GLN C 303 -14.97 11.00 49.51
C GLN C 303 -14.38 11.82 48.37
N ASN C 304 -13.62 11.18 47.47
CA ASN C 304 -12.99 11.89 46.38
C ASN C 304 -13.98 12.26 45.28
N TRP C 305 -15.17 11.67 45.27
CA TRP C 305 -16.07 11.86 44.14
C TRP C 305 -16.95 13.10 44.29
N ASN C 306 -17.77 13.19 45.34
CA ASN C 306 -18.61 14.37 45.47
C ASN C 306 -17.82 15.62 45.82
N ARG C 307 -16.63 15.48 46.39
CA ARG C 307 -15.78 16.66 46.53
C ARG C 307 -15.40 17.23 45.16
N THR C 308 -15.26 16.36 44.17
CA THR C 308 -15.15 16.82 42.79
C THR C 308 -16.50 17.27 42.26
N LEU C 309 -17.58 16.56 42.63
CA LEU C 309 -18.90 16.91 42.11
C LEU C 309 -19.46 18.16 42.76
N GLN C 310 -19.08 18.45 44.00
CA GLN C 310 -19.53 19.69 44.63
C GLN C 310 -18.86 20.91 44.00
N GLN C 311 -17.57 20.79 43.69
CA GLN C 311 -16.85 21.90 43.06
C GLN C 311 -17.39 22.18 41.67
N VAL C 312 -17.67 21.14 40.88
CA VAL C 312 -18.27 21.37 39.57
C VAL C 312 -19.72 21.80 39.72
N GLY C 313 -20.35 21.45 40.84
CA GLY C 313 -21.71 21.95 41.10
C GLY C 313 -21.74 23.44 41.33
N ARG C 314 -20.74 23.95 42.06
CA ARG C 314 -20.66 25.40 42.30
C ARG C 314 -20.40 26.17 41.01
N LYS C 315 -19.50 25.64 40.16
CA LYS C 315 -19.14 26.36 38.94
C LYS C 315 -20.29 26.44 37.95
N LEU C 316 -21.16 25.42 37.92
CA LEU C 316 -22.32 25.46 37.05
C LEU C 316 -23.37 26.47 37.52
N ALA C 317 -23.28 26.95 38.76
CA ALA C 317 -24.24 27.92 39.26
C ALA C 317 -24.01 29.31 38.68
N GLU C 318 -22.78 29.64 38.31
CA GLU C 318 -22.50 30.95 37.74
C GLU C 318 -23.11 31.09 36.34
N HIS C 319 -22.97 30.06 35.52
CA HIS C 319 -23.55 30.12 34.18
C HIS C 319 -25.06 29.98 34.20
N PHE C 320 -25.61 29.32 35.22
CA PHE C 320 -27.04 29.13 35.39
C PHE C 320 -27.43 29.66 36.76
N PRO C 321 -27.67 30.96 36.88
CA PRO C 321 -27.91 31.55 38.20
C PRO C 321 -29.19 31.06 38.84
N ASN C 322 -29.16 30.96 40.18
CA ASN C 322 -30.25 30.58 41.07
C ASN C 322 -31.10 29.42 40.57
N ARG C 323 -30.47 28.43 39.96
CA ARG C 323 -31.15 27.22 39.51
C ARG C 323 -30.60 26.02 40.26
N ASN C 324 -31.50 25.12 40.67
CA ASN C 324 -31.10 23.91 41.36
C ASN C 324 -30.37 22.98 40.38
N ILE C 325 -29.21 22.49 40.79
CA ILE C 325 -28.33 21.69 39.94
C ILE C 325 -28.36 20.26 40.45
N THR C 326 -28.72 19.33 39.57
CA THR C 326 -28.71 17.91 39.88
C THR C 326 -28.10 17.14 38.72
N PHE C 327 -27.52 15.99 39.04
CA PHE C 327 -26.94 15.09 38.06
C PHE C 327 -27.73 13.79 38.01
N ASN C 328 -28.14 13.40 36.80
CA ASN C 328 -28.99 12.24 36.60
C ASN C 328 -28.30 11.25 35.68
N HIS C 329 -28.69 9.98 35.81
CA HIS C 329 -28.11 8.94 34.99
C HIS C 329 -28.54 9.09 33.54
N SER C 330 -27.89 8.32 32.66
CA SER C 330 -28.14 8.42 31.24
C SER C 330 -29.56 7.98 30.90
N SER C 331 -30.07 8.54 29.80
CA SER C 331 -31.45 8.28 29.40
C SER C 331 -31.66 6.81 29.05
N GLY C 332 -30.72 6.20 28.33
CA GLY C 332 -30.79 4.82 27.98
C GLY C 332 -30.65 4.63 26.48
N GLY C 333 -31.14 3.50 25.99
CA GLY C 333 -31.06 3.17 24.58
C GLY C 333 -30.00 2.14 24.26
N ASP C 334 -29.12 2.45 23.32
CA ASP C 334 -28.06 1.52 22.96
C ASP C 334 -26.96 1.49 24.02
N LEU C 335 -26.20 0.41 24.03
CA LEU C 335 -25.18 0.20 25.04
C LEU C 335 -23.93 1.06 24.81
N GLU C 336 -23.71 1.49 23.57
CA GLU C 336 -22.45 2.15 23.23
C GLU C 336 -22.28 3.48 23.96
N ILE C 337 -23.34 4.28 24.04
CA ILE C 337 -23.26 5.61 24.64
C ILE C 337 -23.89 5.69 26.02
N THR C 338 -24.66 4.68 26.43
CA THR C 338 -25.27 4.72 27.75
C THR C 338 -24.25 4.44 28.86
N THR C 339 -23.25 3.62 28.58
CA THR C 339 -22.28 3.21 29.58
C THR C 339 -20.90 3.78 29.26
N HIS C 340 -20.10 3.91 30.32
CA HIS C 340 -18.73 4.41 30.21
C HIS C 340 -17.87 3.35 29.53
N SER C 341 -17.68 3.47 28.23
CA SER C 341 -16.89 2.52 27.46
C SER C 341 -15.45 3.00 27.37
N PHE C 342 -14.51 2.16 27.81
CA PHE C 342 -13.10 2.48 27.75
C PHE C 342 -12.35 1.20 27.43
N ASN C 343 -11.03 1.30 27.39
CA ASN C 343 -10.16 0.18 27.02
C ASN C 343 -9.20 -0.06 28.17
N CYS C 344 -8.77 -1.31 28.31
CA CYS C 344 -7.93 -1.69 29.45
C CYS C 344 -7.12 -2.91 29.03
N ARG C 345 -5.87 -2.68 28.61
CA ARG C 345 -5.00 -3.72 28.05
C ARG C 345 -5.69 -4.51 26.94
N GLY C 346 -6.33 -3.78 26.02
CA GLY C 346 -6.93 -4.40 24.85
C GLY C 346 -8.31 -4.96 25.04
N GLU C 347 -8.85 -4.92 26.26
CA GLU C 347 -10.19 -5.41 26.52
C GLU C 347 -11.15 -4.23 26.61
N PHE C 348 -12.29 -4.34 25.94
CA PHE C 348 -13.27 -3.26 25.89
C PHE C 348 -14.26 -3.44 27.02
N PHE C 349 -14.35 -2.45 27.90
CA PHE C 349 -15.23 -2.50 29.05
C PHE C 349 -16.48 -1.66 28.81
N TYR C 350 -17.54 -1.99 29.55
CA TYR C 350 -18.81 -1.27 29.47
C TYR C 350 -19.41 -1.25 30.88
N CYS C 351 -19.27 -0.12 31.56
CA CYS C 351 -19.74 0.01 32.94
C CYS C 351 -20.85 1.06 33.00
N ASN C 352 -22.00 0.68 33.58
CA ASN C 352 -23.04 1.65 33.83
C ASN C 352 -22.62 2.60 34.94
N THR C 353 -22.75 3.90 34.68
CA THR C 353 -22.50 4.92 35.69
C THR C 353 -23.84 5.38 36.24
N SER C 354 -24.44 4.54 37.08
CA SER C 354 -25.67 4.91 37.77
C SER C 354 -25.36 5.29 39.21
N GLY C 355 -24.27 4.75 39.73
CA GLY C 355 -23.81 5.07 41.07
C GLY C 355 -22.94 6.30 41.17
N LEU C 356 -22.66 6.96 40.04
CA LEU C 356 -21.81 8.15 40.03
C LEU C 356 -22.62 9.43 39.93
N PHE C 357 -23.50 9.52 38.94
CA PHE C 357 -24.32 10.72 38.72
C PHE C 357 -25.70 10.47 39.32
N ASN C 358 -25.77 10.65 40.64
CA ASN C 358 -26.97 10.33 41.39
C ASN C 358 -27.42 11.52 42.25
N GLY C 359 -26.45 12.25 42.80
CA GLY C 359 -26.75 13.30 43.75
C GLY C 359 -27.15 14.62 43.10
N THR C 360 -27.50 15.58 43.95
CA THR C 360 -27.90 16.91 43.54
C THR C 360 -27.09 17.94 44.32
N TYR C 361 -26.99 19.15 43.76
CA TYR C 361 -26.21 20.23 44.33
C TYR C 361 -27.14 21.34 44.80
N HIS C 362 -26.98 21.74 46.06
CA HIS C 362 -27.66 22.91 46.59
C HIS C 362 -26.66 24.04 46.79
N PRO C 363 -26.90 25.21 46.20
CA PRO C 363 -25.94 26.32 46.38
C PRO C 363 -25.76 26.75 47.83
N ASN C 364 -26.80 26.66 48.64
CA ASN C 364 -26.76 27.06 50.04
C ASN C 364 -26.79 25.83 50.93
N GLY C 365 -25.86 25.76 51.87
CA GLY C 365 -25.79 24.64 52.80
C GLY C 365 -24.36 24.42 53.24
N THR C 366 -24.10 23.20 53.72
CA THR C 366 -22.77 22.81 54.17
C THR C 366 -22.33 21.56 53.42
N TYR C 367 -21.04 21.51 53.07
CA TYR C 367 -20.48 20.41 52.31
C TYR C 367 -19.11 20.02 52.84
N ASN C 368 -18.98 19.91 54.16
CA ASN C 368 -17.73 19.48 54.75
C ASN C 368 -17.46 18.01 54.44
N GLU C 369 -16.17 17.67 54.33
CA GLU C 369 -15.79 16.31 53.97
C GLU C 369 -15.98 15.32 55.12
N THR C 370 -15.85 15.77 56.36
CA THR C 370 -15.92 14.88 57.51
C THR C 370 -17.29 14.24 57.71
N ALA C 371 -18.33 14.75 57.05
CA ALA C 371 -19.64 14.13 57.15
C ALA C 371 -19.68 12.78 56.44
N VAL C 372 -18.90 12.60 55.39
CA VAL C 372 -18.86 11.36 54.63
C VAL C 372 -17.75 10.46 55.17
N ASN C 373 -18.08 9.21 55.46
CA ASN C 373 -17.10 8.27 55.98
C ASN C 373 -16.07 7.92 54.91
N SER C 374 -14.84 7.71 55.35
CA SER C 374 -13.73 7.40 54.46
C SER C 374 -13.65 5.89 54.22
N SER C 375 -12.73 5.50 53.33
CA SER C 375 -12.47 4.10 52.99
C SER C 375 -13.71 3.40 52.44
N ASP C 376 -14.58 4.15 51.79
CA ASP C 376 -15.77 3.60 51.15
C ASP C 376 -15.69 3.85 49.66
N THR C 377 -15.81 2.79 48.86
CA THR C 377 -15.67 2.86 47.42
C THR C 377 -16.98 2.47 46.75
N ILE C 378 -17.29 3.14 45.65
CA ILE C 378 -18.48 2.85 44.86
C ILE C 378 -18.14 1.75 43.86
N THR C 379 -18.90 0.67 43.90
CA THR C 379 -18.71 -0.43 42.96
C THR C 379 -19.49 -0.16 41.68
N LEU C 380 -18.88 -0.52 40.54
CA LEU C 380 -19.49 -0.33 39.23
C LEU C 380 -19.47 -1.66 38.49
N GLN C 381 -20.65 -2.10 38.03
CA GLN C 381 -20.77 -3.34 37.28
C GLN C 381 -20.31 -3.10 35.85
N CYS C 382 -19.32 -3.87 35.41
CA CYS C 382 -18.77 -3.74 34.07
C CYS C 382 -18.96 -5.04 33.30
N ARG C 383 -19.32 -4.92 32.03
CA ARG C 383 -19.55 -6.07 31.15
C ARG C 383 -18.56 -6.02 29.99
N ILE C 384 -18.17 -7.20 29.54
CA ILE C 384 -17.14 -7.35 28.50
C ILE C 384 -17.82 -7.70 27.19
N LYS C 385 -17.42 -7.02 26.11
CA LYS C 385 -17.96 -7.25 24.78
C LYS C 385 -16.78 -7.23 23.80
N GLN C 386 -16.50 -8.36 23.16
CA GLN C 386 -15.38 -8.45 22.23
C GLN C 386 -15.79 -8.27 20.77
N ILE C 387 -17.06 -7.95 20.50
CA ILE C 387 -17.52 -7.55 19.18
C ILE C 387 -17.85 -6.07 19.29
N ILE C 388 -16.93 -5.20 18.86
CA ILE C 388 -17.06 -3.77 19.08
C ILE C 388 -17.22 -3.10 17.73
N ASN C 389 -18.28 -2.30 17.59
CA ASN C 389 -18.41 -1.35 16.49
C ASN C 389 -18.39 0.08 17.04
N MET C 390 -17.57 0.93 16.42
CA MET C 390 -17.37 2.28 16.94
C MET C 390 -17.47 3.26 15.77
N TRP C 391 -17.11 4.52 16.06
CA TRP C 391 -17.43 5.70 15.25
C TRP C 391 -18.93 5.90 15.08
N GLN C 392 -19.73 5.30 15.96
CA GLN C 392 -21.19 5.47 15.98
C GLN C 392 -21.83 5.10 14.65
N GLU C 393 -21.30 4.06 14.01
CA GLU C 393 -21.83 3.57 12.74
C GLU C 393 -21.55 2.09 12.61
N VAL C 394 -22.38 1.40 11.85
CA VAL C 394 -22.27 -0.06 11.68
C VAL C 394 -21.30 -0.29 10.51
N GLY C 395 -20.02 -0.35 10.86
CA GLY C 395 -18.98 -0.53 9.86
C GLY C 395 -18.18 -1.80 10.01
N ARG C 396 -16.98 -1.68 10.57
CA ARG C 396 -16.03 -2.78 10.67
C ARG C 396 -15.78 -3.12 12.14
N CYS C 397 -15.63 -4.42 12.41
CA CYS C 397 -15.38 -4.88 13.77
C CYS C 397 -13.93 -4.62 14.17
N MET C 398 -13.67 -4.78 15.47
CA MET C 398 -12.32 -4.90 16.01
C MET C 398 -12.41 -5.98 17.09
N TYR C 399 -12.17 -7.22 16.70
CA TYR C 399 -12.33 -8.35 17.61
C TYR C 399 -11.21 -8.36 18.64
N ALA C 400 -11.59 -8.41 19.92
CA ALA C 400 -10.59 -8.39 20.97
C ALA C 400 -10.23 -9.82 21.39
N PRO C 401 -8.94 -10.16 21.39
CA PRO C 401 -8.53 -11.52 21.78
C PRO C 401 -8.49 -11.64 23.28
N PRO C 402 -8.43 -12.88 23.81
CA PRO C 402 -8.28 -13.06 25.26
C PRO C 402 -7.00 -12.45 25.81
N ILE C 403 -6.86 -12.45 27.13
CA ILE C 403 -5.73 -11.80 27.79
C ILE C 403 -4.73 -12.85 28.25
N ALA C 404 -5.21 -14.07 28.50
CA ALA C 404 -4.40 -15.18 29.03
C ALA C 404 -3.75 -14.79 30.35
N GLY C 405 -4.59 -14.51 31.33
CA GLY C 405 -4.14 -14.11 32.65
C GLY C 405 -5.25 -13.35 33.38
N ASN C 406 -4.84 -12.28 34.07
CA ASN C 406 -5.79 -11.44 34.80
C ASN C 406 -5.28 -10.00 34.75
N ILE C 407 -5.85 -9.21 33.85
CA ILE C 407 -5.37 -7.85 33.60
C ILE C 407 -5.88 -6.90 34.66
N THR C 408 -4.98 -6.03 35.13
CA THR C 408 -5.33 -4.99 36.08
C THR C 408 -4.72 -3.67 35.59
N CYS C 409 -5.55 -2.66 35.42
CA CYS C 409 -5.13 -1.39 34.84
C CYS C 409 -5.62 -0.23 35.70
N ASN C 410 -4.73 0.73 35.95
CA ASN C 410 -4.98 1.85 36.84
C ASN C 410 -5.06 3.13 36.01
N SER C 411 -6.10 3.93 36.23
CA SER C 411 -6.35 5.12 35.42
C SER C 411 -6.78 6.28 36.33
N ASN C 412 -6.97 7.44 35.70
CA ASN C 412 -7.40 8.65 36.39
C ASN C 412 -8.49 9.33 35.56
N ILE C 413 -9.54 9.77 36.22
CA ILE C 413 -10.64 10.49 35.56
C ILE C 413 -10.23 11.95 35.40
N THR C 414 -10.26 12.44 34.16
CA THR C 414 -9.85 13.80 33.85
C THR C 414 -11.01 14.77 33.74
N GLY C 415 -12.03 14.41 32.95
CA GLY C 415 -13.16 15.30 32.74
C GLY C 415 -14.43 14.52 32.46
N LEU C 416 -15.53 15.27 32.36
CA LEU C 416 -16.85 14.71 32.11
C LEU C 416 -17.45 15.32 30.85
N LEU C 417 -18.24 14.53 30.15
CA LEU C 417 -18.95 14.96 28.95
C LEU C 417 -20.43 15.03 29.30
N LEU C 418 -20.89 16.21 29.67
CA LEU C 418 -22.25 16.40 30.17
C LEU C 418 -23.14 17.02 29.10
N THR C 419 -24.43 16.65 29.16
CA THR C 419 -25.46 17.24 28.31
C THR C 419 -26.64 17.63 29.18
N ARG C 420 -27.38 18.64 28.72
CA ARG C 420 -28.51 19.18 29.47
C ARG C 420 -29.82 18.84 28.75
N ASP C 421 -30.84 18.49 29.54
CA ASP C 421 -32.14 18.20 28.97
C ASP C 421 -32.75 19.44 28.31
N GLY C 422 -32.64 20.59 28.97
CA GLY C 422 -33.16 21.83 28.39
C GLY C 422 -34.66 21.87 28.23
N GLY C 423 -35.39 21.44 29.25
CA GLY C 423 -36.84 21.47 29.20
C GLY C 423 -37.41 22.88 29.09
N ILE C 424 -38.27 23.10 28.10
CA ILE C 424 -38.84 24.43 27.88
C ILE C 424 -39.90 24.73 28.93
N ASN C 425 -40.86 23.82 29.12
CA ASN C 425 -41.90 24.02 30.12
C ASN C 425 -41.36 23.83 31.53
N GLN C 426 -40.33 23.01 31.69
CA GLN C 426 -39.75 22.78 33.01
C GLN C 426 -39.04 24.03 33.52
N THR C 427 -39.23 24.33 34.79
CA THR C 427 -38.62 25.49 35.44
C THR C 427 -38.05 25.08 36.78
N GLY C 428 -37.02 25.81 37.22
CA GLY C 428 -36.41 25.53 38.51
C GLY C 428 -35.21 24.62 38.43
N GLU C 429 -35.42 23.34 38.69
CA GLU C 429 -34.33 22.37 38.71
C GLU C 429 -33.72 22.21 37.32
N GLU C 430 -32.40 22.08 37.27
CA GLU C 430 -31.65 21.83 36.05
C GLU C 430 -31.04 20.44 36.10
N ILE C 431 -31.33 19.63 35.09
CA ILE C 431 -30.88 18.24 35.04
C ILE C 431 -29.79 18.13 33.99
N PHE C 432 -28.62 17.65 34.42
CA PHE C 432 -27.48 17.43 33.53
C PHE C 432 -27.21 15.93 33.44
N ARG C 433 -27.19 15.41 32.22
CA ARG C 433 -26.99 13.99 31.99
C ARG C 433 -25.79 13.75 31.09
N PRO C 434 -24.96 12.75 31.39
CA PRO C 434 -23.81 12.47 30.54
C PRO C 434 -24.23 11.92 29.19
N GLY C 435 -23.39 12.18 28.19
CA GLY C 435 -23.66 11.67 26.86
C GLY C 435 -22.51 11.84 25.89
N GLY C 436 -22.12 10.75 25.23
CA GLY C 436 -21.11 10.82 24.20
C GLY C 436 -21.73 11.04 22.83
N GLY C 437 -22.26 12.25 22.61
CA GLY C 437 -22.89 12.54 21.34
C GLY C 437 -21.94 12.47 20.17
N ASP C 438 -20.73 13.01 20.34
CA ASP C 438 -19.67 12.89 19.34
C ASP C 438 -18.35 12.66 20.07
N MET C 439 -17.45 11.92 19.44
CA MET C 439 -16.22 11.55 20.12
C MET C 439 -15.06 12.50 19.84
N ARG C 440 -15.24 13.53 19.02
CA ARG C 440 -14.20 14.54 18.87
C ARG C 440 -14.01 15.30 20.18
N ASP C 441 -15.06 15.41 20.99
CA ASP C 441 -14.99 16.10 22.27
C ASP C 441 -14.07 15.40 23.26
N ASN C 442 -13.81 14.10 23.07
CA ASN C 442 -12.81 13.41 23.88
C ASN C 442 -11.42 13.97 23.62
N TRP C 443 -11.23 14.59 22.45
CA TRP C 443 -9.95 15.10 22.02
C TRP C 443 -9.90 16.62 21.93
N ARG C 444 -11.06 17.28 21.87
CA ARG C 444 -11.10 18.73 21.85
C ARG C 444 -10.69 19.34 23.18
N SER C 445 -10.67 18.55 24.25
CA SER C 445 -10.21 19.04 25.54
C SER C 445 -8.70 19.11 25.63
N GLU C 446 -7.97 18.63 24.63
CA GLU C 446 -6.52 18.69 24.60
C GLU C 446 -5.97 19.66 23.57
N LEU C 447 -6.71 19.96 22.51
CA LEU C 447 -6.30 20.90 21.48
C LEU C 447 -7.05 22.22 21.54
N TYR C 448 -7.60 22.56 22.72
CA TYR C 448 -8.41 23.76 22.84
C TYR C 448 -7.55 25.02 22.84
N LYS C 449 -6.28 24.91 23.24
CA LYS C 449 -5.38 26.05 23.33
C LYS C 449 -4.38 26.09 22.18
N TYR C 450 -4.74 25.50 21.04
CA TYR C 450 -3.83 25.35 19.92
C TYR C 450 -4.52 25.80 18.64
N LYS C 451 -3.76 26.43 17.75
CA LYS C 451 -4.30 26.95 16.49
C LYS C 451 -3.15 27.12 15.51
N VAL C 452 -3.25 26.47 14.35
CA VAL C 452 -2.22 26.54 13.33
C VAL C 452 -2.37 27.84 12.54
N VAL C 453 -1.27 28.55 12.34
CA VAL C 453 -1.27 29.83 11.64
C VAL C 453 -0.18 29.80 10.56
N GLU C 454 -0.38 30.61 9.54
CA GLU C 454 0.57 30.74 8.44
C GLU C 454 1.34 32.04 8.55
N ILE C 455 2.64 31.98 8.29
CA ILE C 455 3.53 33.11 8.46
C ILE C 455 3.64 33.88 7.16
N LYS C 456 3.46 35.20 7.22
CA LYS C 456 3.65 36.08 6.07
C LYS C 456 4.87 36.96 6.31
N PRO C 457 6.01 36.66 5.70
CA PRO C 457 7.24 37.39 6.03
C PRO C 457 7.45 38.65 5.20
N LEU C 458 6.40 39.13 4.52
CA LEU C 458 6.49 40.30 3.66
C LEU C 458 5.79 41.48 4.31
N GLY C 459 6.45 42.63 4.32
CA GLY C 459 5.88 43.84 4.86
C GLY C 459 6.33 45.08 4.10
N ILE C 460 5.43 46.05 3.94
CA ILE C 460 5.69 47.27 3.18
C ILE C 460 5.25 48.47 4.00
N ALA C 461 6.04 49.54 3.94
CA ALA C 461 5.75 50.77 4.67
C ALA C 461 6.50 51.91 4.02
N PRO C 462 5.94 53.12 4.03
CA PRO C 462 6.69 54.27 3.49
C PRO C 462 7.85 54.66 4.38
N THR C 463 8.86 55.27 3.77
CA THR C 463 10.06 55.70 4.49
C THR C 463 10.74 56.79 3.69
N LYS C 464 11.75 57.41 4.30
CA LYS C 464 12.47 58.52 3.69
C LYS C 464 13.60 58.09 2.78
N CYS C 465 13.98 56.81 2.79
CA CYS C 465 15.08 56.34 1.96
C CYS C 465 14.66 56.27 0.50
N LYS C 466 15.64 56.41 -0.38
CA LYS C 466 15.40 56.45 -1.82
C LYS C 466 16.39 55.54 -2.52
N ARG C 467 15.92 54.81 -3.53
CA ARG C 467 16.79 53.94 -4.30
C ARG C 467 17.80 54.76 -5.11
N ARG C 468 18.99 54.21 -5.28
CA ARG C 468 20.09 54.88 -5.97
C ARG C 468 20.11 54.38 -7.42
N VAL C 469 19.95 55.31 -8.35
CA VAL C 469 19.90 55.01 -9.77
C VAL C 469 21.19 55.50 -10.42
N VAL C 470 21.80 54.65 -11.25
CA VAL C 470 23.06 55.00 -11.88
C VAL C 470 22.84 56.09 -12.93
N GLU C 471 23.85 56.94 -13.10
CA GLU C 471 23.81 58.01 -14.09
C GLU C 471 25.05 57.98 -14.98
N GLY D 5 21.01 44.63 17.93
CA GLY D 5 20.13 44.84 19.06
C GLY D 5 19.04 43.80 19.17
N ALA D 6 19.11 42.99 20.25
CA ALA D 6 18.14 41.94 20.52
C ALA D 6 18.04 40.94 19.36
N VAL D 7 19.18 40.67 18.72
CA VAL D 7 19.21 39.77 17.58
C VAL D 7 19.09 38.31 18.01
N PHE D 8 19.48 37.98 19.24
CA PHE D 8 19.48 36.60 19.72
C PHE D 8 18.19 36.20 20.41
N LEU D 9 17.07 36.80 20.03
CA LEU D 9 15.78 36.43 20.62
C LEU D 9 15.22 35.19 19.93
N GLY D 10 14.05 34.75 20.39
CA GLY D 10 13.42 33.56 19.85
C GLY D 10 12.68 33.83 18.55
N PHE D 11 12.05 32.77 18.03
CA PHE D 11 11.29 32.89 16.80
C PHE D 11 10.07 33.78 17.01
N LEU D 12 9.78 34.59 16.00
CA LEU D 12 8.68 35.56 16.02
C LEU D 12 8.79 36.56 17.17
N GLY D 13 10.02 36.78 17.66
CA GLY D 13 10.21 37.69 18.76
C GLY D 13 9.91 39.12 18.38
N ALA D 14 9.54 39.92 19.39
CA ALA D 14 9.16 41.32 19.23
C ALA D 14 8.01 41.48 18.24
N ALA D 15 7.12 40.48 18.18
CA ALA D 15 5.95 40.58 17.31
C ALA D 15 5.01 41.70 17.77
N GLY D 16 4.82 41.83 19.07
CA GLY D 16 4.02 42.90 19.63
C GLY D 16 4.75 44.20 19.86
N SER D 17 6.04 44.26 19.53
CA SER D 17 6.81 45.47 19.72
C SER D 17 6.45 46.51 18.67
N THR D 18 7.10 47.67 18.74
CA THR D 18 6.83 48.75 17.80
C THR D 18 7.40 48.41 16.43
N MET D 19 6.99 49.20 15.44
CA MET D 19 7.48 49.01 14.07
C MET D 19 8.98 49.22 13.98
N GLY D 20 9.50 50.26 14.63
CA GLY D 20 10.94 50.51 14.60
C GLY D 20 11.74 49.45 15.33
N ALA D 21 11.23 48.99 16.48
CA ALA D 21 11.94 47.96 17.24
C ALA D 21 11.93 46.63 16.51
N ALA D 22 10.83 46.31 15.81
CA ALA D 22 10.77 45.06 15.06
C ALA D 22 11.71 45.05 13.86
N SER D 23 12.13 46.23 13.37
CA SER D 23 13.05 46.28 12.26
C SER D 23 14.44 45.77 12.61
N ASN D 24 14.79 45.74 13.90
CA ASN D 24 16.09 45.26 14.34
C ASN D 24 16.12 43.76 14.62
N THR D 25 14.97 43.09 14.56
CA THR D 25 14.87 41.66 14.84
C THR D 25 14.23 40.92 13.67
N LEU D 26 14.64 41.27 12.44
CA LEU D 26 14.10 40.61 11.26
C LEU D 26 14.86 39.36 10.87
N THR D 27 15.97 39.04 11.54
CA THR D 27 16.77 37.89 11.16
C THR D 27 16.29 36.60 11.80
N VAL D 28 15.63 36.69 12.96
CA VAL D 28 15.21 35.48 13.66
C VAL D 28 14.13 34.73 12.88
N GLN D 29 13.27 35.46 12.17
CA GLN D 29 12.20 34.81 11.42
C GLN D 29 12.75 34.17 10.14
N ALA D 30 13.69 34.83 9.47
CA ALA D 30 14.20 34.32 8.21
C ALA D 30 14.95 33.01 8.37
N ARG D 31 15.64 32.82 9.50
CA ARG D 31 16.35 31.57 9.74
C ARG D 31 15.39 30.40 9.86
N GLN D 32 14.25 30.61 10.51
CA GLN D 32 13.33 29.51 10.78
C GLN D 32 12.56 29.06 9.54
N LEU D 33 12.47 29.89 8.50
CA LEU D 33 11.94 29.43 7.23
C LEU D 33 12.83 28.35 6.64
N LEU D 34 12.20 27.30 6.10
CA LEU D 34 12.90 26.14 5.54
C LEU D 34 13.81 25.50 6.58
N SER D 35 13.24 25.11 7.71
CA SER D 35 14.00 24.48 8.78
C SER D 35 13.73 22.99 8.84
N GLY D 58 2.65 3.26 4.17
CA GLY D 58 2.53 4.03 5.39
C GLY D 58 1.55 5.17 5.30
N VAL D 59 1.32 5.86 6.41
CA VAL D 59 0.42 7.00 6.46
C VAL D 59 1.15 8.29 6.80
N TRP D 60 2.12 8.23 7.72
CA TRP D 60 2.86 9.44 8.10
C TRP D 60 3.85 9.84 7.01
N GLY D 61 4.36 8.88 6.24
CA GLY D 61 5.33 9.21 5.21
C GLY D 61 4.75 10.09 4.11
N PHE D 62 3.53 9.78 3.66
CA PHE D 62 2.88 10.62 2.66
C PHE D 62 2.57 12.01 3.21
N LYS D 63 2.11 12.09 4.45
CA LYS D 63 1.84 13.38 5.06
C LYS D 63 3.12 14.18 5.27
N GLN D 64 4.20 13.51 5.71
CA GLN D 64 5.47 14.20 5.87
C GLN D 64 6.03 14.63 4.51
N LEU D 65 5.89 13.79 3.50
CA LEU D 65 6.31 14.17 2.15
C LEU D 65 5.51 15.37 1.64
N GLN D 66 4.20 15.37 1.88
CA GLN D 66 3.39 16.53 1.54
C GLN D 66 3.81 17.76 2.34
N ALA D 67 4.10 17.57 3.63
CA ALA D 67 4.57 18.67 4.45
C ALA D 67 5.95 19.14 4.03
N ARG D 68 6.84 18.20 3.69
CA ARG D 68 8.16 18.59 3.21
C ARG D 68 8.09 19.34 1.89
N VAL D 69 7.21 18.89 0.98
CA VAL D 69 7.03 19.59 -0.29
C VAL D 69 6.42 20.96 -0.05
N LEU D 70 5.43 21.04 0.84
CA LEU D 70 4.68 22.28 1.05
C LEU D 70 5.57 23.42 1.53
N ALA D 71 6.66 23.11 2.23
CA ALA D 71 7.56 24.15 2.70
C ALA D 71 8.43 24.71 1.58
N ILE D 72 8.45 24.06 0.42
CA ILE D 72 9.37 24.47 -0.64
C ILE D 72 8.83 25.69 -1.39
N GLU D 73 7.63 25.58 -1.98
CA GLU D 73 7.11 26.73 -2.72
C GLU D 73 6.70 27.85 -1.80
N ARG D 74 6.42 27.55 -0.53
CA ARG D 74 6.16 28.61 0.45
C ARG D 74 7.38 29.52 0.58
N TYR D 75 8.57 28.94 0.59
CA TYR D 75 9.79 29.75 0.52
C TYR D 75 10.03 30.28 -0.89
N LEU D 76 9.65 29.50 -1.91
CA LEU D 76 9.91 29.88 -3.29
C LEU D 76 8.96 30.97 -3.79
N GLU D 77 7.70 30.94 -3.37
CA GLU D 77 6.75 31.96 -3.81
C GLU D 77 7.16 33.35 -3.31
N VAL D 78 7.62 33.43 -2.06
CA VAL D 78 8.05 34.70 -1.50
C VAL D 78 9.32 35.18 -2.21
N GLN D 79 10.28 34.27 -2.41
CA GLN D 79 11.54 34.65 -3.04
C GLN D 79 11.39 35.02 -4.50
N GLN D 80 10.32 34.56 -5.17
CA GLN D 80 10.04 35.02 -6.53
C GLN D 80 9.73 36.51 -6.54
N LEU D 81 8.96 36.99 -5.56
CA LEU D 81 8.61 38.40 -5.49
C LEU D 81 9.84 39.26 -5.23
N LEU D 82 10.72 38.82 -4.33
CA LEU D 82 11.95 39.57 -4.09
C LEU D 82 12.86 39.56 -5.31
N GLY D 83 12.83 38.48 -6.09
CA GLY D 83 13.66 38.43 -7.29
C GLY D 83 13.25 39.44 -8.35
N ILE D 84 11.94 39.61 -8.56
CA ILE D 84 11.48 40.55 -9.58
C ILE D 84 11.50 41.99 -9.10
N TRP D 85 11.67 42.22 -7.80
CA TRP D 85 11.76 43.58 -7.27
C TRP D 85 13.19 44.08 -7.19
N GLY D 86 14.17 43.26 -7.54
CA GLY D 86 15.56 43.61 -7.42
C GLY D 86 16.15 43.36 -6.05
N CYS D 87 15.33 42.99 -5.07
CA CYS D 87 15.81 42.71 -3.71
C CYS D 87 16.06 41.22 -3.54
N SER D 88 16.92 40.68 -4.41
CA SER D 88 17.17 39.24 -4.42
C SER D 88 17.84 38.78 -3.14
N GLY D 89 18.81 39.55 -2.64
CA GLY D 89 19.54 39.16 -1.45
C GLY D 89 19.41 40.13 -0.31
N LYS D 90 19.05 41.38 -0.62
CA LYS D 90 18.95 42.41 0.41
C LYS D 90 17.70 42.19 1.26
N LEU D 91 17.90 42.16 2.58
CA LEU D 91 16.76 42.01 3.48
C LEU D 91 15.97 43.30 3.58
N ILE D 92 16.65 44.44 3.63
CA ILE D 92 16.02 45.76 3.67
C ILE D 92 16.49 46.52 2.45
N CYS D 93 15.54 47.01 1.64
CA CYS D 93 15.86 47.68 0.40
C CYS D 93 14.82 48.76 0.10
N CYS D 94 15.28 49.85 -0.51
CA CYS D 94 14.39 50.91 -0.94
C CYS D 94 13.88 50.66 -2.35
N THR D 95 12.82 51.37 -2.71
CA THR D 95 12.26 51.34 -4.05
C THR D 95 12.13 52.76 -4.58
N ASN D 96 11.70 52.89 -5.83
CA ASN D 96 11.51 54.19 -6.46
C ASN D 96 10.04 54.57 -6.62
N VAL D 97 9.11 53.67 -6.34
CA VAL D 97 7.69 54.01 -6.45
C VAL D 97 7.32 54.99 -5.36
N PRO D 98 6.43 55.96 -5.62
CA PRO D 98 6.02 56.90 -4.57
C PRO D 98 4.82 56.41 -3.79
N TRP D 99 4.89 56.59 -2.47
CA TRP D 99 3.77 56.25 -1.61
C TRP D 99 2.62 57.21 -1.84
N ASN D 100 1.40 56.68 -1.79
CA ASN D 100 0.20 57.48 -1.99
C ASN D 100 -0.48 57.77 -0.66
N SER D 101 -0.89 59.03 -0.47
CA SER D 101 -1.49 59.45 0.79
C SER D 101 -2.82 58.75 1.07
N THR D 102 -3.50 58.25 0.03
CA THR D 102 -4.76 57.55 0.25
C THR D 102 -4.56 56.19 0.92
N TRP D 103 -3.39 55.58 0.79
CA TRP D 103 -3.14 54.32 1.46
C TRP D 103 -2.93 54.52 2.96
N SER D 104 -2.18 55.55 3.34
CA SER D 104 -1.95 55.86 4.75
C SER D 104 -1.56 57.32 4.86
N ASN D 105 -2.16 58.02 5.83
CA ASN D 105 -1.93 59.45 6.01
C ASN D 105 -1.07 59.73 7.23
N ARG D 106 -1.09 58.84 8.23
CA ARG D 106 -0.42 59.08 9.50
C ARG D 106 1.07 59.32 9.31
N THR D 107 1.63 60.18 10.15
CA THR D 107 3.03 60.57 10.03
C THR D 107 3.96 59.41 10.39
N GLN D 108 5.23 59.57 10.01
CA GLN D 108 6.21 58.51 10.25
C GLN D 108 6.53 58.35 11.72
N GLU D 109 6.43 59.43 12.50
CA GLU D 109 6.68 59.33 13.94
C GLU D 109 5.65 58.44 14.61
N ASP D 110 4.38 58.56 14.22
CA ASP D 110 3.32 57.74 14.81
C ASP D 110 3.26 56.34 14.21
N ILE D 111 3.90 56.10 13.07
CA ILE D 111 3.88 54.77 12.48
C ILE D 111 4.91 53.87 13.15
N TRP D 112 6.16 54.35 13.26
CA TRP D 112 7.24 53.53 13.78
C TRP D 112 7.22 53.36 15.29
N ASN D 113 6.39 54.11 16.02
CA ASN D 113 6.46 54.11 17.48
C ASN D 113 5.11 53.96 18.16
N ASN D 114 4.06 53.57 17.43
CA ASN D 114 2.75 53.44 18.07
C ASN D 114 1.94 52.23 17.60
N MET D 115 2.50 51.37 16.75
CA MET D 115 1.73 50.22 16.27
C MET D 115 2.65 49.04 16.04
N THR D 116 2.05 47.86 15.96
CA THR D 116 2.75 46.62 15.68
C THR D 116 2.58 46.25 14.20
N TRP D 117 3.20 45.14 13.81
CA TRP D 117 3.05 44.67 12.44
C TRP D 117 1.67 44.07 12.18
N MET D 118 0.93 43.73 13.23
CA MET D 118 -0.44 43.25 13.06
C MET D 118 -1.33 44.32 12.46
N GLU D 119 -1.31 45.52 13.03
CA GLU D 119 -2.24 46.57 12.62
C GLU D 119 -1.86 47.18 11.28
N TRP D 120 -0.57 47.16 10.93
CA TRP D 120 -0.13 47.82 9.71
C TRP D 120 -0.56 47.05 8.46
N GLU D 121 -0.43 45.72 8.49
CA GLU D 121 -0.85 44.91 7.35
C GLU D 121 -2.37 44.86 7.23
N ARG D 122 -3.09 44.86 8.35
CA ARG D 122 -4.55 44.78 8.31
C ARG D 122 -5.15 46.02 7.66
N GLU D 123 -4.62 47.21 7.97
CA GLU D 123 -5.18 48.44 7.43
C GLU D 123 -4.98 48.53 5.92
N ILE D 124 -3.80 48.14 5.43
CA ILE D 124 -3.48 48.23 4.01
C ILE D 124 -3.73 46.89 3.30
N GLY D 125 -4.39 45.94 3.97
CA GLY D 125 -4.72 44.68 3.32
C GLY D 125 -5.63 44.82 2.12
N ASN D 126 -6.39 45.91 2.05
CA ASN D 126 -7.25 46.16 0.90
C ASN D 126 -6.43 46.46 -0.35
N TYR D 127 -5.32 47.20 -0.19
CA TYR D 127 -4.57 47.72 -1.32
C TYR D 127 -3.30 46.94 -1.61
N THR D 128 -3.18 45.72 -1.09
CA THR D 128 -1.98 44.93 -1.33
C THR D 128 -1.82 44.60 -2.80
N HIS D 129 -2.91 44.20 -3.46
CA HIS D 129 -2.84 43.78 -4.86
C HIS D 129 -2.44 44.94 -5.76
N THR D 130 -2.90 46.15 -5.46
CA THR D 130 -2.51 47.31 -6.27
C THR D 130 -1.04 47.62 -6.11
N ILE D 131 -0.52 47.59 -4.87
CA ILE D 131 0.86 47.96 -4.61
C ILE D 131 1.83 46.98 -5.26
N TYR D 132 1.46 45.70 -5.31
CA TYR D 132 2.33 44.70 -5.93
C TYR D 132 2.58 45.00 -7.40
N SER D 133 1.67 45.74 -8.04
CA SER D 133 1.82 46.04 -9.47
C SER D 133 2.87 47.11 -9.73
N LEU D 134 2.92 48.16 -8.89
CA LEU D 134 3.80 49.29 -9.18
C LEU D 134 5.28 48.93 -9.06
N LEU D 135 5.64 48.05 -8.12
CA LEU D 135 7.04 47.69 -7.97
C LEU D 135 7.58 46.96 -9.20
N GLU D 136 6.73 46.22 -9.91
CA GLU D 136 7.17 45.59 -11.14
C GLU D 136 7.45 46.63 -12.22
N GLU D 137 6.53 47.58 -12.42
CA GLU D 137 6.67 48.55 -13.50
C GLU D 137 7.91 49.42 -13.31
N SER D 138 8.20 49.81 -12.07
CA SER D 138 9.40 50.59 -11.80
C SER D 138 10.67 49.80 -12.08
N GLN D 139 10.69 48.52 -11.69
CA GLN D 139 11.93 47.74 -11.79
C GLN D 139 12.31 47.49 -13.25
N PHE D 140 11.35 47.09 -14.08
CA PHE D 140 11.66 46.90 -15.50
C PHE D 140 11.97 48.22 -16.19
N GLN D 141 11.48 49.33 -15.65
CA GLN D 141 11.88 50.63 -16.16
C GLN D 141 13.31 50.97 -15.80
N GLN D 142 13.79 50.46 -14.65
CA GLN D 142 15.13 50.77 -14.16
C GLN D 142 16.23 50.04 -14.91
N GLU D 143 15.90 49.05 -15.73
CA GLU D 143 16.92 48.26 -16.43
C GLU D 143 17.00 48.54 -17.91
N ILE D 144 15.89 48.91 -18.56
CA ILE D 144 15.95 49.20 -19.99
C ILE D 144 16.66 50.52 -20.25
N ASN D 145 16.52 51.50 -19.35
CA ASN D 145 17.30 52.72 -19.46
C ASN D 145 18.74 52.53 -19.01
N GLU D 146 19.02 51.49 -18.24
CA GLU D 146 20.39 51.23 -17.80
C GLU D 146 21.24 50.68 -18.94
N LYS D 147 20.67 49.81 -19.78
CA LYS D 147 21.43 49.24 -20.89
C LYS D 147 21.74 50.30 -21.94
N ASP D 148 20.86 51.30 -22.11
CA ASP D 148 21.15 52.39 -23.02
C ASP D 148 22.34 53.21 -22.53
N LEU D 149 22.47 53.37 -21.22
CA LEU D 149 23.65 54.03 -20.66
C LEU D 149 24.91 53.22 -20.93
N LEU D 150 24.82 51.89 -20.81
CA LEU D 150 25.95 51.02 -21.08
C LEU D 150 26.20 50.80 -22.56
N ALA D 151 25.28 51.23 -23.44
CA ALA D 151 25.46 51.09 -24.88
C ALA D 151 26.07 52.33 -25.51
N LEU D 152 26.43 53.34 -24.72
CA LEU D 152 27.02 54.57 -25.23
C LEU D 152 28.53 54.48 -25.40
N ASP D 153 29.14 53.37 -25.02
CA ASP D 153 30.59 53.20 -25.16
C ASP D 153 30.92 51.86 -25.81
N ASN E 5 32.58 44.31 -33.27
CA ASN E 5 32.99 43.89 -31.94
C ASN E 5 31.77 43.60 -31.06
N LEU E 6 30.99 42.60 -31.48
CA LEU E 6 29.79 42.23 -30.74
C LEU E 6 30.12 41.28 -29.60
N TRP E 7 29.33 41.36 -28.53
CA TRP E 7 29.48 40.51 -27.36
C TRP E 7 28.23 39.66 -27.17
N VAL E 8 28.15 38.98 -26.04
CA VAL E 8 27.07 38.03 -25.75
C VAL E 8 26.24 38.57 -24.61
N THR E 9 24.92 38.55 -24.78
CA THR E 9 23.97 38.91 -23.73
C THR E 9 22.94 37.79 -23.58
N VAL E 10 22.32 37.74 -22.40
CA VAL E 10 21.34 36.72 -22.08
C VAL E 10 20.02 37.42 -21.77
N TYR E 11 18.97 37.02 -22.46
CA TYR E 11 17.62 37.52 -22.20
C TYR E 11 16.82 36.44 -21.48
N TYR E 12 16.22 36.81 -20.35
CA TYR E 12 15.43 35.88 -19.55
C TYR E 12 13.94 36.14 -19.80
N GLY E 13 13.19 35.07 -20.02
CA GLY E 13 11.78 35.19 -20.29
C GLY E 13 11.48 35.53 -21.74
N VAL E 14 11.90 34.67 -22.65
CA VAL E 14 11.70 34.89 -24.09
C VAL E 14 10.60 33.98 -24.59
N PRO E 15 9.80 34.41 -25.58
CA PRO E 15 8.69 33.57 -26.07
C PRO E 15 9.14 32.53 -27.09
N VAL E 16 9.88 31.53 -26.62
CA VAL E 16 10.30 30.40 -27.43
C VAL E 16 9.99 29.12 -26.67
N TRP E 17 9.51 28.11 -27.38
CA TRP E 17 9.07 26.87 -26.76
C TRP E 17 9.56 25.67 -27.56
N LYS E 18 9.66 24.53 -26.88
CA LYS E 18 10.06 23.27 -27.49
C LYS E 18 9.08 22.18 -27.04
N GLU E 19 8.70 21.32 -27.97
CA GLU E 19 7.71 20.29 -27.68
C GLU E 19 8.27 19.26 -26.70
N ALA E 20 7.38 18.77 -25.84
CA ALA E 20 7.76 17.78 -24.82
C ALA E 20 6.48 17.13 -24.30
N LYS E 21 6.67 16.10 -23.48
CA LYS E 21 5.58 15.38 -22.84
C LYS E 21 5.65 15.56 -21.34
N THR E 22 4.49 15.67 -20.70
CA THR E 22 4.44 15.86 -19.25
C THR E 22 3.08 15.39 -18.75
N THR E 23 3.00 15.21 -17.43
CA THR E 23 1.76 14.79 -16.80
C THR E 23 0.81 15.98 -16.63
N LEU E 24 -0.48 15.67 -16.51
CA LEU E 24 -1.51 16.68 -16.33
C LEU E 24 -2.42 16.29 -15.17
N PHE E 25 -2.89 17.30 -14.44
CA PHE E 25 -3.81 17.10 -13.34
C PHE E 25 -5.21 17.56 -13.72
N CYS E 26 -6.22 16.96 -13.09
CA CYS E 26 -7.59 17.30 -13.41
C CYS E 26 -7.96 18.67 -12.85
N ALA E 27 -9.09 19.19 -13.32
CA ALA E 27 -9.60 20.46 -12.84
C ALA E 27 -11.07 20.56 -13.20
N SER E 28 -11.89 20.96 -12.24
CA SER E 28 -13.32 21.10 -12.48
C SER E 28 -13.91 22.03 -11.42
N ASP E 29 -15.00 22.68 -11.78
CA ASP E 29 -15.70 23.57 -10.85
C ASP E 29 -16.35 22.75 -9.74
N ALA E 30 -16.29 23.28 -8.52
CA ALA E 30 -16.89 22.62 -7.35
C ALA E 30 -18.39 22.95 -7.31
N LYS E 31 -19.11 22.42 -8.29
CA LYS E 31 -20.54 22.67 -8.39
C LYS E 31 -21.30 22.02 -7.23
N ALA E 32 -20.93 20.81 -6.86
CA ALA E 32 -21.62 20.05 -5.82
C ALA E 32 -20.63 19.70 -4.72
N TYR E 33 -20.65 20.51 -3.65
CA TYR E 33 -19.84 20.17 -2.47
C TYR E 33 -20.41 18.98 -1.71
N GLU E 34 -21.69 18.66 -1.92
CA GLU E 34 -22.32 17.49 -1.32
C GLU E 34 -21.96 16.26 -2.13
N LYS E 35 -22.68 15.15 -1.89
CA LYS E 35 -22.49 13.88 -2.58
C LYS E 35 -21.05 13.36 -2.39
N GLU E 36 -20.77 13.03 -1.13
CA GLU E 36 -19.46 12.54 -0.72
C GLU E 36 -19.05 11.33 -1.55
N VAL E 37 -17.92 11.46 -2.25
CA VAL E 37 -17.29 10.46 -3.12
C VAL E 37 -18.31 9.78 -4.03
N HIS E 38 -19.40 10.48 -4.34
CA HIS E 38 -20.42 9.91 -5.21
C HIS E 38 -19.98 9.91 -6.67
N ASN E 39 -19.22 10.93 -7.07
CA ASN E 39 -18.76 11.02 -8.46
C ASN E 39 -17.63 10.03 -8.68
N VAL E 40 -17.75 9.23 -9.73
CA VAL E 40 -16.68 8.29 -10.09
C VAL E 40 -15.47 9.06 -10.58
N TRP E 41 -15.69 10.15 -11.32
CA TRP E 41 -14.59 10.95 -11.86
C TRP E 41 -13.82 11.70 -10.78
N ALA E 42 -14.36 11.77 -9.56
CA ALA E 42 -13.69 12.40 -8.41
C ALA E 42 -13.35 13.87 -8.69
N THR E 43 -14.39 14.64 -9.00
CA THR E 43 -14.22 16.08 -9.23
C THR E 43 -13.99 16.86 -7.94
N HIS E 44 -14.17 16.22 -6.77
CA HIS E 44 -13.94 16.91 -5.51
C HIS E 44 -12.47 17.29 -5.35
N ALA E 45 -11.56 16.39 -5.74
CA ALA E 45 -10.13 16.70 -5.66
C ALA E 45 -9.68 17.63 -6.78
N CYS E 46 -10.48 17.79 -7.82
CA CYS E 46 -10.09 18.63 -8.94
C CYS E 46 -10.30 20.10 -8.58
N VAL E 47 -9.25 20.90 -8.76
CA VAL E 47 -9.27 22.32 -8.39
C VAL E 47 -10.11 23.10 -9.40
N PRO E 48 -10.99 24.00 -8.94
CA PRO E 48 -11.69 24.89 -9.87
C PRO E 48 -10.69 25.76 -10.64
N THR E 49 -10.97 25.99 -11.92
CA THR E 49 -9.98 26.64 -12.78
C THR E 49 -10.02 28.16 -12.63
N ASP E 50 -11.11 28.79 -13.08
CA ASP E 50 -11.27 30.23 -13.10
C ASP E 50 -12.70 30.54 -13.53
N PRO E 51 -13.40 31.47 -12.88
CA PRO E 51 -14.68 31.93 -13.44
C PRO E 51 -14.54 32.55 -14.82
N ASN E 52 -13.42 33.19 -15.12
CA ASN E 52 -13.14 33.72 -16.46
C ASN E 52 -11.68 33.46 -16.80
N PRO E 53 -11.39 32.30 -17.39
CA PRO E 53 -9.99 31.94 -17.66
C PRO E 53 -9.32 32.92 -18.62
N GLN E 54 -8.02 33.14 -18.39
CA GLN E 54 -7.25 34.08 -19.18
C GLN E 54 -6.93 33.47 -20.54
N GLU E 55 -7.16 34.26 -21.59
CA GLU E 55 -6.92 33.81 -22.96
C GLU E 55 -5.97 34.78 -23.66
N MET E 56 -5.13 34.23 -24.53
CA MET E 56 -4.20 35.03 -25.32
C MET E 56 -4.09 34.43 -26.70
N VAL E 57 -4.65 35.10 -27.70
CA VAL E 57 -4.56 34.67 -29.08
C VAL E 57 -3.23 35.19 -29.63
N LEU E 58 -2.44 34.29 -30.21
CA LEU E 58 -1.13 34.66 -30.74
C LEU E 58 -1.21 34.92 -32.23
N GLU E 59 -0.61 36.03 -32.67
CA GLU E 59 -0.56 36.39 -34.07
C GLU E 59 0.85 36.19 -34.61
N ASN E 60 0.96 36.19 -35.94
CA ASN E 60 2.23 36.11 -36.66
C ASN E 60 3.01 34.84 -36.32
N VAL E 61 2.32 33.75 -35.98
CA VAL E 61 2.97 32.51 -35.59
C VAL E 61 2.22 31.35 -36.24
N THR E 62 2.97 30.33 -36.65
CA THR E 62 2.40 29.11 -37.23
C THR E 62 3.10 27.91 -36.62
N GLU E 63 2.31 26.97 -36.09
CA GLU E 63 2.83 25.78 -35.44
C GLU E 63 2.15 24.54 -35.99
N ASN E 64 2.95 23.49 -36.21
CA ASN E 64 2.42 22.23 -36.72
C ASN E 64 1.69 21.48 -35.61
N PHE E 65 0.77 20.62 -36.02
CA PHE E 65 -0.02 19.83 -35.08
C PHE E 65 -0.13 18.39 -35.58
N ASN E 66 -0.26 17.47 -34.63
CA ASN E 66 -0.47 16.06 -34.96
C ASN E 66 -1.17 15.41 -33.77
N MET E 67 -2.49 15.19 -33.91
CA MET E 67 -3.25 14.61 -32.82
C MET E 67 -3.04 13.10 -32.72
N TRP E 68 -2.59 12.45 -33.79
CA TRP E 68 -2.47 11.00 -33.78
C TRP E 68 -1.38 10.53 -32.82
N LYS E 69 -0.29 11.29 -32.70
CA LYS E 69 0.78 10.98 -31.77
C LYS E 69 0.76 11.92 -30.57
N ASN E 70 -0.43 12.33 -30.13
CA ASN E 70 -0.56 13.22 -28.99
C ASN E 70 -0.51 12.42 -27.70
N ASP E 71 0.30 12.89 -26.74
CA ASP E 71 0.46 12.18 -25.48
C ASP E 71 -0.74 12.39 -24.57
N MET E 72 -1.54 13.44 -24.78
CA MET E 72 -2.67 13.70 -23.90
C MET E 72 -3.74 12.63 -24.01
N VAL E 73 -3.98 12.13 -25.22
CA VAL E 73 -4.99 11.09 -25.41
C VAL E 73 -4.60 9.82 -24.67
N ASP E 74 -3.32 9.45 -24.73
CA ASP E 74 -2.85 8.28 -23.98
C ASP E 74 -2.93 8.52 -22.49
N GLN E 75 -2.62 9.73 -22.02
CA GLN E 75 -2.64 10.01 -20.59
C GLN E 75 -4.07 10.01 -20.05
N MET E 76 -5.02 10.51 -20.84
CA MET E 76 -6.42 10.45 -20.43
C MET E 76 -6.90 9.01 -20.33
N HIS E 77 -6.48 8.15 -21.27
CA HIS E 77 -6.80 6.73 -21.18
C HIS E 77 -6.11 6.09 -19.98
N GLU E 78 -4.91 6.55 -19.65
CA GLU E 78 -4.18 5.99 -18.52
C GLU E 78 -4.87 6.29 -17.19
N ASP E 79 -5.67 7.35 -17.14
CA ASP E 79 -6.39 7.70 -15.91
C ASP E 79 -7.65 6.87 -15.73
N VAL E 80 -8.50 6.82 -16.77
CA VAL E 80 -9.85 6.28 -16.62
C VAL E 80 -9.83 4.81 -16.22
N ILE E 81 -8.78 4.08 -16.58
CA ILE E 81 -8.63 2.72 -16.08
C ILE E 81 -8.36 2.72 -14.57
N SER E 82 -7.63 3.73 -14.08
CA SER E 82 -7.32 3.79 -12.66
C SER E 82 -8.49 4.30 -11.83
N LEU E 83 -9.25 5.28 -12.34
CA LEU E 83 -10.41 5.76 -11.60
C LEU E 83 -11.46 4.67 -11.43
N TRP E 84 -11.68 3.85 -12.47
CA TRP E 84 -12.68 2.79 -12.37
C TRP E 84 -12.28 1.75 -11.33
N ASP E 85 -11.00 1.36 -11.29
CA ASP E 85 -10.55 0.38 -10.31
C ASP E 85 -10.57 0.94 -8.90
N GLN E 86 -10.32 2.26 -8.75
CA GLN E 86 -10.36 2.86 -7.42
C GLN E 86 -11.77 2.83 -6.84
N SER E 87 -12.79 3.09 -7.66
CA SER E 87 -14.16 3.15 -7.17
C SER E 87 -14.80 1.78 -7.04
N LEU E 88 -14.21 0.74 -7.63
CA LEU E 88 -14.77 -0.60 -7.57
C LEU E 88 -14.09 -1.50 -6.55
N LYS E 89 -12.93 -1.10 -6.03
CA LYS E 89 -12.27 -1.89 -4.99
C LYS E 89 -13.09 -2.03 -3.72
N PRO E 90 -13.71 -0.95 -3.12
CA PRO E 90 -14.56 -1.13 -1.94
C PRO E 90 -15.99 -1.53 -2.29
N CYS E 91 -16.14 -2.57 -3.11
CA CYS E 91 -17.45 -3.07 -3.51
C CYS E 91 -17.44 -4.60 -3.40
N VAL E 92 -18.64 -5.15 -3.26
CA VAL E 92 -18.80 -6.58 -3.01
C VAL E 92 -18.52 -7.36 -4.29
N LYS E 93 -17.88 -8.51 -4.12
CA LYS E 93 -17.61 -9.43 -5.23
C LYS E 93 -18.76 -10.42 -5.35
N LEU E 94 -19.09 -10.80 -6.58
CA LEU E 94 -20.20 -11.70 -6.87
C LEU E 94 -19.73 -13.13 -7.13
N THR E 95 -18.67 -13.57 -6.45
CA THR E 95 -18.20 -14.95 -6.60
C THR E 95 -19.23 -15.99 -6.15
N PRO E 96 -19.88 -15.88 -4.98
CA PRO E 96 -20.86 -16.93 -4.61
C PRO E 96 -22.08 -17.00 -5.51
N LEU E 97 -22.35 -15.96 -6.32
CA LEU E 97 -23.53 -15.97 -7.18
C LEU E 97 -23.46 -17.05 -8.26
N CYS E 98 -22.26 -17.46 -8.65
CA CYS E 98 -22.06 -18.38 -9.76
C CYS E 98 -22.41 -19.80 -9.31
N VAL E 99 -23.71 -20.08 -9.26
CA VAL E 99 -24.25 -21.36 -8.86
C VAL E 99 -25.20 -21.87 -9.95
N THR E 100 -25.89 -22.96 -9.64
CA THR E 100 -26.87 -23.52 -10.57
C THR E 100 -28.12 -22.66 -10.60
N LEU E 101 -28.62 -22.40 -11.80
CA LEU E 101 -29.83 -21.60 -12.00
C LEU E 101 -30.93 -22.47 -12.59
N ASN E 102 -32.17 -22.19 -12.18
CA ASN E 102 -33.36 -22.84 -12.72
C ASN E 102 -34.24 -21.76 -13.33
N CYS E 103 -34.12 -21.55 -14.64
CA CYS E 103 -34.89 -20.55 -15.35
C CYS E 103 -35.99 -21.23 -16.15
N THR E 104 -37.00 -20.44 -16.51
CA THR E 104 -38.16 -20.97 -17.22
C THR E 104 -38.81 -19.84 -18.02
N ASN E 105 -39.97 -20.14 -18.58
CA ASN E 105 -40.74 -19.20 -19.39
C ASN E 105 -41.29 -18.10 -18.47
N THR E 106 -41.09 -16.84 -18.87
CA THR E 106 -41.53 -15.72 -18.03
C THR E 106 -43.05 -15.64 -18.02
N THR E 107 -43.62 -15.52 -16.82
CA THR E 107 -45.06 -15.43 -16.63
C THR E 107 -45.45 -13.97 -16.47
N VAL E 108 -46.40 -13.51 -17.28
CA VAL E 108 -46.90 -12.15 -17.23
C VAL E 108 -48.37 -12.18 -16.80
N SER E 109 -48.74 -11.26 -15.92
CA SER E 109 -50.11 -11.20 -15.40
C SER E 109 -51.06 -10.64 -16.46
N SER E 115 -47.84 -10.16 -28.59
CA SER E 115 -46.64 -9.91 -27.79
C SER E 115 -45.98 -11.23 -27.40
N ASN E 116 -46.34 -12.30 -28.09
CA ASN E 116 -45.79 -13.62 -27.81
C ASN E 116 -44.45 -13.87 -28.48
N ALA E 117 -43.96 -12.93 -29.30
CA ALA E 117 -42.70 -13.10 -30.00
C ALA E 117 -41.64 -12.07 -29.62
N ASN E 118 -41.96 -11.13 -28.73
CA ASN E 118 -41.01 -10.08 -28.35
C ASN E 118 -40.75 -10.04 -26.84
N PHE E 119 -41.29 -10.99 -26.08
CA PHE E 119 -41.11 -11.02 -24.64
C PHE E 119 -40.03 -11.97 -24.18
N GLU E 120 -39.28 -12.57 -25.11
CA GLU E 120 -38.25 -13.55 -24.76
C GLU E 120 -36.88 -12.88 -24.75
N GLU E 121 -36.71 -12.00 -23.76
CA GLU E 121 -35.41 -11.39 -23.47
C GLU E 121 -34.97 -11.57 -22.03
N MET E 122 -35.88 -11.79 -21.09
CA MET E 122 -35.56 -11.97 -19.68
C MET E 122 -36.20 -13.27 -19.19
N LYS E 123 -35.46 -14.02 -18.39
CA LYS E 123 -35.89 -15.32 -17.89
C LYS E 123 -35.99 -15.30 -16.38
N ASN E 124 -37.04 -15.93 -15.85
CA ASN E 124 -37.26 -16.01 -14.41
C ASN E 124 -36.43 -17.16 -13.84
N CYS E 125 -35.32 -16.83 -13.20
CA CYS E 125 -34.36 -17.82 -12.71
C CYS E 125 -34.43 -17.91 -11.19
N SER E 126 -34.24 -19.14 -10.69
CA SER E 126 -34.17 -19.41 -9.26
C SER E 126 -32.85 -20.12 -8.98
N PHE E 127 -32.06 -19.57 -8.06
CA PHE E 127 -30.74 -20.09 -7.74
C PHE E 127 -30.60 -20.28 -6.24
N ASN E 128 -29.81 -21.26 -5.85
CA ASN E 128 -29.50 -21.47 -4.44
C ASN E 128 -28.67 -20.31 -3.91
N ALA E 129 -29.07 -19.76 -2.78
CA ALA E 129 -28.42 -18.59 -2.21
C ALA E 129 -28.05 -18.86 -0.76
N THR E 130 -27.04 -18.13 -0.28
CA THR E 130 -26.57 -18.25 1.08
C THR E 130 -27.24 -17.20 1.95
N THR E 131 -27.84 -17.64 3.06
CA THR E 131 -28.51 -16.74 3.98
C THR E 131 -27.46 -16.09 4.90
N GLU E 132 -27.94 -15.48 5.99
CA GLU E 132 -27.04 -14.82 6.93
C GLU E 132 -26.06 -15.77 7.61
N ILE E 133 -26.33 -17.08 7.55
CA ILE E 133 -25.47 -18.09 8.13
C ILE E 133 -24.90 -18.95 7.01
N LYS E 134 -23.72 -19.52 7.25
CA LYS E 134 -22.99 -20.21 6.18
C LYS E 134 -23.60 -21.57 5.85
N ASP E 135 -23.96 -22.35 6.88
CA ASP E 135 -24.33 -23.74 6.65
C ASP E 135 -25.69 -23.86 5.97
N LYS E 136 -26.63 -23.00 6.32
CA LYS E 136 -27.98 -23.09 5.76
C LYS E 136 -28.07 -22.31 4.46
N LYS E 137 -28.87 -22.83 3.52
CA LYS E 137 -29.10 -22.19 2.24
C LYS E 137 -30.61 -22.02 2.04
N LYS E 138 -30.99 -20.94 1.36
CA LYS E 138 -32.39 -20.60 1.19
C LYS E 138 -32.66 -20.28 -0.27
N ASN E 139 -33.78 -20.80 -0.77
CA ASN E 139 -34.16 -20.60 -2.16
C ASN E 139 -34.50 -19.14 -2.42
N GLU E 140 -34.01 -18.62 -3.55
CA GLU E 140 -34.26 -17.25 -3.96
C GLU E 140 -34.40 -17.20 -5.47
N TYR E 141 -35.04 -16.13 -5.97
CA TYR E 141 -35.29 -15.97 -7.39
C TYR E 141 -34.85 -14.59 -7.86
N ALA E 142 -34.39 -14.52 -9.10
CA ALA E 142 -33.96 -13.26 -9.69
C ALA E 142 -34.17 -13.33 -11.20
N LEU E 143 -34.22 -12.16 -11.83
CA LEU E 143 -34.45 -12.04 -13.26
C LEU E 143 -33.12 -11.71 -13.95
N PHE E 144 -32.76 -12.53 -14.93
CA PHE E 144 -31.55 -12.32 -15.72
C PHE E 144 -31.89 -12.27 -17.20
N TYR E 145 -31.17 -11.44 -17.93
CA TYR E 145 -31.37 -11.32 -19.37
C TYR E 145 -30.86 -12.57 -20.08
N LYS E 146 -31.35 -12.77 -21.30
CA LYS E 146 -30.91 -13.90 -22.11
C LYS E 146 -29.44 -13.78 -22.47
N LEU E 147 -28.93 -12.55 -22.58
CA LEU E 147 -27.56 -12.31 -22.99
C LEU E 147 -26.53 -12.66 -21.93
N ASP E 148 -26.96 -12.78 -20.66
CA ASP E 148 -26.04 -13.01 -19.56
C ASP E 148 -26.02 -14.45 -19.09
N ILE E 149 -26.73 -15.35 -19.76
CA ILE E 149 -26.82 -16.75 -19.33
C ILE E 149 -26.49 -17.65 -20.51
N VAL E 150 -25.81 -18.76 -20.23
CA VAL E 150 -25.51 -19.77 -21.23
C VAL E 150 -26.09 -21.09 -20.73
N PRO E 151 -26.50 -22.01 -21.61
CA PRO E 151 -27.18 -23.22 -21.12
C PRO E 151 -26.25 -24.34 -20.69
N LEU E 152 -25.19 -23.98 -19.95
CA LEU E 152 -24.26 -24.91 -19.31
C LEU E 152 -23.90 -26.14 -20.15
N ASN E 153 -24.82 -27.10 -20.23
CA ASN E 153 -24.60 -28.37 -20.90
C ASN E 153 -25.70 -28.61 -21.93
N ASN E 154 -25.35 -29.35 -22.98
CA ASN E 154 -26.29 -29.61 -24.07
C ASN E 154 -27.50 -30.38 -23.57
N SER E 155 -28.69 -29.94 -24.01
CA SER E 155 -29.97 -30.56 -23.65
C SER E 155 -30.16 -30.58 -22.13
N SER E 156 -30.17 -29.39 -21.54
CA SER E 156 -30.35 -29.23 -20.11
C SER E 156 -31.34 -28.11 -19.83
N GLY E 157 -32.00 -28.20 -18.69
CA GLY E 157 -32.94 -27.20 -18.24
C GLY E 157 -32.37 -26.19 -17.27
N LYS E 158 -31.04 -26.12 -17.12
CA LYS E 158 -30.40 -25.22 -16.18
C LYS E 158 -29.41 -24.33 -16.92
N TYR E 159 -29.17 -23.15 -16.34
CA TYR E 159 -28.33 -22.14 -16.95
C TYR E 159 -27.29 -21.67 -15.94
N ARG E 160 -26.34 -20.87 -16.42
CA ARG E 160 -25.32 -20.28 -15.56
C ARG E 160 -24.87 -18.96 -16.17
N LEU E 161 -24.30 -18.11 -15.32
CA LEU E 161 -23.83 -16.80 -15.77
C LEU E 161 -22.63 -16.96 -16.71
N ILE E 162 -22.50 -16.02 -17.63
CA ILE E 162 -21.49 -16.13 -18.68
C ILE E 162 -20.09 -15.92 -18.14
N ASN E 163 -19.95 -15.18 -17.04
CA ASN E 163 -18.66 -14.77 -16.52
C ASN E 163 -18.14 -15.61 -15.34
N CYS E 164 -18.61 -16.85 -15.20
CA CYS E 164 -18.13 -17.72 -14.13
C CYS E 164 -16.95 -18.59 -14.56
N ASN E 165 -16.51 -18.50 -15.81
CA ASN E 165 -15.40 -19.31 -16.29
C ASN E 165 -14.25 -18.47 -16.84
N THR E 166 -14.26 -17.16 -16.61
CA THR E 166 -13.16 -16.34 -17.10
C THR E 166 -12.51 -15.46 -16.03
N SER E 167 -13.30 -14.93 -15.09
CA SER E 167 -12.76 -14.04 -14.05
C SER E 167 -13.83 -13.81 -13.01
N ALA E 168 -13.39 -13.40 -11.82
CA ALA E 168 -14.31 -12.97 -10.78
C ALA E 168 -14.90 -11.62 -11.15
N CYS E 169 -16.19 -11.45 -10.86
CA CYS E 169 -16.94 -10.26 -11.26
C CYS E 169 -17.39 -9.49 -10.02
N THR E 170 -17.11 -8.19 -10.01
CA THR E 170 -17.64 -7.28 -9.01
C THR E 170 -18.72 -6.39 -9.62
N GLN E 171 -19.46 -5.72 -8.77
CA GLN E 171 -20.55 -4.86 -9.20
C GLN E 171 -20.25 -3.41 -8.87
N ILE E 172 -20.83 -2.52 -9.67
CA ILE E 172 -20.76 -1.09 -9.39
C ILE E 172 -21.69 -0.78 -8.22
N CYS E 173 -21.13 -0.21 -7.16
CA CYS E 173 -21.92 0.09 -5.98
C CYS E 173 -22.94 1.18 -6.31
N PRO E 174 -24.16 1.08 -5.76
CA PRO E 174 -25.17 2.13 -6.04
C PRO E 174 -24.79 3.48 -5.47
N LYS E 175 -23.86 3.55 -4.53
CA LYS E 175 -23.51 4.81 -3.89
C LYS E 175 -22.73 5.74 -4.82
N VAL E 176 -22.20 5.23 -5.92
CA VAL E 176 -21.39 6.03 -6.85
C VAL E 176 -22.10 6.10 -8.20
N THR E 177 -22.12 7.30 -8.78
CA THR E 177 -22.72 7.55 -10.07
C THR E 177 -21.65 8.02 -11.04
N PHE E 178 -21.61 7.42 -12.23
CA PHE E 178 -20.57 7.68 -13.22
C PHE E 178 -21.05 8.61 -14.34
N GLU E 179 -21.92 9.55 -14.02
CA GLU E 179 -22.41 10.48 -15.04
C GLU E 179 -21.27 11.35 -15.56
N PRO E 180 -21.27 11.69 -16.85
CA PRO E 180 -20.11 12.40 -17.42
C PRO E 180 -20.04 13.86 -17.04
N ILE E 181 -19.50 14.15 -15.86
CA ILE E 181 -19.27 15.54 -15.45
C ILE E 181 -18.07 16.08 -16.21
N PRO E 182 -18.18 17.23 -16.86
CA PRO E 182 -17.03 17.78 -17.61
C PRO E 182 -15.85 18.07 -16.69
N ILE E 183 -14.65 17.78 -17.18
CA ILE E 183 -13.42 17.99 -16.44
C ILE E 183 -12.41 18.71 -17.35
N HIS E 184 -11.42 19.33 -16.72
CA HIS E 184 -10.36 20.04 -17.43
C HIS E 184 -9.02 19.40 -17.08
N TYR E 185 -8.23 19.10 -18.10
CA TYR E 185 -6.88 18.59 -17.93
C TYR E 185 -5.90 19.76 -18.04
N CYS E 186 -5.15 20.00 -16.97
CA CYS E 186 -4.23 21.14 -16.95
C CYS E 186 -2.82 20.69 -16.56
N ALA E 187 -1.83 21.30 -17.23
CA ALA E 187 -0.38 21.19 -17.18
C ALA E 187 0.19 22.00 -16.01
N PRO E 188 1.33 21.58 -15.45
CA PRO E 188 1.91 22.34 -14.34
C PRO E 188 2.54 23.66 -14.78
N ALA E 189 3.11 24.39 -13.84
CA ALA E 189 3.80 25.63 -14.16
C ALA E 189 5.05 25.34 -14.99
N GLY E 190 5.39 26.29 -15.86
CA GLY E 190 6.46 26.08 -16.80
C GLY E 190 6.07 25.34 -18.06
N TYR E 191 4.80 24.95 -18.18
CA TYR E 191 4.29 24.27 -19.36
C TYR E 191 3.01 24.96 -19.81
N ALA E 192 2.78 24.92 -21.13
CA ALA E 192 1.59 25.50 -21.72
C ALA E 192 1.12 24.58 -22.84
N ILE E 193 -0.13 24.79 -23.27
CA ILE E 193 -0.71 24.02 -24.37
C ILE E 193 -1.19 24.99 -25.44
N LEU E 194 -1.07 24.57 -26.70
CA LEU E 194 -1.39 25.41 -27.84
C LEU E 194 -2.69 24.95 -28.47
N LYS E 195 -3.57 25.91 -28.74
CA LYS E 195 -4.90 25.64 -29.29
C LYS E 195 -5.01 26.22 -30.69
N CYS E 196 -5.44 25.40 -31.64
CA CYS E 196 -5.64 25.84 -33.01
C CYS E 196 -7.02 26.48 -33.17
N ASN E 197 -7.17 27.26 -34.24
CA ASN E 197 -8.41 27.99 -34.46
C ASN E 197 -8.93 27.94 -35.88
N ASN E 198 -8.24 27.28 -36.81
CA ASN E 198 -8.73 27.17 -38.17
C ASN E 198 -9.90 26.19 -38.21
N LYS E 199 -11.05 26.67 -38.71
CA LYS E 199 -12.27 25.85 -38.68
C LYS E 199 -12.22 24.69 -39.65
N THR E 200 -11.39 24.77 -40.69
CA THR E 200 -11.25 23.71 -41.68
C THR E 200 -9.97 22.92 -41.49
N PHE E 201 -9.46 22.88 -40.26
CA PHE E 201 -8.20 22.23 -39.94
C PHE E 201 -8.44 20.80 -39.49
N ASN E 202 -7.85 19.85 -40.21
CA ASN E 202 -7.94 18.44 -39.85
C ASN E 202 -6.84 18.08 -38.87
N GLY E 203 -6.59 16.78 -38.69
CA GLY E 203 -5.69 16.35 -37.63
C GLY E 203 -4.26 16.83 -37.81
N THR E 204 -3.73 16.70 -39.02
CA THR E 204 -2.34 17.05 -39.31
C THR E 204 -2.30 18.23 -40.27
N GLY E 205 -1.51 19.24 -39.93
CA GLY E 205 -1.34 20.39 -40.76
C GLY E 205 -0.89 21.61 -39.99
N PRO E 206 -0.56 22.69 -40.70
CA PRO E 206 -0.17 23.93 -40.02
C PRO E 206 -1.37 24.79 -39.65
N CYS E 207 -1.26 25.43 -38.49
CA CYS E 207 -2.31 26.28 -37.96
C CYS E 207 -1.83 27.73 -37.99
N ASN E 208 -2.60 28.60 -38.64
CA ASN E 208 -2.22 30.00 -38.81
C ASN E 208 -2.87 30.92 -37.79
N ASN E 209 -3.65 30.38 -36.86
CA ASN E 209 -4.30 31.16 -35.80
C ASN E 209 -4.12 30.45 -34.45
N VAL E 210 -2.87 30.09 -34.16
CA VAL E 210 -2.57 29.38 -32.92
C VAL E 210 -2.79 30.31 -31.74
N SER E 211 -3.48 29.82 -30.72
CA SER E 211 -3.70 30.56 -29.49
C SER E 211 -3.30 29.69 -28.30
N THR E 212 -2.73 30.33 -27.28
CA THR E 212 -2.34 29.64 -26.07
C THR E 212 -3.45 29.73 -25.03
N VAL E 213 -3.55 28.71 -24.19
CA VAL E 213 -4.57 28.64 -23.16
C VAL E 213 -3.96 27.94 -21.95
N GLN E 214 -4.39 28.37 -20.75
CA GLN E 214 -3.84 27.78 -19.53
C GLN E 214 -4.13 26.29 -19.46
N CYS E 215 -5.38 25.90 -19.76
CA CYS E 215 -5.71 24.50 -20.01
C CYS E 215 -7.05 24.43 -20.71
N THR E 216 -7.35 23.22 -21.22
CA THR E 216 -8.46 23.01 -22.14
C THR E 216 -9.81 23.27 -21.48
N HIS E 217 -10.85 23.27 -22.32
CA HIS E 217 -12.21 23.49 -21.86
C HIS E 217 -12.77 22.22 -21.24
N GLY E 218 -14.04 22.28 -20.85
CA GLY E 218 -14.69 21.14 -20.22
C GLY E 218 -14.85 19.99 -21.19
N ILE E 219 -14.35 18.82 -20.82
CA ILE E 219 -14.43 17.62 -21.64
C ILE E 219 -15.25 16.58 -20.89
N LYS E 220 -16.28 16.05 -21.55
CA LYS E 220 -17.14 15.05 -20.93
C LYS E 220 -16.63 13.67 -21.29
N PRO E 221 -16.15 12.88 -20.32
CA PRO E 221 -15.72 11.51 -20.64
C PRO E 221 -16.92 10.61 -20.93
N VAL E 222 -17.13 10.29 -22.19
CA VAL E 222 -18.26 9.49 -22.63
C VAL E 222 -17.73 8.25 -23.34
N VAL E 223 -18.20 7.08 -22.92
CA VAL E 223 -17.83 5.82 -23.55
C VAL E 223 -18.86 5.50 -24.64
N SER E 224 -18.39 5.36 -25.86
CA SER E 224 -19.25 5.09 -26.99
C SER E 224 -18.46 4.31 -28.04
N THR E 225 -19.19 3.67 -28.95
CA THR E 225 -18.56 2.86 -29.99
C THR E 225 -18.86 3.35 -31.39
N GLN E 226 -20.11 3.71 -31.69
CA GLN E 226 -20.49 4.09 -33.05
C GLN E 226 -20.89 5.54 -33.19
N LEU E 227 -21.55 6.13 -32.19
CA LEU E 227 -22.00 7.51 -32.27
C LEU E 227 -21.52 8.28 -31.06
N LEU E 228 -21.05 9.51 -31.28
CA LEU E 228 -20.63 10.39 -30.22
C LEU E 228 -21.82 11.21 -29.73
N LEU E 229 -21.99 11.30 -28.42
CA LEU E 229 -23.11 11.98 -27.82
C LEU E 229 -22.62 13.15 -26.96
N ASN E 230 -23.53 14.11 -26.76
CA ASN E 230 -23.38 15.30 -25.90
C ASN E 230 -21.96 15.87 -25.91
N GLY E 231 -21.41 16.04 -27.11
CA GLY E 231 -20.08 16.57 -27.29
C GLY E 231 -20.08 17.95 -27.92
N SER E 232 -18.87 18.44 -28.18
CA SER E 232 -18.71 19.75 -28.80
C SER E 232 -19.09 19.70 -30.28
N LEU E 233 -19.47 20.85 -30.81
CA LEU E 233 -19.92 20.98 -32.19
C LEU E 233 -18.91 21.77 -33.01
N ALA E 234 -18.74 21.37 -34.27
CA ALA E 234 -17.86 22.09 -35.17
C ALA E 234 -18.49 23.44 -35.56
N GLU E 235 -17.67 24.31 -36.14
CA GLU E 235 -18.08 25.67 -36.44
C GLU E 235 -18.46 25.86 -37.92
N LYS E 236 -17.54 25.56 -38.83
CA LYS E 236 -17.78 25.88 -40.24
C LYS E 236 -18.60 24.81 -40.94
N GLU E 237 -18.08 23.59 -41.00
CA GLU E 237 -18.72 22.53 -41.78
C GLU E 237 -18.31 21.18 -41.20
N ILE E 238 -18.69 20.12 -41.90
CA ILE E 238 -18.31 18.76 -41.51
C ILE E 238 -16.82 18.55 -41.79
N ILE E 239 -16.10 18.06 -40.78
CA ILE E 239 -14.66 17.84 -40.88
C ILE E 239 -14.39 16.36 -40.70
N ILE E 240 -13.70 15.76 -41.68
CA ILE E 240 -13.32 14.35 -41.64
C ILE E 240 -11.82 14.27 -41.49
N ARG E 241 -11.36 13.58 -40.44
CA ARG E 241 -9.94 13.47 -40.12
C ARG E 241 -9.55 12.00 -40.11
N SER E 242 -8.43 11.70 -40.75
CA SER E 242 -7.92 10.33 -40.79
C SER E 242 -6.41 10.37 -40.95
N GLU E 243 -5.73 9.40 -40.33
CA GLU E 243 -4.28 9.32 -40.42
C GLU E 243 -3.83 8.98 -41.84
N ASN E 244 -4.53 8.07 -42.51
CA ASN E 244 -4.20 7.68 -43.88
C ASN E 244 -5.50 7.35 -44.59
N LEU E 245 -5.90 8.20 -45.54
CA LEU E 245 -7.15 7.98 -46.26
C LEU E 245 -7.09 6.73 -47.13
N THR E 246 -5.95 6.50 -47.79
CA THR E 246 -5.85 5.36 -48.70
C THR E 246 -5.84 4.03 -47.95
N ASN E 247 -5.35 4.02 -46.72
CA ASN E 247 -5.31 2.78 -45.93
C ASN E 247 -6.71 2.48 -45.40
N ASN E 248 -7.22 1.30 -45.73
CA ASN E 248 -8.55 0.88 -45.32
C ASN E 248 -8.58 0.25 -43.93
N ALA E 249 -7.43 -0.07 -43.35
CA ALA E 249 -7.38 -0.71 -42.04
C ALA E 249 -7.54 0.28 -40.89
N LYS E 250 -7.44 1.58 -41.14
CA LYS E 250 -7.55 2.58 -40.08
C LYS E 250 -8.93 3.23 -40.13
N THR E 251 -9.42 3.62 -38.96
CA THR E 251 -10.75 4.19 -38.85
C THR E 251 -10.78 5.62 -39.36
N ILE E 252 -11.99 6.12 -39.60
CA ILE E 252 -12.23 7.48 -40.05
C ILE E 252 -13.22 8.14 -39.10
N ILE E 253 -12.86 9.31 -38.58
CA ILE E 253 -13.68 10.03 -37.61
C ILE E 253 -14.33 11.21 -38.34
N VAL E 254 -15.65 11.31 -38.23
CA VAL E 254 -16.43 12.37 -38.86
C VAL E 254 -17.06 13.23 -37.78
N HIS E 255 -16.85 14.54 -37.86
CA HIS E 255 -17.36 15.49 -36.89
C HIS E 255 -18.52 16.26 -37.52
N LEU E 256 -19.63 16.35 -36.79
CA LEU E 256 -20.83 17.01 -37.27
C LEU E 256 -20.99 18.36 -36.58
N ASN E 257 -21.19 19.41 -37.36
CA ASN E 257 -21.43 20.73 -36.80
C ASN E 257 -22.90 20.97 -36.46
N GLU E 258 -23.81 20.12 -36.94
CA GLU E 258 -25.22 20.20 -36.62
C GLU E 258 -25.62 18.91 -35.93
N SER E 259 -26.22 19.04 -34.74
CA SER E 259 -26.57 17.87 -33.93
C SER E 259 -27.99 17.41 -34.24
N VAL E 260 -28.19 16.10 -34.14
CA VAL E 260 -29.50 15.48 -34.34
C VAL E 260 -29.94 14.85 -33.03
N GLY E 261 -31.22 15.00 -32.70
CA GLY E 261 -31.72 14.53 -31.42
C GLY E 261 -31.90 13.02 -31.38
N ILE E 262 -31.53 12.44 -30.25
CA ILE E 262 -31.71 11.02 -30.00
C ILE E 262 -32.47 10.86 -28.69
N VAL E 263 -33.50 10.00 -28.71
CA VAL E 263 -34.33 9.72 -27.54
C VAL E 263 -34.37 8.21 -27.37
N CYS E 264 -33.65 7.70 -26.36
CA CYS E 264 -33.62 6.28 -26.05
C CYS E 264 -34.20 6.08 -24.66
N THR E 265 -35.17 5.16 -24.56
CA THR E 265 -35.88 4.93 -23.30
C THR E 265 -36.07 3.45 -23.09
N ARG E 266 -36.30 3.08 -21.83
CA ARG E 266 -36.53 1.70 -21.42
C ARG E 266 -37.82 1.69 -20.61
N PRO E 267 -38.98 1.63 -21.28
CA PRO E 267 -40.25 1.72 -20.55
C PRO E 267 -40.63 0.41 -19.88
N SER E 268 -40.44 0.36 -18.55
CA SER E 268 -40.87 -0.74 -17.69
C SER E 268 -40.62 -0.32 -16.25
N ASN E 269 -41.56 -0.66 -15.38
CA ASN E 269 -41.42 -0.40 -13.94
C ASN E 269 -41.12 -1.73 -13.26
N MET E 270 -39.84 -1.98 -13.03
CA MET E 270 -39.37 -3.24 -12.45
C MET E 270 -38.80 -2.97 -11.07
N THR E 271 -39.29 -3.70 -10.07
CA THR E 271 -38.89 -3.46 -8.69
C THR E 271 -37.43 -3.84 -8.48
N ARG E 272 -36.70 -2.99 -7.77
CA ARG E 272 -35.30 -3.24 -7.43
C ARG E 272 -35.28 -4.04 -6.14
N LYS E 273 -35.04 -5.34 -6.26
CA LYS E 273 -35.09 -6.26 -5.13
C LYS E 273 -33.71 -6.42 -4.50
N SER E 274 -33.67 -6.33 -3.18
CA SER E 274 -32.45 -6.53 -2.42
C SER E 274 -32.31 -8.00 -2.07
N ILE E 275 -31.17 -8.60 -2.41
CA ILE E 275 -30.94 -10.02 -2.24
C ILE E 275 -29.61 -10.20 -1.51
N ARG E 276 -29.56 -11.20 -0.62
CA ARG E 276 -28.38 -11.49 0.18
C ARG E 276 -27.77 -12.81 -0.27
N ILE E 277 -26.44 -12.84 -0.37
CA ILE E 277 -25.73 -14.03 -0.81
C ILE E 277 -24.67 -14.46 0.21
N GLY E 278 -24.77 -13.98 1.43
CA GLY E 278 -23.83 -14.36 2.47
C GLY E 278 -23.71 -13.32 3.57
N PRO E 279 -22.80 -13.56 4.52
CA PRO E 279 -22.62 -12.61 5.62
C PRO E 279 -21.98 -11.31 5.16
N GLY E 280 -22.77 -10.23 5.14
CA GLY E 280 -22.29 -8.95 4.67
C GLY E 280 -22.19 -8.83 3.17
N GLN E 281 -22.67 -9.81 2.42
CA GLN E 281 -22.59 -9.82 0.97
C GLN E 281 -23.99 -9.70 0.40
N THR E 282 -24.20 -8.70 -0.45
CA THR E 282 -25.50 -8.47 -1.05
C THR E 282 -25.34 -7.73 -2.36
N PHE E 283 -26.27 -7.98 -3.28
CA PHE E 283 -26.35 -7.23 -4.53
C PHE E 283 -27.83 -6.99 -4.84
N TYR E 284 -28.08 -6.33 -5.96
CA TYR E 284 -29.43 -5.92 -6.33
C TYR E 284 -29.77 -6.50 -7.71
N ALA E 285 -31.00 -7.00 -7.84
CA ALA E 285 -31.42 -7.61 -9.09
C ALA E 285 -32.82 -7.14 -9.49
N LEU E 286 -33.39 -7.77 -10.52
CA LEU E 286 -34.70 -7.38 -11.02
C LEU E 286 -35.78 -8.20 -10.32
N GLY E 287 -36.73 -7.50 -9.70
CA GLY E 287 -37.76 -8.17 -8.91
C GLY E 287 -38.85 -8.83 -9.71
N ASP E 288 -39.64 -8.01 -10.42
CA ASP E 288 -40.77 -8.51 -11.20
C ASP E 288 -41.21 -7.42 -12.17
N ILE E 289 -42.18 -7.77 -13.02
CA ILE E 289 -42.69 -6.88 -14.04
C ILE E 289 -44.14 -6.55 -13.72
N ILE E 290 -44.46 -5.25 -13.67
CA ILE E 290 -45.82 -4.81 -13.44
C ILE E 290 -46.36 -4.19 -14.73
N GLY E 291 -47.04 -5.01 -15.53
CA GLY E 291 -47.57 -4.55 -16.80
C GLY E 291 -47.22 -5.48 -17.95
N ASP E 292 -46.96 -4.91 -19.12
CA ASP E 292 -46.60 -5.68 -20.31
C ASP E 292 -45.11 -5.55 -20.58
N ILE E 293 -44.54 -6.63 -21.13
CA ILE E 293 -43.11 -6.66 -21.46
C ILE E 293 -42.92 -5.94 -22.79
N ARG E 294 -42.32 -4.76 -22.75
CA ARG E 294 -42.06 -3.95 -23.94
C ARG E 294 -40.57 -3.72 -24.07
N GLN E 295 -40.02 -4.04 -25.25
CA GLN E 295 -38.60 -3.88 -25.47
C GLN E 295 -38.22 -2.40 -25.59
N PRO E 296 -37.02 -2.03 -25.16
CA PRO E 296 -36.58 -0.64 -25.31
C PRO E 296 -36.38 -0.27 -26.77
N HIS E 297 -36.47 1.04 -27.03
CA HIS E 297 -36.37 1.55 -28.38
C HIS E 297 -35.70 2.92 -28.36
N CYS E 298 -35.28 3.37 -29.55
CA CYS E 298 -34.64 4.66 -29.70
C CYS E 298 -35.33 5.45 -30.80
N ASN E 299 -35.35 6.77 -30.64
CA ASN E 299 -36.07 7.68 -31.53
C ASN E 299 -35.08 8.55 -32.30
N ILE E 300 -35.12 8.45 -33.63
CA ILE E 300 -34.29 9.26 -34.52
C ILE E 300 -35.18 9.85 -35.61
N SER E 301 -35.09 11.16 -35.80
CA SER E 301 -35.86 11.82 -36.85
C SER E 301 -35.36 11.40 -38.23
N LYS E 302 -36.29 11.17 -39.15
CA LYS E 302 -35.92 10.80 -40.52
C LYS E 302 -35.29 11.97 -41.26
N GLN E 303 -35.93 13.14 -41.22
CA GLN E 303 -35.43 14.27 -41.99
C GLN E 303 -34.08 14.75 -41.49
N ASN E 304 -33.90 14.79 -40.17
CA ASN E 304 -32.63 15.21 -39.60
C ASN E 304 -31.50 14.23 -39.93
N TRP E 305 -31.78 12.93 -39.85
CA TRP E 305 -30.76 11.94 -40.18
C TRP E 305 -30.49 11.89 -41.68
N ASN E 306 -31.52 12.07 -42.51
CA ASN E 306 -31.33 12.10 -43.95
C ASN E 306 -30.47 13.29 -44.36
N ARG E 307 -30.72 14.46 -43.76
CA ARG E 307 -29.92 15.64 -44.06
C ARG E 307 -28.47 15.47 -43.61
N THR E 308 -28.26 14.81 -42.47
CA THR E 308 -26.89 14.57 -41.99
C THR E 308 -26.16 13.61 -42.92
N LEU E 309 -26.80 12.48 -43.27
CA LEU E 309 -26.16 11.53 -44.18
C LEU E 309 -26.01 12.09 -45.58
N GLN E 310 -26.80 13.11 -45.93
CA GLN E 310 -26.70 13.70 -47.26
C GLN E 310 -25.44 14.55 -47.39
N GLN E 311 -25.13 15.36 -46.37
CA GLN E 311 -24.02 16.28 -46.47
C GLN E 311 -22.68 15.59 -46.25
N VAL E 312 -22.67 14.51 -45.46
CA VAL E 312 -21.42 13.81 -45.19
C VAL E 312 -20.91 13.12 -46.45
N GLY E 313 -21.81 12.63 -47.31
CA GLY E 313 -21.38 12.08 -48.58
C GLY E 313 -20.91 13.14 -49.55
N ARG E 314 -21.39 14.38 -49.38
CA ARG E 314 -20.96 15.48 -50.24
C ARG E 314 -19.49 15.78 -50.02
N LYS E 315 -19.07 15.90 -48.76
CA LYS E 315 -17.67 16.21 -48.48
C LYS E 315 -16.76 15.00 -48.70
N LEU E 316 -17.29 13.78 -48.52
CA LEU E 316 -16.49 12.57 -48.73
C LEU E 316 -16.16 12.36 -50.21
N ALA E 317 -16.78 13.11 -51.12
CA ALA E 317 -16.55 12.90 -52.55
C ALA E 317 -15.20 13.42 -53.01
N GLU E 318 -14.65 14.45 -52.35
CA GLU E 318 -13.37 14.99 -52.77
C GLU E 318 -12.21 14.08 -52.36
N HIS E 319 -12.30 13.47 -51.19
CA HIS E 319 -11.25 12.55 -50.77
C HIS E 319 -11.22 11.28 -51.61
N PHE E 320 -12.35 10.93 -52.23
CA PHE E 320 -12.45 9.77 -53.12
C PHE E 320 -13.15 10.25 -54.39
N PRO E 321 -12.43 10.91 -55.29
CA PRO E 321 -13.08 11.54 -56.45
C PRO E 321 -13.70 10.52 -57.38
N ASN E 322 -14.80 10.93 -58.01
CA ASN E 322 -15.57 10.17 -59.02
C ASN E 322 -15.93 8.76 -58.55
N ARG E 323 -15.99 8.53 -57.24
CA ARG E 323 -16.35 7.24 -56.67
C ARG E 323 -17.73 7.32 -56.04
N ASN E 324 -18.57 6.34 -56.34
CA ASN E 324 -19.88 6.26 -55.70
C ASN E 324 -19.73 5.94 -54.22
N ILE E 325 -20.59 6.55 -53.41
CA ILE E 325 -20.53 6.43 -51.96
C ILE E 325 -21.78 5.73 -51.48
N THR E 326 -21.62 4.64 -50.73
CA THR E 326 -22.75 3.88 -50.19
C THR E 326 -22.56 3.66 -48.70
N PHE E 327 -23.67 3.60 -47.98
CA PHE E 327 -23.68 3.34 -46.55
C PHE E 327 -24.26 1.96 -46.27
N ASN E 328 -23.56 1.19 -45.45
CA ASN E 328 -23.98 -0.18 -45.14
C ASN E 328 -23.78 -0.44 -43.65
N HIS E 329 -24.51 -1.42 -43.14
CA HIS E 329 -24.44 -1.78 -41.73
C HIS E 329 -23.12 -2.51 -41.44
N SER E 330 -22.94 -2.80 -40.14
CA SER E 330 -21.71 -3.44 -39.70
C SER E 330 -21.64 -4.89 -40.18
N SER E 331 -20.42 -5.42 -40.20
CA SER E 331 -20.20 -6.79 -40.68
C SER E 331 -20.87 -7.81 -39.78
N GLY E 332 -20.68 -7.68 -38.46
CA GLY E 332 -21.26 -8.58 -37.50
C GLY E 332 -20.19 -9.14 -36.58
N GLY E 333 -20.51 -10.25 -35.94
CA GLY E 333 -19.59 -10.90 -35.03
C GLY E 333 -19.93 -10.67 -33.57
N ASP E 334 -18.97 -10.24 -32.78
CA ASP E 334 -19.21 -9.94 -31.37
C ASP E 334 -20.12 -8.73 -31.23
N LEU E 335 -20.97 -8.77 -30.21
CA LEU E 335 -21.95 -7.70 -30.00
C LEU E 335 -21.30 -6.40 -29.51
N GLU E 336 -20.09 -6.49 -28.97
CA GLU E 336 -19.46 -5.31 -28.36
C GLU E 336 -19.18 -4.23 -29.40
N ILE E 337 -18.72 -4.62 -30.59
CA ILE E 337 -18.36 -3.65 -31.63
C ILE E 337 -19.37 -3.61 -32.76
N THR E 338 -20.31 -4.55 -32.84
CA THR E 338 -21.29 -4.54 -33.93
C THR E 338 -22.33 -3.44 -33.73
N THR E 339 -22.78 -3.25 -32.49
CA THR E 339 -23.84 -2.30 -32.19
C THR E 339 -23.28 -1.03 -31.56
N HIS E 340 -24.16 -0.06 -31.36
CA HIS E 340 -23.81 1.23 -30.78
C HIS E 340 -24.10 1.19 -29.28
N SER E 341 -23.06 1.21 -28.47
CA SER E 341 -23.17 1.05 -27.03
C SER E 341 -23.02 2.39 -26.33
N PHE E 342 -23.89 2.66 -25.38
CA PHE E 342 -23.84 3.88 -24.59
C PHE E 342 -24.43 3.59 -23.21
N ASN E 343 -24.60 4.64 -22.41
CA ASN E 343 -25.12 4.50 -21.05
C ASN E 343 -26.30 5.45 -20.86
N CYS E 344 -27.21 5.05 -19.96
CA CYS E 344 -28.41 5.83 -19.68
C CYS E 344 -28.80 5.58 -18.23
N ARG E 345 -28.47 6.54 -17.36
CA ARG E 345 -28.82 6.48 -15.94
C ARG E 345 -28.27 5.22 -15.28
N GLY E 346 -27.05 4.83 -15.65
CA GLY E 346 -26.43 3.65 -15.08
C GLY E 346 -26.82 2.34 -15.72
N GLU E 347 -27.59 2.38 -16.81
CA GLU E 347 -28.01 1.17 -17.52
C GLU E 347 -27.34 1.13 -18.88
N PHE E 348 -26.74 -0.02 -19.21
CA PHE E 348 -26.00 -0.17 -20.46
C PHE E 348 -26.93 -0.59 -21.58
N PHE E 349 -26.70 0.00 -22.76
CA PHE E 349 -27.50 -0.29 -23.95
C PHE E 349 -26.58 -0.78 -25.06
N TYR E 350 -27.02 -1.81 -25.77
CA TYR E 350 -26.32 -2.34 -26.95
C TYR E 350 -27.33 -2.35 -28.09
N CYS E 351 -27.32 -1.32 -28.93
CA CYS E 351 -28.42 -1.10 -29.86
C CYS E 351 -28.02 -1.24 -31.31
N ASN E 352 -28.76 -2.08 -32.03
CA ASN E 352 -28.60 -2.37 -33.45
C ASN E 352 -28.93 -1.13 -34.28
N THR E 353 -27.93 -0.56 -34.94
CA THR E 353 -28.12 0.61 -35.79
C THR E 353 -28.35 0.23 -37.26
N SER E 354 -29.31 -0.67 -37.50
CA SER E 354 -29.60 -1.09 -38.87
C SER E 354 -30.40 -0.06 -39.64
N GLY E 355 -31.33 0.64 -38.98
CA GLY E 355 -32.20 1.56 -39.67
C GLY E 355 -31.59 2.90 -39.99
N LEU E 356 -30.37 3.17 -39.51
CA LEU E 356 -29.70 4.44 -39.76
C LEU E 356 -28.84 4.39 -41.01
N PHE E 357 -28.02 3.34 -41.14
CA PHE E 357 -27.12 3.20 -42.28
C PHE E 357 -27.79 2.34 -43.35
N ASN E 358 -28.76 2.95 -44.01
CA ASN E 358 -29.66 2.26 -44.95
C ASN E 358 -29.81 3.10 -46.21
N GLY E 359 -28.69 3.57 -46.74
CA GLY E 359 -28.75 4.45 -47.90
C GLY E 359 -27.50 4.43 -48.73
N THR E 360 -27.60 5.08 -49.89
CA THR E 360 -26.50 5.21 -50.84
C THR E 360 -26.54 6.61 -51.44
N TYR E 361 -25.38 7.25 -51.53
CA TYR E 361 -25.28 8.61 -52.04
C TYR E 361 -24.79 8.59 -53.49
N HIS E 362 -25.54 9.26 -54.36
CA HIS E 362 -25.12 9.50 -55.73
C HIS E 362 -24.78 10.97 -55.91
N PRO E 363 -23.58 11.29 -56.39
CA PRO E 363 -23.19 12.70 -56.50
C PRO E 363 -24.07 13.53 -57.41
N ASN E 364 -24.64 12.93 -58.44
CA ASN E 364 -25.52 13.63 -59.38
C ASN E 364 -26.96 13.28 -59.10
N GLY E 365 -27.80 14.30 -58.92
CA GLY E 365 -29.20 14.10 -58.68
C GLY E 365 -29.77 15.26 -57.88
N THR E 366 -31.02 15.07 -57.45
CA THR E 366 -31.72 16.05 -56.63
C THR E 366 -32.09 15.41 -55.30
N TYR E 367 -31.90 16.18 -54.21
CA TYR E 367 -32.15 15.68 -52.86
C TYR E 367 -32.84 16.73 -52.01
N ASN E 368 -33.86 17.38 -52.57
CA ASN E 368 -34.61 18.37 -51.82
C ASN E 368 -35.40 17.70 -50.70
N GLU E 369 -35.57 18.44 -49.60
CA GLU E 369 -36.15 17.87 -48.38
C GLU E 369 -37.67 17.91 -48.36
N THR E 370 -38.32 18.55 -49.33
CA THR E 370 -39.78 18.58 -49.35
C THR E 370 -40.37 17.24 -49.77
N ALA E 371 -39.59 16.38 -50.42
CA ALA E 371 -40.09 15.07 -50.82
C ALA E 371 -40.22 14.12 -49.64
N VAL E 372 -39.36 14.28 -48.63
CA VAL E 372 -39.37 13.40 -47.46
C VAL E 372 -40.51 13.81 -46.54
N ASN E 373 -41.34 12.84 -46.16
CA ASN E 373 -42.43 13.10 -45.23
C ASN E 373 -41.88 13.41 -43.84
N SER E 374 -42.47 14.41 -43.19
CA SER E 374 -42.02 14.84 -41.88
C SER E 374 -42.64 13.96 -40.79
N SER E 375 -42.16 14.17 -39.56
CA SER E 375 -42.65 13.46 -38.37
C SER E 375 -42.51 11.95 -38.53
N ASP E 376 -41.40 11.51 -39.11
CA ASP E 376 -41.09 10.09 -39.26
C ASP E 376 -39.90 9.73 -38.39
N THR E 377 -40.01 8.61 -37.68
CA THR E 377 -39.02 8.21 -36.69
C THR E 377 -38.47 6.82 -37.01
N ILE E 378 -37.15 6.68 -36.90
CA ILE E 378 -36.49 5.38 -36.97
C ILE E 378 -36.47 4.78 -35.56
N THR E 379 -37.10 3.63 -35.40
CA THR E 379 -37.09 2.90 -34.14
C THR E 379 -35.97 1.86 -34.20
N LEU E 380 -35.15 1.82 -33.16
CA LEU E 380 -33.97 0.96 -33.12
C LEU E 380 -34.19 -0.10 -32.04
N GLN E 381 -34.63 -1.29 -32.45
CA GLN E 381 -34.91 -2.36 -31.51
C GLN E 381 -33.62 -2.86 -30.88
N CYS E 382 -33.60 -2.95 -29.55
CA CYS E 382 -32.39 -3.37 -28.87
C CYS E 382 -32.72 -3.82 -27.45
N ARG E 383 -31.67 -4.27 -26.76
CA ARG E 383 -31.79 -5.03 -25.53
C ARG E 383 -30.81 -4.48 -24.50
N ILE E 384 -30.96 -4.93 -23.26
CA ILE E 384 -30.14 -4.47 -22.14
C ILE E 384 -29.20 -5.60 -21.72
N LYS E 385 -27.91 -5.30 -21.64
CA LYS E 385 -26.90 -6.22 -21.15
C LYS E 385 -26.32 -5.62 -19.88
N GLN E 386 -26.50 -6.30 -18.75
CA GLN E 386 -26.11 -5.78 -17.44
C GLN E 386 -24.82 -6.40 -16.93
N ILE E 387 -24.17 -7.25 -17.71
CA ILE E 387 -22.81 -7.73 -17.42
C ILE E 387 -21.94 -7.31 -18.60
N ILE E 388 -20.92 -6.48 -18.33
CA ILE E 388 -20.19 -5.78 -19.38
C ILE E 388 -18.70 -6.03 -19.20
N ASN E 389 -18.05 -6.44 -20.28
CA ASN E 389 -16.58 -6.42 -20.37
C ASN E 389 -16.17 -5.22 -21.19
N MET E 390 -15.34 -4.35 -20.61
CA MET E 390 -15.01 -3.07 -21.19
C MET E 390 -13.50 -3.01 -21.45
N TRP E 391 -13.12 -2.17 -22.42
CA TRP E 391 -11.77 -2.01 -22.97
C TRP E 391 -11.39 -3.17 -23.90
N GLN E 392 -12.37 -3.91 -24.39
CA GLN E 392 -12.20 -4.91 -25.45
C GLN E 392 -11.27 -6.05 -25.05
N GLU E 393 -11.01 -6.22 -23.75
CA GLU E 393 -10.20 -7.33 -23.26
C GLU E 393 -10.94 -8.00 -22.10
N VAL E 394 -10.97 -9.33 -22.11
CA VAL E 394 -11.68 -10.08 -21.07
C VAL E 394 -10.69 -10.33 -19.94
N GLY E 395 -10.51 -9.30 -19.12
CA GLY E 395 -9.73 -9.42 -17.90
C GLY E 395 -10.49 -8.96 -16.69
N ARG E 396 -11.47 -8.07 -16.90
CA ARG E 396 -12.27 -7.50 -15.83
C ARG E 396 -13.75 -7.68 -16.15
N CYS E 397 -14.57 -7.71 -15.11
CA CYS E 397 -16.02 -7.86 -15.26
C CYS E 397 -16.72 -6.82 -14.39
N MET E 398 -17.88 -6.38 -14.87
CA MET E 398 -18.70 -5.41 -14.17
C MET E 398 -20.14 -5.87 -14.14
N TYR E 399 -20.87 -5.42 -13.12
CA TYR E 399 -22.27 -5.80 -12.92
C TYR E 399 -23.05 -4.53 -12.59
N ALA E 400 -23.87 -4.07 -13.53
CA ALA E 400 -24.62 -2.83 -13.34
C ALA E 400 -25.93 -3.12 -12.62
N PRO E 401 -26.19 -2.49 -11.48
CA PRO E 401 -27.45 -2.73 -10.79
C PRO E 401 -28.59 -2.05 -11.52
N PRO E 402 -29.82 -2.56 -11.39
CA PRO E 402 -30.95 -1.95 -12.08
C PRO E 402 -31.46 -0.70 -11.37
N ILE E 403 -32.29 0.05 -12.08
CA ILE E 403 -32.91 1.27 -11.58
C ILE E 403 -34.41 1.06 -11.58
N ALA E 404 -35.05 1.34 -10.44
CA ALA E 404 -36.49 1.17 -10.32
C ALA E 404 -37.22 2.16 -11.23
N GLY E 405 -38.30 1.68 -11.85
CA GLY E 405 -39.08 2.48 -12.76
C GLY E 405 -38.44 2.59 -14.13
N ASN E 406 -39.18 3.17 -15.07
CA ASN E 406 -38.67 3.35 -16.41
C ASN E 406 -37.69 4.51 -16.45
N ILE E 407 -36.76 4.44 -17.40
CA ILE E 407 -35.71 5.44 -17.55
C ILE E 407 -35.75 5.98 -18.97
N THR E 408 -35.28 7.21 -19.13
CA THR E 408 -35.20 7.84 -20.43
C THR E 408 -33.99 8.76 -20.47
N CYS E 409 -33.44 8.96 -21.66
CA CYS E 409 -32.28 9.82 -21.86
C CYS E 409 -32.48 10.65 -23.11
N ASN E 410 -32.06 11.91 -23.05
CA ASN E 410 -32.12 12.83 -24.18
C ASN E 410 -30.72 13.33 -24.47
N SER E 411 -30.31 13.26 -25.73
CA SER E 411 -28.98 13.67 -26.12
C SER E 411 -29.00 14.11 -27.58
N ASN E 412 -27.88 14.67 -28.01
CA ASN E 412 -27.70 15.16 -29.38
C ASN E 412 -26.41 14.59 -29.94
N ILE E 413 -26.51 13.92 -31.10
CA ILE E 413 -25.37 13.20 -31.67
C ILE E 413 -24.31 14.19 -32.14
N THR E 414 -23.05 13.88 -31.84
CA THR E 414 -21.94 14.77 -32.14
C THR E 414 -21.10 14.31 -33.33
N GLY E 415 -20.66 13.05 -33.33
CA GLY E 415 -19.75 12.57 -34.35
C GLY E 415 -20.09 11.17 -34.79
N LEU E 416 -19.44 10.75 -35.88
CA LEU E 416 -19.61 9.44 -36.46
C LEU E 416 -18.27 8.73 -36.53
N LEU E 417 -18.27 7.43 -36.24
CA LEU E 417 -17.07 6.60 -36.32
C LEU E 417 -17.26 5.65 -37.50
N LEU E 418 -16.56 5.91 -38.60
CA LEU E 418 -16.71 5.15 -39.83
C LEU E 418 -15.41 4.45 -40.19
N THR E 419 -15.54 3.34 -40.89
CA THR E 419 -14.40 2.59 -41.43
C THR E 419 -14.66 2.29 -42.89
N ARG E 420 -13.59 2.22 -43.66
CA ARG E 420 -13.66 1.99 -45.10
C ARG E 420 -13.20 0.58 -45.42
N ASP E 421 -14.01 -0.15 -46.20
CA ASP E 421 -13.63 -1.48 -46.64
C ASP E 421 -12.62 -1.41 -47.78
N GLY E 422 -13.00 -0.76 -48.89
CA GLY E 422 -12.10 -0.57 -49.99
C GLY E 422 -11.72 -1.83 -50.72
N GLY E 423 -12.67 -2.44 -51.42
CA GLY E 423 -12.41 -3.63 -52.21
C GLY E 423 -11.37 -3.42 -53.29
N ILE E 424 -10.37 -4.30 -53.33
CA ILE E 424 -9.30 -4.17 -54.31
C ILE E 424 -9.84 -4.38 -55.72
N ASN E 425 -10.65 -5.41 -55.92
CA ASN E 425 -11.23 -5.70 -57.21
C ASN E 425 -12.48 -4.88 -57.50
N GLN E 426 -12.95 -4.08 -56.54
CA GLN E 426 -14.16 -3.29 -56.71
C GLN E 426 -13.80 -1.87 -57.12
N THR E 427 -14.48 -1.38 -58.16
CA THR E 427 -14.29 -0.03 -58.67
C THR E 427 -15.63 0.68 -58.70
N GLY E 428 -15.60 1.99 -58.51
CA GLY E 428 -16.82 2.77 -58.46
C GLY E 428 -17.35 2.96 -57.06
N GLU E 429 -18.28 2.11 -56.65
CA GLU E 429 -18.89 2.23 -55.33
C GLU E 429 -17.86 2.00 -54.23
N GLU E 430 -17.87 2.88 -53.23
CA GLU E 430 -17.01 2.77 -52.06
C GLU E 430 -17.89 2.43 -50.85
N ILE E 431 -17.56 1.34 -50.17
CA ILE E 431 -18.38 0.82 -49.08
C ILE E 431 -17.81 1.33 -47.76
N PHE E 432 -18.65 1.99 -46.98
CA PHE E 432 -18.29 2.49 -45.66
C PHE E 432 -19.11 1.77 -44.60
N ARG E 433 -18.42 1.25 -43.58
CA ARG E 433 -19.06 0.53 -42.50
C ARG E 433 -18.66 1.14 -41.17
N PRO E 434 -19.57 1.13 -40.18
CA PRO E 434 -19.20 1.60 -38.84
C PRO E 434 -18.32 0.58 -38.12
N GLY E 435 -17.52 1.09 -37.20
CA GLY E 435 -16.68 0.21 -36.41
C GLY E 435 -15.98 0.90 -35.26
N GLY E 436 -16.10 0.32 -34.06
CA GLY E 436 -15.36 0.79 -32.91
C GLY E 436 -14.04 0.05 -32.78
N GLY E 437 -13.12 0.30 -33.72
CA GLY E 437 -11.84 -0.38 -33.69
C GLY E 437 -11.01 -0.06 -32.46
N ASP E 438 -11.09 1.18 -31.99
CA ASP E 438 -10.43 1.58 -30.76
C ASP E 438 -11.32 2.59 -30.04
N MET E 439 -11.20 2.62 -28.72
CA MET E 439 -12.01 3.52 -27.91
C MET E 439 -11.35 4.88 -27.72
N ARG E 440 -10.04 4.99 -27.95
CA ARG E 440 -9.35 6.26 -27.90
C ARG E 440 -9.92 7.28 -28.90
N ASP E 441 -10.55 6.80 -29.97
CA ASP E 441 -11.14 7.70 -30.96
C ASP E 441 -12.30 8.51 -30.38
N ASN E 442 -12.89 8.06 -29.28
CA ASN E 442 -13.96 8.83 -28.64
C ASN E 442 -13.44 10.14 -28.07
N TRP E 443 -12.15 10.20 -27.73
CA TRP E 443 -11.55 11.41 -27.19
C TRP E 443 -10.59 12.10 -28.14
N ARG E 444 -10.15 11.42 -29.20
CA ARG E 444 -9.32 12.08 -30.21
C ARG E 444 -10.10 13.15 -30.95
N SER E 445 -11.41 12.98 -31.10
CA SER E 445 -12.25 13.99 -31.72
C SER E 445 -12.44 15.22 -30.84
N GLU E 446 -12.07 15.14 -29.56
CA GLU E 446 -12.18 16.26 -28.64
C GLU E 446 -10.86 16.99 -28.42
N LEU E 447 -9.75 16.24 -28.37
CA LEU E 447 -8.42 16.82 -28.18
C LEU E 447 -7.71 17.08 -29.50
N TYR E 448 -8.45 17.35 -30.57
CA TYR E 448 -7.86 17.58 -31.88
C TYR E 448 -7.28 18.97 -32.05
N LYS E 449 -7.49 19.86 -31.08
CA LYS E 449 -7.03 21.24 -31.15
C LYS E 449 -6.16 21.61 -29.96
N TYR E 450 -5.31 20.68 -29.52
CA TYR E 450 -4.46 20.92 -28.36
C TYR E 450 -3.14 20.18 -28.55
N LYS E 451 -2.11 20.68 -27.86
CA LYS E 451 -0.77 20.10 -27.93
C LYS E 451 0.04 20.60 -26.75
N VAL E 452 0.67 19.68 -26.02
CA VAL E 452 1.48 20.03 -24.85
C VAL E 452 2.88 20.42 -25.32
N VAL E 453 3.36 21.58 -24.87
CA VAL E 453 4.67 22.09 -25.25
C VAL E 453 5.37 22.61 -23.99
N GLU E 454 6.69 22.53 -23.99
CA GLU E 454 7.51 22.99 -22.87
C GLU E 454 8.08 24.37 -23.17
N ILE E 455 8.20 25.18 -22.12
CA ILE E 455 8.66 26.56 -22.23
C ILE E 455 10.13 26.63 -21.87
N LYS E 456 10.91 27.27 -22.72
CA LYS E 456 12.34 27.52 -22.47
C LYS E 456 12.58 29.02 -22.38
N PRO E 457 12.67 29.58 -21.18
CA PRO E 457 12.80 31.04 -21.04
C PRO E 457 14.21 31.57 -21.21
N LEU E 458 15.15 30.79 -21.74
CA LEU E 458 16.52 31.23 -21.93
C LEU E 458 16.75 31.60 -23.38
N GLY E 459 17.24 32.82 -23.62
CA GLY E 459 17.53 33.28 -24.95
C GLY E 459 18.79 34.12 -25.02
N ILE E 460 19.59 33.91 -26.07
CA ILE E 460 20.84 34.63 -26.26
C ILE E 460 20.86 35.24 -27.66
N ALA E 461 21.59 36.34 -27.80
CA ALA E 461 21.69 37.05 -29.07
C ALA E 461 22.89 37.98 -29.01
N PRO E 462 23.58 38.18 -30.12
CA PRO E 462 24.70 39.14 -30.12
C PRO E 462 24.20 40.58 -30.01
N THR E 463 25.05 41.43 -29.46
CA THR E 463 24.74 42.85 -29.28
C THR E 463 26.06 43.59 -29.03
N LYS E 464 25.96 44.91 -28.93
CA LYS E 464 27.15 45.75 -28.78
C LYS E 464 27.52 46.02 -27.34
N CYS E 465 26.68 45.64 -26.38
CA CYS E 465 26.97 45.95 -24.98
C CYS E 465 28.07 45.06 -24.44
N LYS E 466 28.79 45.56 -23.43
CA LYS E 466 29.83 44.82 -22.76
C LYS E 466 29.70 45.02 -21.26
N ARG E 467 29.93 43.96 -20.49
CA ARG E 467 29.85 44.06 -19.04
C ARG E 467 30.96 44.95 -18.50
N ARG E 468 30.60 45.88 -17.64
CA ARG E 468 31.58 46.76 -17.02
C ARG E 468 32.38 46.00 -15.96
N VAL E 469 33.68 46.31 -15.87
CA VAL E 469 34.56 45.71 -14.89
C VAL E 469 35.08 46.80 -13.96
N VAL E 470 35.15 46.49 -12.67
CA VAL E 470 35.61 47.46 -11.68
C VAL E 470 37.12 47.48 -11.65
N GLU E 471 37.69 48.65 -11.37
CA GLU E 471 39.13 48.82 -11.31
C GLU E 471 39.55 49.48 -9.99
N ALA F 6 2.42 46.78 -17.34
CA ALA F 6 1.05 46.30 -17.46
C ALA F 6 0.66 45.49 -16.22
N VAL F 7 -0.30 44.58 -16.39
CA VAL F 7 -0.81 43.76 -15.30
C VAL F 7 -0.54 42.29 -15.65
N PHE F 8 0.43 42.07 -16.54
CA PHE F 8 0.82 40.77 -17.10
C PHE F 8 -0.38 39.88 -17.39
N LEU F 9 -0.28 38.60 -17.03
CA LEU F 9 -1.28 37.53 -17.16
C LEU F 9 -1.43 37.08 -18.62
N GLY F 10 -0.63 37.59 -19.55
CA GLY F 10 -0.62 37.08 -20.90
C GLY F 10 0.57 36.19 -21.15
N PHE F 11 0.36 34.88 -21.11
CA PHE F 11 1.47 33.93 -21.24
C PHE F 11 1.86 33.75 -22.70
N LEU F 12 3.17 33.71 -22.95
CA LEU F 12 3.72 33.55 -24.30
C LEU F 12 3.25 34.64 -25.25
N GLY F 13 3.04 35.84 -24.73
CA GLY F 13 2.58 36.93 -25.56
C GLY F 13 3.67 37.45 -26.49
N ALA F 14 3.23 38.01 -27.62
CA ALA F 14 4.10 38.59 -28.63
C ALA F 14 5.14 37.58 -29.13
N ALA F 15 4.72 36.32 -29.26
CA ALA F 15 5.62 35.29 -29.77
C ALA F 15 5.95 35.50 -31.24
N GLY F 16 5.00 36.00 -32.03
CA GLY F 16 5.22 36.27 -33.43
C GLY F 16 5.90 37.58 -33.73
N SER F 17 6.18 38.40 -32.72
CA SER F 17 6.86 39.66 -32.93
C SER F 17 8.36 39.44 -33.02
N THR F 18 9.04 40.42 -33.62
CA THR F 18 10.49 40.34 -33.79
C THR F 18 11.20 40.49 -32.44
N MET F 19 12.48 40.12 -32.44
CA MET F 19 13.25 40.11 -31.20
C MET F 19 13.47 41.50 -30.66
N GLY F 20 13.63 42.51 -31.53
CA GLY F 20 13.77 43.87 -31.06
C GLY F 20 12.52 44.38 -30.35
N ALA F 21 11.35 44.07 -30.91
CA ALA F 21 10.10 44.44 -30.25
C ALA F 21 9.80 43.56 -29.05
N ALA F 22 10.48 42.43 -28.92
CA ALA F 22 10.30 41.53 -27.79
C ALA F 22 11.20 41.89 -26.60
N SER F 23 12.01 42.94 -26.72
CA SER F 23 12.85 43.36 -25.61
C SER F 23 12.03 43.85 -24.42
N ASN F 24 10.83 44.39 -24.68
CA ASN F 24 9.94 44.87 -23.64
C ASN F 24 8.89 43.83 -23.25
N THR F 25 8.97 42.62 -23.78
CA THR F 25 7.99 41.57 -23.53
C THR F 25 8.58 40.42 -22.72
N LEU F 26 9.44 40.76 -21.75
CA LEU F 26 10.07 39.76 -20.89
C LEU F 26 9.40 39.64 -19.53
N THR F 27 8.46 40.54 -19.20
CA THR F 27 7.85 40.54 -17.88
C THR F 27 6.84 39.40 -17.74
N VAL F 28 6.07 39.14 -18.80
CA VAL F 28 4.92 38.23 -18.70
C VAL F 28 5.31 36.76 -18.69
N GLN F 29 6.59 36.44 -18.82
CA GLN F 29 7.00 35.04 -18.87
C GLN F 29 7.38 34.50 -17.50
N ALA F 30 8.31 35.17 -16.80
CA ALA F 30 8.80 34.66 -15.53
C ALA F 30 7.74 34.75 -14.43
N ARG F 31 6.79 35.68 -14.56
CA ARG F 31 5.77 35.85 -13.53
C ARG F 31 4.87 34.61 -13.44
N GLN F 32 4.50 34.03 -14.58
CA GLN F 32 3.55 32.93 -14.57
C GLN F 32 4.15 31.65 -14.01
N LEU F 33 5.45 31.45 -14.18
CA LEU F 33 6.09 30.24 -13.68
C LEU F 33 6.09 30.22 -12.16
N LEU F 34 6.06 28.99 -11.61
CA LEU F 34 6.13 28.69 -10.18
C LEU F 34 4.82 29.07 -9.47
N SER F 35 3.94 29.78 -10.17
CA SER F 35 2.65 30.17 -9.61
C SER F 35 1.50 29.65 -10.48
N GLY F 58 -5.56 8.76 -3.46
CA GLY F 58 -6.00 9.72 -4.45
C GLY F 58 -5.19 9.69 -5.74
N VAL F 59 -5.83 9.27 -6.82
CA VAL F 59 -5.14 9.22 -8.11
C VAL F 59 -4.81 10.62 -8.61
N TRP F 60 -5.70 11.59 -8.37
CA TRP F 60 -5.44 12.97 -8.78
C TRP F 60 -4.45 13.66 -7.85
N GLY F 61 -4.46 13.32 -6.56
CA GLY F 61 -3.52 13.95 -5.63
C GLY F 61 -2.08 13.61 -5.93
N PHE F 62 -1.80 12.35 -6.28
CA PHE F 62 -0.44 11.95 -6.63
C PHE F 62 0.03 12.66 -7.90
N LYS F 63 -0.85 12.78 -8.90
CA LYS F 63 -0.48 13.51 -10.11
C LYS F 63 -0.35 15.00 -9.84
N GLN F 64 -1.19 15.54 -8.96
CA GLN F 64 -1.06 16.94 -8.57
C GLN F 64 0.24 17.18 -7.80
N LEU F 65 0.62 16.24 -6.93
CA LEU F 65 1.88 16.34 -6.23
C LEU F 65 3.05 16.25 -7.20
N GLN F 66 2.95 15.37 -8.21
CA GLN F 66 3.97 15.32 -9.24
C GLN F 66 4.01 16.59 -10.08
N ALA F 67 2.86 17.25 -10.24
CA ALA F 67 2.82 18.51 -10.98
C ALA F 67 3.58 19.61 -10.24
N ARG F 68 3.44 19.66 -8.91
CA ARG F 68 4.08 20.73 -8.15
C ARG F 68 5.59 20.56 -8.09
N VAL F 69 6.07 19.33 -7.89
CA VAL F 69 7.52 19.11 -7.81
C VAL F 69 8.18 19.29 -9.15
N LEU F 70 7.48 19.00 -10.25
CA LEU F 70 8.03 19.21 -11.58
C LEU F 70 8.26 20.70 -11.85
N ALA F 71 7.31 21.54 -11.42
CA ALA F 71 7.47 22.98 -11.61
C ALA F 71 8.63 23.53 -10.79
N ILE F 72 8.85 22.98 -9.60
CA ILE F 72 9.97 23.41 -8.77
C ILE F 72 11.30 23.07 -9.44
N GLU F 73 11.40 21.86 -10.00
CA GLU F 73 12.62 21.46 -10.69
C GLU F 73 12.86 22.32 -11.93
N ARG F 74 11.79 22.62 -12.67
CA ARG F 74 11.93 23.46 -13.86
C ARG F 74 12.36 24.88 -13.49
N TYR F 75 11.82 25.42 -12.40
CA TYR F 75 12.17 26.78 -12.00
C TYR F 75 13.59 26.84 -11.44
N LEU F 76 14.00 25.82 -10.68
CA LEU F 76 15.33 25.85 -10.09
C LEU F 76 16.43 25.59 -11.12
N GLU F 77 16.14 24.80 -12.15
CA GLU F 77 17.11 24.56 -13.21
C GLU F 77 17.46 25.85 -13.94
N VAL F 78 16.44 26.66 -14.25
CA VAL F 78 16.69 27.96 -14.86
C VAL F 78 17.40 28.89 -13.88
N GLN F 79 16.98 28.88 -12.61
CA GLN F 79 17.57 29.78 -11.63
C GLN F 79 19.04 29.45 -11.37
N GLN F 80 19.39 28.17 -11.39
CA GLN F 80 20.79 27.77 -11.19
C GLN F 80 21.67 28.31 -12.31
N LEU F 81 21.19 28.25 -13.55
CA LEU F 81 21.96 28.78 -14.67
C LEU F 81 22.14 30.28 -14.57
N LEU F 82 21.11 30.99 -14.08
CA LEU F 82 21.22 32.42 -13.88
C LEU F 82 22.27 32.77 -12.83
N GLY F 83 22.32 31.99 -11.74
CA GLY F 83 23.25 32.29 -10.67
C GLY F 83 24.70 32.10 -11.06
N ILE F 84 25.00 31.01 -11.78
CA ILE F 84 26.39 30.75 -12.17
C ILE F 84 26.86 31.74 -13.21
N TRP F 85 25.96 32.29 -14.02
CA TRP F 85 26.32 33.29 -15.01
C TRP F 85 26.47 34.69 -14.43
N GLY F 86 26.18 34.87 -13.14
CA GLY F 86 26.22 36.17 -12.52
C GLY F 86 24.96 37.00 -12.70
N CYS F 87 23.99 36.50 -13.46
CA CYS F 87 22.75 37.23 -13.71
C CYS F 87 21.68 36.72 -12.75
N SER F 88 21.94 36.93 -11.46
CA SER F 88 21.07 36.39 -10.41
C SER F 88 19.68 37.02 -10.46
N GLY F 89 19.62 38.34 -10.69
CA GLY F 89 18.33 39.02 -10.71
C GLY F 89 18.14 39.90 -11.92
N LYS F 90 19.18 40.06 -12.72
CA LYS F 90 19.11 40.93 -13.90
C LYS F 90 18.35 40.23 -15.02
N LEU F 91 17.29 40.87 -15.51
CA LEU F 91 16.56 40.33 -16.64
C LEU F 91 17.38 40.38 -17.92
N ILE F 92 18.05 41.51 -18.16
CA ILE F 92 18.96 41.67 -19.29
C ILE F 92 20.34 41.99 -18.73
N CYS F 93 21.32 41.16 -19.09
CA CYS F 93 22.67 41.30 -18.57
C CYS F 93 23.68 41.06 -19.69
N CYS F 94 24.80 41.75 -19.62
CA CYS F 94 25.85 41.67 -20.62
C CYS F 94 27.01 40.84 -20.07
N THR F 95 27.74 40.19 -20.97
CA THR F 95 28.83 39.29 -20.61
C THR F 95 30.08 39.63 -21.42
N ASN F 96 31.23 39.23 -20.88
CA ASN F 96 32.52 39.57 -21.47
C ASN F 96 32.93 38.64 -22.61
N VAL F 97 32.28 37.50 -22.77
CA VAL F 97 32.64 36.60 -23.88
C VAL F 97 32.21 37.23 -25.20
N PRO F 98 32.96 37.06 -26.28
CA PRO F 98 32.57 37.62 -27.56
C PRO F 98 31.83 36.63 -28.45
N TRP F 99 30.93 37.18 -29.27
CA TRP F 99 30.24 36.37 -30.26
C TRP F 99 31.21 35.91 -31.33
N ASN F 100 30.95 34.72 -31.87
CA ASN F 100 31.78 34.15 -32.92
C ASN F 100 31.07 34.26 -34.26
N SER F 101 31.82 34.67 -35.29
CA SER F 101 31.24 34.81 -36.62
C SER F 101 30.86 33.48 -37.24
N THR F 102 31.42 32.37 -36.74
CA THR F 102 31.06 31.06 -37.28
C THR F 102 29.60 30.72 -37.01
N TRP F 103 29.03 31.24 -35.92
CA TRP F 103 27.64 30.95 -35.59
C TRP F 103 26.68 31.68 -36.52
N SER F 104 26.93 32.97 -36.79
CA SER F 104 26.07 33.74 -37.68
C SER F 104 26.83 34.97 -38.16
N ASN F 105 26.39 35.50 -39.30
CA ASN F 105 26.92 36.73 -39.87
C ASN F 105 25.88 37.84 -39.93
N ARG F 106 24.68 37.60 -39.42
CA ARG F 106 23.58 38.54 -39.61
C ARG F 106 23.82 39.83 -38.85
N THR F 107 23.53 40.96 -39.51
CA THR F 107 23.69 42.27 -38.91
C THR F 107 22.59 42.52 -37.89
N GLN F 108 22.83 43.51 -37.02
CA GLN F 108 21.88 43.84 -35.97
C GLN F 108 20.57 44.36 -36.54
N GLU F 109 20.61 45.01 -37.70
CA GLU F 109 19.38 45.49 -38.34
C GLU F 109 18.49 44.32 -38.75
N ASP F 110 19.10 43.25 -39.27
CA ASP F 110 18.36 42.05 -39.68
C ASP F 110 18.11 41.09 -38.54
N ILE F 111 18.65 41.37 -37.35
CA ILE F 111 18.42 40.50 -36.19
C ILE F 111 17.22 40.95 -35.38
N TRP F 112 17.14 42.25 -35.08
CA TRP F 112 16.11 42.77 -34.18
C TRP F 112 14.88 43.29 -34.93
N ASN F 113 14.85 43.22 -36.26
CA ASN F 113 13.71 43.76 -36.99
C ASN F 113 13.26 42.87 -38.14
N ASN F 114 13.70 41.61 -38.18
CA ASN F 114 13.38 40.73 -39.31
C ASN F 114 12.88 39.35 -38.92
N MET F 115 13.18 38.85 -37.73
CA MET F 115 12.89 37.46 -37.41
C MET F 115 12.73 37.30 -35.90
N THR F 116 11.82 36.40 -35.51
CA THR F 116 11.34 36.30 -34.14
C THR F 116 12.25 35.41 -33.28
N TRP F 117 11.87 35.30 -32.01
CA TRP F 117 12.65 34.52 -31.05
C TRP F 117 12.58 33.02 -31.36
N MET F 118 11.47 32.56 -31.93
CA MET F 118 11.29 31.13 -32.19
C MET F 118 12.33 30.60 -33.18
N GLU F 119 12.58 31.34 -34.26
CA GLU F 119 13.51 30.87 -35.28
C GLU F 119 14.96 30.98 -34.83
N TRP F 120 15.29 31.98 -34.00
CA TRP F 120 16.67 32.21 -33.61
C TRP F 120 17.21 31.07 -32.75
N GLU F 121 16.38 30.56 -31.83
CA GLU F 121 16.81 29.44 -31.00
C GLU F 121 17.04 28.18 -31.84
N ARG F 122 16.22 27.99 -32.88
CA ARG F 122 16.39 26.84 -33.75
C ARG F 122 17.69 26.92 -34.54
N GLU F 123 18.05 28.12 -35.00
CA GLU F 123 19.24 28.26 -35.85
C GLU F 123 20.53 27.97 -35.08
N ILE F 124 20.66 28.48 -33.87
CA ILE F 124 21.87 28.32 -33.07
C ILE F 124 21.70 27.20 -32.04
N GLY F 125 20.82 26.24 -32.30
CA GLY F 125 20.55 25.16 -31.37
C GLY F 125 21.69 24.17 -31.17
N ASN F 126 22.48 23.91 -32.22
CA ASN F 126 23.60 22.98 -32.05
C ASN F 126 24.70 23.55 -31.18
N TYR F 127 24.93 24.86 -31.28
CA TYR F 127 26.06 25.52 -30.60
C TYR F 127 25.72 25.96 -29.18
N THR F 128 24.50 25.67 -28.70
CA THR F 128 24.13 26.13 -27.36
C THR F 128 24.97 25.46 -26.27
N HIS F 129 25.35 24.20 -26.47
CA HIS F 129 26.17 23.52 -25.48
C HIS F 129 27.55 24.16 -25.35
N THR F 130 28.16 24.53 -26.48
CA THR F 130 29.47 25.16 -26.42
C THR F 130 29.39 26.56 -25.83
N ILE F 131 28.32 27.29 -26.14
CA ILE F 131 28.17 28.65 -25.62
C ILE F 131 27.97 28.63 -24.11
N TYR F 132 27.18 27.67 -23.61
CA TYR F 132 26.91 27.62 -22.18
C TYR F 132 28.18 27.38 -21.37
N SER F 133 29.14 26.65 -21.94
CA SER F 133 30.40 26.42 -21.24
C SER F 133 31.25 27.68 -21.18
N LEU F 134 31.16 28.54 -22.20
CA LEU F 134 31.97 29.76 -22.22
C LEU F 134 31.51 30.76 -21.16
N LEU F 135 30.23 30.73 -20.80
CA LEU F 135 29.72 31.64 -19.77
C LEU F 135 30.35 31.35 -18.41
N GLU F 136 30.53 30.08 -18.07
CA GLU F 136 31.04 29.72 -16.75
C GLU F 136 32.49 30.14 -16.58
N GLU F 137 33.31 29.98 -17.62
CA GLU F 137 34.74 30.27 -17.49
C GLU F 137 34.99 31.76 -17.28
N SER F 138 34.27 32.61 -18.03
CA SER F 138 34.52 34.05 -17.95
C SER F 138 34.07 34.63 -16.61
N GLN F 139 32.90 34.22 -16.13
CA GLN F 139 32.42 34.72 -14.85
C GLN F 139 33.31 34.28 -13.70
N PHE F 140 33.77 33.04 -13.73
CA PHE F 140 34.70 32.57 -12.70
C PHE F 140 36.02 33.34 -12.75
N GLN F 141 36.41 33.80 -13.94
CA GLN F 141 37.59 34.64 -14.05
C GLN F 141 37.38 36.00 -13.39
N GLN F 142 36.14 36.50 -13.38
CA GLN F 142 35.86 37.80 -12.78
C GLN F 142 35.97 37.76 -11.26
N GLU F 143 35.74 36.60 -10.64
CA GLU F 143 35.84 36.52 -9.20
C GLU F 143 37.30 36.51 -8.73
N ILE F 144 38.16 35.76 -9.42
CA ILE F 144 39.52 35.54 -8.92
C ILE F 144 40.37 36.79 -9.05
N ASN F 145 40.25 37.53 -10.15
CA ASN F 145 41.06 38.73 -10.32
C ASN F 145 40.54 39.88 -9.46
N GLU F 146 39.24 39.92 -9.20
CA GLU F 146 38.70 40.92 -8.29
C GLU F 146 39.19 40.71 -6.87
N LYS F 147 39.36 39.46 -6.46
CA LYS F 147 39.89 39.17 -5.13
C LYS F 147 41.33 39.68 -4.99
N ASP F 148 42.14 39.54 -6.04
CA ASP F 148 43.48 40.09 -6.02
C ASP F 148 43.46 41.61 -5.94
N LEU F 149 42.52 42.24 -6.65
CA LEU F 149 42.40 43.69 -6.60
C LEU F 149 42.00 44.17 -5.21
N LEU F 150 41.07 43.46 -4.58
CA LEU F 150 40.62 43.81 -3.23
C LEU F 150 41.64 43.46 -2.16
N ALA F 151 42.67 42.69 -2.48
CA ALA F 151 43.69 42.31 -1.51
C ALA F 151 44.89 43.26 -1.51
N LEU F 152 44.86 44.31 -2.32
CA LEU F 152 45.97 45.24 -2.38
C LEU F 152 45.93 46.31 -1.28
N ASP F 153 44.87 46.33 -0.47
CA ASP F 153 44.76 47.31 0.61
C ASP F 153 44.39 46.62 1.92
N ASN G 5 46.21 40.98 11.13
CA ASN G 5 44.80 41.24 10.85
C ASN G 5 44.27 40.31 9.76
N LEU G 6 43.29 39.49 10.11
CA LEU G 6 42.70 38.54 9.17
C LEU G 6 41.18 38.61 9.28
N TRP G 7 40.51 38.25 8.19
CA TRP G 7 39.06 38.26 8.11
C TRP G 7 38.57 36.91 7.59
N VAL G 8 37.31 36.62 7.87
CA VAL G 8 36.71 35.34 7.49
C VAL G 8 36.10 35.46 6.10
N THR G 9 36.41 34.49 5.24
CA THR G 9 35.85 34.43 3.90
C THR G 9 35.06 33.14 3.74
N VAL G 10 34.17 33.14 2.74
CA VAL G 10 33.28 32.02 2.48
C VAL G 10 33.60 31.45 1.10
N TYR G 11 33.84 30.14 1.05
CA TYR G 11 34.10 29.43 -0.20
C TYR G 11 32.91 28.51 -0.49
N TYR G 12 32.43 28.55 -1.72
CA TYR G 12 31.29 27.74 -2.14
C TYR G 12 31.76 26.69 -3.15
N GLY G 13 31.25 25.46 -3.00
CA GLY G 13 31.63 24.38 -3.87
C GLY G 13 32.89 23.65 -3.45
N VAL G 14 33.26 23.69 -2.18
CA VAL G 14 34.49 23.07 -1.70
C VAL G 14 34.35 21.55 -1.73
N PRO G 15 35.44 20.83 -1.97
CA PRO G 15 35.38 19.35 -1.97
C PRO G 15 35.60 18.73 -0.58
N VAL G 16 34.55 18.75 0.23
CA VAL G 16 34.55 18.12 1.54
C VAL G 16 33.24 17.36 1.71
N TRP G 17 33.31 16.21 2.37
CA TRP G 17 32.17 15.30 2.51
C TRP G 17 32.05 14.80 3.94
N LYS G 18 30.83 14.42 4.31
CA LYS G 18 30.55 13.85 5.63
C LYS G 18 29.65 12.63 5.49
N GLU G 19 29.94 11.61 6.30
CA GLU G 19 29.24 10.34 6.20
C GLU G 19 27.81 10.46 6.71
N ALA G 20 26.87 9.88 5.96
CA ALA G 20 25.47 9.86 6.35
C ALA G 20 24.76 8.78 5.54
N LYS G 21 23.44 8.74 5.68
CA LYS G 21 22.59 7.75 5.01
C LYS G 21 21.47 8.46 4.28
N THR G 22 21.04 7.87 3.17
CA THR G 22 20.00 8.48 2.34
C THR G 22 19.31 7.40 1.52
N THR G 23 18.18 7.78 0.93
CA THR G 23 17.39 6.89 0.07
C THR G 23 17.86 7.01 -1.37
N LEU G 24 17.92 5.88 -2.06
CA LEU G 24 18.42 5.81 -3.43
C LEU G 24 17.31 5.40 -4.39
N PHE G 25 17.63 5.44 -5.68
CA PHE G 25 16.70 5.05 -6.74
C PHE G 25 17.39 4.13 -7.72
N CYS G 26 16.61 3.24 -8.33
CA CYS G 26 17.14 2.28 -9.27
C CYS G 26 17.51 2.95 -10.59
N ALA G 27 18.33 2.25 -11.38
CA ALA G 27 18.74 2.74 -12.69
C ALA G 27 19.25 1.56 -13.50
N SER G 28 18.76 1.44 -14.74
CA SER G 28 19.21 0.37 -15.63
C SER G 28 18.95 0.78 -17.07
N ASP G 29 19.67 0.15 -17.98
CA ASP G 29 19.50 0.44 -19.40
C ASP G 29 18.15 -0.07 -19.90
N ALA G 30 17.53 0.72 -20.78
CA ALA G 30 16.25 0.34 -21.38
C ALA G 30 16.50 -0.57 -22.58
N LYS G 31 16.99 -1.76 -22.28
CA LYS G 31 17.33 -2.72 -23.33
C LYS G 31 16.08 -3.20 -24.07
N ALA G 32 15.01 -3.49 -23.35
CA ALA G 32 13.79 -4.04 -23.92
C ALA G 32 12.62 -3.12 -23.57
N TYR G 33 12.18 -2.30 -24.54
CA TYR G 33 10.98 -1.50 -24.35
C TYR G 33 9.72 -2.33 -24.42
N GLU G 34 9.79 -3.53 -25.00
CA GLU G 34 8.67 -4.45 -25.05
C GLU G 34 8.57 -5.20 -23.72
N LYS G 35 7.78 -6.28 -23.70
CA LYS G 35 7.59 -7.13 -22.53
C LYS G 35 7.04 -6.32 -21.36
N GLU G 36 5.81 -5.85 -21.54
CA GLU G 36 5.13 -5.03 -20.54
C GLU G 36 5.05 -5.74 -19.21
N VAL G 37 5.59 -5.10 -18.16
CA VAL G 37 5.67 -5.56 -16.77
C VAL G 37 6.10 -7.03 -16.67
N HIS G 38 6.86 -7.50 -17.66
CA HIS G 38 7.30 -8.89 -17.66
C HIS G 38 8.46 -9.10 -16.69
N ASN G 39 9.17 -8.04 -16.36
CA ASN G 39 10.29 -8.12 -15.42
C ASN G 39 9.82 -7.83 -14.00
N VAL G 40 10.12 -8.75 -13.07
CA VAL G 40 9.69 -8.56 -11.68
C VAL G 40 10.41 -7.38 -11.05
N TRP G 41 11.69 -7.21 -11.38
CA TRP G 41 12.50 -6.17 -10.77
C TRP G 41 12.10 -4.77 -11.23
N ALA G 42 11.19 -4.67 -12.19
CA ALA G 42 10.64 -3.39 -12.66
C ALA G 42 11.74 -2.51 -13.23
N THR G 43 12.49 -3.06 -14.18
CA THR G 43 13.56 -2.32 -14.85
C THR G 43 13.02 -1.26 -15.79
N HIS G 44 11.73 -1.30 -16.14
CA HIS G 44 11.16 -0.28 -17.01
C HIS G 44 11.16 1.09 -16.33
N ALA G 45 10.87 1.13 -15.03
CA ALA G 45 10.86 2.40 -14.31
C ALA G 45 12.26 2.93 -14.06
N CYS G 46 13.29 2.09 -14.19
CA CYS G 46 14.65 2.53 -13.94
C CYS G 46 15.13 3.41 -15.09
N VAL G 47 15.71 4.56 -14.75
CA VAL G 47 16.21 5.50 -15.75
C VAL G 47 17.57 5.01 -16.26
N PRO G 48 17.80 5.02 -17.57
CA PRO G 48 19.15 4.69 -18.08
C PRO G 48 20.19 5.67 -17.55
N THR G 49 21.37 5.14 -17.25
CA THR G 49 22.39 5.96 -16.59
C THR G 49 23.16 6.82 -17.58
N ASP G 50 23.94 6.19 -18.45
CA ASP G 50 24.84 6.88 -19.37
C ASP G 50 25.43 5.88 -20.35
N PRO G 51 25.52 6.21 -21.64
CA PRO G 51 26.34 5.39 -22.54
C PRO G 51 27.80 5.33 -22.12
N ASN G 52 28.33 6.40 -21.52
CA ASN G 52 29.69 6.41 -20.99
C ASN G 52 29.68 7.19 -19.68
N PRO G 53 29.54 6.48 -18.55
CA PRO G 53 29.47 7.17 -17.25
C PRO G 53 30.80 7.82 -16.90
N GLN G 54 30.73 8.73 -15.92
CA GLN G 54 31.89 9.50 -15.48
C GLN G 54 32.50 8.80 -14.27
N GLU G 55 33.67 8.18 -14.48
CA GLU G 55 34.46 7.59 -13.40
C GLU G 55 35.76 8.37 -13.30
N MET G 56 36.04 8.90 -12.11
CA MET G 56 37.18 9.79 -11.91
C MET G 56 37.93 9.37 -10.65
N VAL G 57 39.25 9.33 -10.75
CA VAL G 57 40.09 8.80 -9.68
C VAL G 57 40.58 9.98 -8.84
N LEU G 58 40.27 9.94 -7.54
CA LEU G 58 40.82 10.91 -6.61
C LEU G 58 42.22 10.50 -6.17
N GLU G 59 43.02 11.49 -5.79
CA GLU G 59 44.41 11.28 -5.43
C GLU G 59 44.70 11.94 -4.09
N ASN G 60 45.70 11.39 -3.38
CA ASN G 60 46.15 11.89 -2.08
C ASN G 60 45.00 11.92 -1.07
N VAL G 61 44.17 10.88 -1.09
CA VAL G 61 42.98 10.80 -0.24
C VAL G 61 42.90 9.41 0.38
N THR G 62 42.58 9.36 1.68
CA THR G 62 42.39 8.11 2.40
C THR G 62 41.03 8.13 3.08
N GLU G 63 40.26 7.06 2.90
CA GLU G 63 38.93 6.96 3.49
C GLU G 63 38.71 5.55 4.00
N ASN G 64 38.06 5.43 5.16
CA ASN G 64 37.77 4.14 5.76
C ASN G 64 36.45 3.59 5.23
N PHE G 65 36.38 2.26 5.09
CA PHE G 65 35.20 1.58 4.58
C PHE G 65 34.84 0.42 5.49
N ASN G 66 33.55 0.19 5.67
CA ASN G 66 33.07 -0.94 6.47
C ASN G 66 31.65 -1.28 6.01
N MET G 67 31.52 -2.34 5.22
CA MET G 67 30.21 -2.76 4.74
C MET G 67 29.45 -3.62 5.74
N TRP G 68 30.06 -4.02 6.85
CA TRP G 68 29.34 -4.76 7.87
C TRP G 68 28.34 -3.87 8.62
N LYS G 69 28.49 -2.55 8.53
CA LYS G 69 27.54 -1.59 9.10
C LYS G 69 27.05 -0.62 8.04
N ASN G 70 26.93 -1.09 6.79
CA ASN G 70 26.58 -0.23 5.66
C ASN G 70 25.08 -0.19 5.47
N ASP G 71 24.56 1.00 5.19
CA ASP G 71 23.16 1.16 4.82
C ASP G 71 22.90 0.83 3.35
N MET G 72 23.96 0.73 2.54
CA MET G 72 23.80 0.38 1.14
C MET G 72 23.21 -1.00 0.98
N VAL G 73 23.71 -1.98 1.74
CA VAL G 73 23.20 -3.34 1.64
C VAL G 73 21.81 -3.44 2.24
N ASP G 74 21.58 -2.75 3.36
CA ASP G 74 20.30 -2.85 4.07
C ASP G 74 19.14 -2.33 3.22
N GLN G 75 19.39 -1.25 2.46
CA GLN G 75 18.36 -0.74 1.56
C GLN G 75 18.04 -1.74 0.45
N MET G 76 19.05 -2.43 -0.06
CA MET G 76 18.82 -3.41 -1.12
C MET G 76 17.95 -4.56 -0.63
N HIS G 77 18.21 -5.05 0.58
CA HIS G 77 17.41 -6.17 1.11
C HIS G 77 15.96 -5.77 1.32
N GLU G 78 15.73 -4.54 1.80
CA GLU G 78 14.35 -4.08 1.98
C GLU G 78 13.62 -3.93 0.66
N ASP G 79 14.34 -3.63 -0.42
CA ASP G 79 13.71 -3.48 -1.72
C ASP G 79 13.19 -4.81 -2.25
N VAL G 80 14.01 -5.85 -2.19
CA VAL G 80 13.66 -7.15 -2.77
C VAL G 80 12.39 -7.70 -2.14
N ILE G 81 12.16 -7.38 -0.86
CA ILE G 81 10.88 -7.73 -0.23
C ILE G 81 9.73 -7.00 -0.92
N SER G 82 9.92 -5.71 -1.21
CA SER G 82 8.86 -4.91 -1.82
C SER G 82 8.67 -5.25 -3.29
N LEU G 83 9.76 -5.49 -4.02
CA LEU G 83 9.65 -5.84 -5.43
C LEU G 83 8.93 -7.16 -5.63
N TRP G 84 9.20 -8.15 -4.78
CA TRP G 84 8.51 -9.43 -4.90
C TRP G 84 7.03 -9.31 -4.53
N ASP G 85 6.73 -8.60 -3.43
CA ASP G 85 5.34 -8.48 -2.98
C ASP G 85 4.49 -7.68 -3.96
N GLN G 86 5.10 -6.77 -4.71
CA GLN G 86 4.33 -5.96 -5.66
C GLN G 86 3.84 -6.80 -6.82
N SER G 87 4.65 -7.72 -7.31
CA SER G 87 4.34 -8.48 -8.52
C SER G 87 3.54 -9.75 -8.27
N LEU G 88 3.30 -10.11 -7.01
CA LEU G 88 2.56 -11.32 -6.69
C LEU G 88 1.12 -11.06 -6.25
N LYS G 89 0.78 -9.82 -5.89
CA LYS G 89 -0.60 -9.52 -5.51
C LYS G 89 -1.61 -9.73 -6.64
N PRO G 90 -1.39 -9.26 -7.89
CA PRO G 90 -2.39 -9.56 -8.93
C PRO G 90 -2.19 -10.96 -9.52
N CYS G 91 -2.31 -11.98 -8.67
CA CYS G 91 -2.17 -13.36 -9.08
C CYS G 91 -3.18 -14.20 -8.31
N VAL G 92 -3.51 -15.37 -8.88
CA VAL G 92 -4.45 -16.26 -8.22
C VAL G 92 -3.79 -16.92 -7.02
N LYS G 93 -4.61 -17.35 -6.07
CA LYS G 93 -4.14 -18.01 -4.87
C LYS G 93 -4.48 -19.49 -4.89
N LEU G 94 -3.74 -20.27 -4.12
CA LEU G 94 -3.89 -21.72 -4.08
C LEU G 94 -4.72 -22.19 -2.90
N THR G 95 -5.55 -21.32 -2.33
CA THR G 95 -6.43 -21.73 -1.25
C THR G 95 -7.43 -22.82 -1.64
N PRO G 96 -8.12 -22.79 -2.80
CA PRO G 96 -9.03 -23.90 -3.11
C PRO G 96 -8.31 -25.20 -3.43
N LEU G 97 -7.01 -25.16 -3.72
CA LEU G 97 -6.26 -26.38 -4.01
C LEU G 97 -6.08 -27.26 -2.78
N CYS G 98 -6.18 -26.69 -1.58
CA CYS G 98 -5.95 -27.45 -0.35
C CYS G 98 -7.12 -28.39 -0.10
N VAL G 99 -7.09 -29.52 -0.80
CA VAL G 99 -8.05 -30.59 -0.62
C VAL G 99 -7.29 -31.90 -0.48
N THR G 100 -8.03 -32.97 -0.19
CA THR G 100 -7.42 -34.28 0.01
C THR G 100 -6.87 -34.81 -1.30
N LEU G 101 -5.63 -35.28 -1.27
CA LEU G 101 -4.94 -35.79 -2.45
C LEU G 101 -4.75 -37.29 -2.35
N ASN G 102 -5.19 -38.02 -3.38
CA ASN G 102 -5.00 -39.47 -3.47
C ASN G 102 -3.78 -39.70 -4.37
N CYS G 103 -2.63 -39.91 -3.75
CA CYS G 103 -1.37 -40.06 -4.47
C CYS G 103 -0.97 -41.52 -4.55
N THR G 104 -0.44 -41.91 -5.72
CA THR G 104 -0.10 -43.28 -6.01
C THR G 104 1.20 -43.26 -6.82
N ASN G 105 1.86 -44.42 -6.93
CA ASN G 105 3.10 -44.55 -7.67
C ASN G 105 2.94 -44.08 -9.12
N THR G 106 3.98 -43.43 -9.63
CA THR G 106 3.96 -42.88 -10.98
C THR G 106 4.11 -44.02 -11.98
N THR G 107 3.17 -44.11 -12.93
CA THR G 107 3.17 -45.15 -13.93
C THR G 107 4.02 -44.73 -15.12
N VAL G 108 4.88 -45.64 -15.58
CA VAL G 108 5.77 -45.40 -16.71
C VAL G 108 5.39 -46.36 -17.83
N SER G 109 5.39 -45.86 -19.06
CA SER G 109 5.04 -46.67 -20.22
C SER G 109 6.18 -47.63 -20.57
N ASN G 110 5.92 -48.50 -21.54
CA ASN G 110 6.92 -49.48 -21.96
C ASN G 110 8.10 -48.80 -22.63
N GLY G 111 9.30 -49.25 -22.29
CA GLY G 111 10.52 -48.70 -22.86
C GLY G 111 11.76 -49.07 -22.08
N SER G 115 16.26 -48.71 -12.38
CA SER G 115 15.60 -47.44 -12.12
C SER G 115 14.45 -47.60 -11.13
N ASN G 116 14.38 -48.78 -10.49
CA ASN G 116 13.34 -49.06 -9.52
C ASN G 116 13.61 -48.45 -8.16
N ALA G 117 14.83 -47.95 -7.93
CA ALA G 117 15.17 -47.30 -6.67
C ALA G 117 15.30 -45.79 -6.80
N ASN G 118 14.96 -45.22 -7.95
CA ASN G 118 15.12 -43.80 -8.18
C ASN G 118 13.83 -43.08 -8.59
N PHE G 119 12.76 -43.80 -8.89
CA PHE G 119 11.53 -43.16 -9.36
C PHE G 119 10.61 -42.75 -8.23
N GLU G 120 11.02 -42.92 -6.97
CA GLU G 120 10.18 -42.55 -5.83
C GLU G 120 10.34 -41.06 -5.50
N GLU G 121 10.15 -40.20 -6.49
CA GLU G 121 10.19 -38.75 -6.30
C GLU G 121 8.87 -38.07 -6.60
N MET G 122 8.22 -38.44 -7.70
CA MET G 122 6.95 -37.85 -8.11
C MET G 122 5.82 -38.81 -7.85
N LYS G 123 4.68 -38.28 -7.41
CA LYS G 123 3.50 -39.08 -7.11
C LYS G 123 2.32 -38.59 -7.93
N ASN G 124 1.55 -39.53 -8.47
CA ASN G 124 0.37 -39.22 -9.25
C ASN G 124 -0.80 -38.99 -8.30
N CYS G 125 -1.08 -37.72 -8.02
CA CYS G 125 -2.07 -37.34 -7.02
C CYS G 125 -3.38 -36.95 -7.69
N SER G 126 -4.48 -37.48 -7.17
CA SER G 126 -5.82 -37.14 -7.64
C SER G 126 -6.59 -36.47 -6.52
N PHE G 127 -7.46 -35.53 -6.89
CA PHE G 127 -8.18 -34.74 -5.91
C PHE G 127 -9.48 -34.23 -6.52
N ASN G 128 -10.35 -33.72 -5.66
CA ASN G 128 -11.60 -33.13 -6.11
C ASN G 128 -11.46 -31.62 -6.23
N ALA G 129 -11.65 -31.11 -7.43
CA ALA G 129 -11.48 -29.69 -7.73
C ALA G 129 -12.78 -29.12 -8.24
N THR G 130 -13.11 -27.92 -7.80
CA THR G 130 -14.34 -27.25 -8.22
C THR G 130 -14.20 -26.77 -9.67
N THR G 131 -15.22 -27.02 -10.47
CA THR G 131 -15.23 -26.60 -11.87
C THR G 131 -15.68 -25.14 -11.95
N GLU G 132 -16.03 -24.69 -13.15
CA GLU G 132 -16.41 -23.30 -13.36
C GLU G 132 -17.68 -22.93 -12.59
N ILE G 133 -18.48 -23.90 -12.19
CA ILE G 133 -19.66 -23.68 -11.35
C ILE G 133 -19.36 -24.22 -9.97
N LYS G 134 -19.73 -23.45 -8.94
CA LYS G 134 -19.33 -23.77 -7.57
C LYS G 134 -19.98 -25.07 -7.08
N ASP G 135 -21.25 -25.29 -7.44
CA ASP G 135 -21.97 -26.46 -6.91
C ASP G 135 -21.37 -27.77 -7.41
N LYS G 136 -21.01 -27.84 -8.68
CA LYS G 136 -20.51 -29.09 -9.25
C LYS G 136 -19.02 -29.25 -9.01
N LYS G 137 -18.59 -30.50 -8.85
CA LYS G 137 -17.18 -30.83 -8.67
C LYS G 137 -16.84 -32.02 -9.55
N LYS G 138 -15.66 -31.95 -10.17
CA LYS G 138 -15.17 -33.00 -11.05
C LYS G 138 -13.76 -33.40 -10.64
N ASN G 139 -13.49 -34.70 -10.67
CA ASN G 139 -12.17 -35.19 -10.27
C ASN G 139 -11.09 -34.76 -11.27
N GLU G 140 -9.86 -34.69 -10.77
CA GLU G 140 -8.72 -34.23 -11.56
C GLU G 140 -7.47 -34.95 -11.07
N TYR G 141 -6.41 -34.88 -11.87
CA TYR G 141 -5.14 -35.49 -11.54
C TYR G 141 -4.02 -34.49 -11.75
N ALA G 142 -2.96 -34.62 -10.93
CA ALA G 142 -1.81 -33.74 -11.03
C ALA G 142 -0.60 -34.45 -10.42
N LEU G 143 0.58 -33.95 -10.77
CA LEU G 143 1.85 -34.50 -10.29
C LEU G 143 2.49 -33.51 -9.33
N PHE G 144 2.86 -33.99 -8.14
CA PHE G 144 3.50 -33.18 -7.12
C PHE G 144 4.71 -33.91 -6.57
N TYR G 145 5.72 -33.13 -6.18
CA TYR G 145 6.94 -33.71 -5.62
C TYR G 145 6.70 -34.23 -4.21
N LYS G 146 7.56 -35.16 -3.80
CA LYS G 146 7.43 -35.75 -2.47
C LYS G 146 7.72 -34.73 -1.38
N LEU G 147 8.55 -33.73 -1.65
CA LEU G 147 8.89 -32.72 -0.66
C LEU G 147 7.74 -31.78 -0.35
N ASP G 148 6.68 -31.77 -1.16
CA ASP G 148 5.57 -30.84 -0.98
C ASP G 148 4.32 -31.50 -0.40
N ILE G 149 4.43 -32.73 0.09
CA ILE G 149 3.28 -33.45 0.63
C ILE G 149 3.64 -34.06 1.97
N VAL G 150 2.62 -34.28 2.80
CA VAL G 150 2.79 -34.82 4.14
C VAL G 150 1.81 -35.97 4.32
N PRO G 151 2.10 -36.88 5.26
CA PRO G 151 1.19 -38.03 5.49
C PRO G 151 -0.21 -37.66 5.94
N LEU G 152 -0.50 -36.38 6.22
CA LEU G 152 -1.85 -35.89 6.52
C LEU G 152 -2.38 -36.52 7.81
N ASN G 153 -1.54 -36.49 8.86
CA ASN G 153 -1.93 -36.81 10.23
C ASN G 153 -2.53 -38.22 10.38
N ASN G 154 -3.32 -38.40 11.43
CA ASN G 154 -3.85 -39.72 11.77
C ASN G 154 -4.97 -40.13 10.82
N SER G 155 -5.20 -41.45 10.75
CA SER G 155 -6.28 -42.05 9.97
C SER G 155 -6.22 -41.61 8.51
N SER G 156 -5.03 -41.70 7.92
CA SER G 156 -4.79 -41.21 6.58
C SER G 156 -4.10 -42.26 5.73
N GLY G 157 -4.64 -42.51 4.54
CA GLY G 157 -3.95 -43.24 3.51
C GLY G 157 -3.76 -42.34 2.31
N LYS G 158 -3.93 -41.04 2.54
CA LYS G 158 -3.90 -40.02 1.50
C LYS G 158 -3.01 -38.88 1.96
N TYR G 159 -2.74 -37.95 1.04
CA TYR G 159 -1.77 -36.88 1.27
C TYR G 159 -2.44 -35.51 1.13
N ARG G 160 -1.73 -34.49 1.60
CA ARG G 160 -2.17 -33.10 1.49
C ARG G 160 -0.94 -32.22 1.29
N LEU G 161 -1.20 -30.96 0.94
CA LEU G 161 -0.11 -30.01 0.71
C LEU G 161 0.58 -29.65 2.02
N ILE G 162 1.86 -29.27 1.90
CA ILE G 162 2.68 -29.01 3.09
C ILE G 162 2.24 -27.73 3.80
N ASN G 163 1.97 -26.66 3.05
CA ASN G 163 1.70 -25.35 3.64
C ASN G 163 0.21 -25.03 3.71
N CYS G 164 -0.63 -26.05 3.94
CA CYS G 164 -2.04 -25.78 4.21
C CYS G 164 -2.26 -25.21 5.61
N ASN G 165 -1.58 -25.74 6.62
CA ASN G 165 -1.79 -25.34 8.00
C ASN G 165 -0.80 -24.28 8.47
N THR G 166 -0.14 -23.58 7.55
CA THR G 166 0.81 -22.54 7.89
C THR G 166 0.31 -21.16 7.52
N SER G 167 -0.04 -20.93 6.26
CA SER G 167 -0.52 -19.64 5.81
C SER G 167 -1.20 -19.80 4.47
N ALA G 168 -1.99 -18.80 4.09
CA ALA G 168 -2.55 -18.75 2.75
C ALA G 168 -1.43 -18.64 1.73
N CYS G 169 -1.42 -19.55 0.76
CA CYS G 169 -0.26 -19.75 -0.09
C CYS G 169 -0.62 -19.32 -1.51
N THR G 170 0.21 -18.45 -2.09
CA THR G 170 -0.10 -17.82 -3.36
C THR G 170 0.65 -18.51 -4.50
N GLN G 171 0.56 -17.93 -5.70
CA GLN G 171 1.15 -18.50 -6.90
C GLN G 171 1.85 -17.41 -7.70
N ILE G 172 2.91 -17.79 -8.41
CA ILE G 172 3.61 -16.88 -9.30
C ILE G 172 2.90 -16.87 -10.66
N CYS G 173 2.56 -15.68 -11.13
CA CYS G 173 1.95 -15.56 -12.45
C CYS G 173 2.96 -15.92 -13.54
N PRO G 174 2.52 -16.58 -14.61
CA PRO G 174 3.46 -16.96 -15.68
C PRO G 174 3.73 -15.85 -16.69
N LYS G 175 2.99 -14.74 -16.63
CA LYS G 175 3.19 -13.65 -17.59
C LYS G 175 4.44 -12.84 -17.30
N VAL G 176 5.05 -13.03 -16.12
CA VAL G 176 6.14 -12.19 -15.63
C VAL G 176 7.32 -13.08 -15.24
N THR G 177 8.55 -12.61 -15.50
CA THR G 177 9.78 -13.37 -15.29
C THR G 177 10.75 -12.61 -14.39
N PHE G 178 11.54 -13.37 -13.64
CA PHE G 178 12.46 -12.84 -12.62
C PHE G 178 13.90 -13.30 -12.87
N GLU G 179 14.35 -13.21 -14.12
CA GLU G 179 15.77 -13.42 -14.38
C GLU G 179 16.59 -12.28 -13.78
N PRO G 180 17.83 -12.55 -13.35
CA PRO G 180 18.63 -11.50 -12.69
C PRO G 180 19.19 -10.44 -13.64
N ILE G 181 18.35 -9.47 -13.99
CA ILE G 181 18.78 -8.34 -14.80
C ILE G 181 19.59 -7.38 -13.92
N PRO G 182 20.81 -7.03 -14.31
CA PRO G 182 21.62 -6.13 -13.48
C PRO G 182 20.98 -4.75 -13.36
N ILE G 183 21.10 -4.16 -12.17
CA ILE G 183 20.55 -2.84 -11.88
C ILE G 183 21.62 -2.00 -11.22
N HIS G 184 21.47 -0.68 -11.36
CA HIS G 184 22.39 0.29 -10.77
C HIS G 184 21.65 1.12 -9.74
N TYR G 185 22.17 1.15 -8.51
CA TYR G 185 21.62 1.97 -7.45
C TYR G 185 22.30 3.33 -7.47
N CYS G 186 21.50 4.39 -7.64
CA CYS G 186 22.05 5.73 -7.80
C CYS G 186 21.43 6.70 -6.82
N ALA G 187 22.23 7.72 -6.44
CA ALA G 187 22.06 8.77 -5.44
C ALA G 187 21.55 10.05 -6.09
N PRO G 188 20.79 10.87 -5.35
CA PRO G 188 20.31 12.14 -5.91
C PRO G 188 21.40 13.19 -5.99
N ALA G 189 21.03 14.41 -6.40
CA ALA G 189 21.97 15.51 -6.46
C ALA G 189 22.45 15.87 -5.06
N GLY G 190 23.74 16.20 -4.95
CA GLY G 190 24.34 16.50 -3.67
C GLY G 190 24.78 15.28 -2.88
N TYR G 191 24.62 14.08 -3.41
CA TYR G 191 25.03 12.85 -2.76
C TYR G 191 26.02 12.13 -3.65
N ALA G 192 27.13 11.69 -3.07
CA ALA G 192 28.19 11.03 -3.80
C ALA G 192 28.39 9.62 -3.28
N ILE G 193 28.84 8.74 -4.17
CA ILE G 193 29.13 7.35 -3.83
C ILE G 193 30.61 7.10 -4.10
N LEU G 194 31.33 6.66 -3.07
CA LEU G 194 32.76 6.44 -3.17
C LEU G 194 33.04 4.98 -3.53
N LYS G 195 34.18 4.77 -4.21
CA LYS G 195 34.57 3.45 -4.70
C LYS G 195 36.04 3.21 -4.39
N CYS G 196 36.31 2.22 -3.56
CA CYS G 196 37.69 1.82 -3.29
C CYS G 196 38.25 1.03 -4.46
N ASN G 197 39.58 1.04 -4.59
CA ASN G 197 40.23 0.41 -5.72
C ASN G 197 41.46 -0.43 -5.36
N ASN G 198 41.79 -0.57 -4.08
CA ASN G 198 42.89 -1.43 -3.70
C ASN G 198 42.50 -2.88 -3.86
N LYS G 199 43.35 -3.65 -4.56
CA LYS G 199 42.99 -5.02 -4.93
C LYS G 199 42.98 -5.97 -3.74
N THR G 200 43.70 -5.64 -2.67
CA THR G 200 43.80 -6.50 -1.49
C THR G 200 43.11 -5.87 -0.29
N PHE G 201 41.95 -5.26 -0.51
CA PHE G 201 41.20 -4.58 0.54
C PHE G 201 40.18 -5.54 1.11
N ASN G 202 40.29 -5.82 2.41
CA ASN G 202 39.35 -6.69 3.11
C ASN G 202 38.21 -5.85 3.69
N GLY G 203 37.45 -6.42 4.62
CA GLY G 203 36.21 -5.78 5.06
C GLY G 203 36.38 -4.41 5.65
N THR G 204 37.40 -4.24 6.51
CA THR G 204 37.61 -2.98 7.20
C THR G 204 39.03 -2.49 6.97
N GLY G 205 39.16 -1.19 6.72
CA GLY G 205 40.47 -0.59 6.53
C GLY G 205 40.43 0.63 5.62
N PRO G 206 41.40 1.52 5.79
CA PRO G 206 41.49 2.69 4.90
C PRO G 206 41.86 2.26 3.49
N CYS G 207 41.37 3.04 2.52
CA CYS G 207 41.62 2.79 1.10
C CYS G 207 42.49 3.91 0.55
N ASN G 208 43.58 3.54 -0.12
CA ASN G 208 44.54 4.50 -0.63
C ASN G 208 44.30 4.87 -2.09
N ASN G 209 43.27 4.32 -2.72
CA ASN G 209 42.93 4.61 -4.11
C ASN G 209 41.42 4.86 -4.24
N VAL G 210 40.90 5.72 -3.36
CA VAL G 210 39.49 6.06 -3.40
C VAL G 210 39.19 6.87 -4.67
N SER G 211 38.13 6.48 -5.39
CA SER G 211 37.69 7.18 -6.57
C SER G 211 36.19 7.42 -6.49
N THR G 212 35.78 8.64 -6.78
CA THR G 212 34.37 8.97 -6.76
C THR G 212 33.69 8.45 -8.03
N VAL G 213 32.35 8.42 -7.99
CA VAL G 213 31.57 7.99 -9.14
C VAL G 213 30.18 8.58 -8.98
N GLN G 214 29.47 8.75 -10.11
CA GLN G 214 28.09 9.18 -10.04
C GLN G 214 27.24 8.18 -9.28
N CYS G 215 27.36 6.90 -9.63
CA CYS G 215 26.69 5.82 -8.91
C CYS G 215 27.29 4.49 -9.36
N THR G 216 26.68 3.41 -8.87
CA THR G 216 27.27 2.08 -8.93
C THR G 216 27.21 1.51 -10.35
N HIS G 217 27.98 0.44 -10.56
CA HIS G 217 27.97 -0.30 -11.82
C HIS G 217 26.88 -1.37 -11.76
N GLY G 218 26.84 -2.24 -12.78
CA GLY G 218 25.83 -3.26 -12.86
C GLY G 218 25.86 -4.28 -11.74
N ILE G 219 24.79 -4.33 -10.95
CA ILE G 219 24.65 -5.25 -9.84
C ILE G 219 23.40 -6.10 -10.08
N LYS G 220 23.56 -7.41 -10.04
CA LYS G 220 22.45 -8.32 -10.30
C LYS G 220 22.03 -9.03 -9.03
N PRO G 221 20.73 -9.06 -8.71
CA PRO G 221 20.25 -9.80 -7.53
C PRO G 221 20.09 -11.27 -7.84
N VAL G 222 20.95 -12.09 -7.23
CA VAL G 222 20.92 -13.54 -7.41
C VAL G 222 20.68 -14.18 -6.05
N VAL G 223 19.66 -15.03 -5.97
CA VAL G 223 19.31 -15.71 -4.73
C VAL G 223 20.11 -17.01 -4.65
N SER G 224 20.91 -17.16 -3.61
CA SER G 224 21.72 -18.35 -3.40
C SER G 224 22.00 -18.50 -1.91
N THR G 225 22.42 -19.70 -1.53
CA THR G 225 22.70 -20.01 -0.14
C THR G 225 24.15 -20.35 0.13
N GLN G 226 24.73 -21.27 -0.64
CA GLN G 226 26.10 -21.73 -0.39
C GLN G 226 27.11 -21.19 -1.38
N LEU G 227 26.79 -21.17 -2.67
CA LEU G 227 27.72 -20.73 -3.71
C LEU G 227 27.13 -19.52 -4.42
N LEU G 228 27.93 -18.47 -4.55
CA LEU G 228 27.51 -17.28 -5.29
C LEU G 228 27.74 -17.52 -6.78
N LEU G 229 26.71 -17.25 -7.57
CA LEU G 229 26.71 -17.58 -8.99
C LEU G 229 26.86 -16.31 -9.83
N ASN G 230 27.46 -16.50 -11.01
CA ASN G 230 27.63 -15.51 -12.08
C ASN G 230 27.94 -14.09 -11.61
N GLY G 231 28.78 -13.97 -10.58
CA GLY G 231 29.13 -12.69 -10.01
C GLY G 231 30.37 -12.08 -10.64
N SER G 232 30.80 -10.97 -10.05
CA SER G 232 31.99 -10.25 -10.51
C SER G 232 33.24 -10.89 -9.93
N LEU G 233 34.22 -11.13 -10.80
CA LEU G 233 35.46 -11.78 -10.38
C LEU G 233 36.39 -10.77 -9.70
N ALA G 234 37.25 -11.28 -8.83
CA ALA G 234 38.25 -10.44 -8.18
C ALA G 234 39.34 -10.05 -9.17
N GLU G 235 40.11 -9.03 -8.80
CA GLU G 235 41.10 -8.46 -9.72
C GLU G 235 42.47 -9.12 -9.58
N LYS G 236 43.05 -9.10 -8.38
CA LYS G 236 44.41 -9.60 -8.19
C LYS G 236 44.43 -11.06 -7.75
N GLU G 237 43.83 -11.36 -6.60
CA GLU G 237 43.80 -12.72 -6.09
C GLU G 237 42.57 -12.88 -5.18
N ILE G 238 42.36 -14.11 -4.71
CA ILE G 238 41.24 -14.39 -3.82
C ILE G 238 41.42 -13.65 -2.51
N ILE G 239 40.35 -12.98 -2.06
CA ILE G 239 40.36 -12.19 -0.84
C ILE G 239 39.34 -12.77 0.12
N ILE G 240 39.68 -12.78 1.41
CA ILE G 240 38.82 -13.32 2.45
C ILE G 240 38.23 -12.16 3.23
N ARG G 241 36.90 -12.12 3.34
CA ARG G 241 36.19 -11.05 4.01
C ARG G 241 35.40 -11.61 5.17
N SER G 242 35.59 -11.03 6.36
CA SER G 242 34.85 -11.43 7.54
C SER G 242 34.90 -10.31 8.56
N GLU G 243 33.81 -10.16 9.33
CA GLU G 243 33.77 -9.14 10.36
C GLU G 243 34.68 -9.51 11.53
N ASN G 244 34.66 -10.77 11.94
CA ASN G 244 35.51 -11.24 13.05
C ASN G 244 35.94 -12.66 12.73
N LEU G 245 37.21 -12.83 12.36
CA LEU G 245 37.72 -14.16 12.02
C LEU G 245 37.69 -15.09 13.23
N THR G 246 38.03 -14.57 14.42
CA THR G 246 38.07 -15.39 15.61
C THR G 246 36.68 -15.79 16.09
N ASN G 247 35.64 -15.11 15.63
CA ASN G 247 34.27 -15.43 16.06
C ASN G 247 33.70 -16.45 15.08
N ASN G 248 33.28 -17.60 15.61
CA ASN G 248 32.76 -18.67 14.77
C ASN G 248 31.35 -18.41 14.27
N ALA G 249 30.53 -17.70 15.05
CA ALA G 249 29.14 -17.48 14.69
C ALA G 249 28.96 -16.55 13.49
N LYS G 250 30.02 -15.88 13.05
CA LYS G 250 29.94 -14.96 11.93
C LYS G 250 30.48 -15.63 10.67
N THR G 251 29.77 -15.44 9.56
CA THR G 251 30.11 -16.09 8.32
C THR G 251 31.38 -15.49 7.72
N ILE G 252 31.98 -16.24 6.78
CA ILE G 252 33.17 -15.82 6.06
C ILE G 252 32.86 -15.84 4.57
N ILE G 253 33.12 -14.73 3.89
CA ILE G 253 32.87 -14.59 2.47
C ILE G 253 34.19 -14.74 1.73
N VAL G 254 34.24 -15.67 0.78
CA VAL G 254 35.41 -15.92 -0.05
C VAL G 254 35.09 -15.45 -1.46
N HIS G 255 35.94 -14.57 -2.00
CA HIS G 255 35.72 -13.95 -3.30
C HIS G 255 36.85 -14.37 -4.23
N LEU G 256 36.54 -15.20 -5.21
CA LEU G 256 37.53 -15.77 -6.11
C LEU G 256 37.78 -14.85 -7.31
N ASN G 257 39.01 -14.90 -7.81
CA ASN G 257 39.37 -14.21 -9.05
C ASN G 257 39.28 -15.11 -10.27
N GLU G 258 38.91 -16.38 -10.08
CA GLU G 258 38.73 -17.32 -11.18
C GLU G 258 37.35 -17.96 -11.04
N SER G 259 36.68 -18.14 -12.17
CA SER G 259 35.33 -18.67 -12.18
C SER G 259 35.32 -20.14 -12.57
N VAL G 260 34.48 -20.92 -11.90
CA VAL G 260 34.32 -22.35 -12.16
C VAL G 260 32.96 -22.54 -12.81
N GLY G 261 32.94 -23.22 -13.95
CA GLY G 261 31.70 -23.40 -14.69
C GLY G 261 30.80 -24.47 -14.11
N ILE G 262 29.59 -24.09 -13.70
CA ILE G 262 28.57 -25.03 -13.26
C ILE G 262 27.40 -24.95 -14.23
N VAL G 263 27.05 -26.08 -14.82
CA VAL G 263 25.92 -26.19 -15.75
C VAL G 263 25.17 -27.47 -15.44
N CYS G 264 23.85 -27.43 -15.53
CA CYS G 264 23.03 -28.62 -15.37
C CYS G 264 21.63 -28.36 -15.88
N THR G 265 20.85 -29.45 -15.99
CA THR G 265 19.53 -29.44 -16.59
C THR G 265 18.55 -30.10 -15.63
N ARG G 266 17.29 -30.16 -16.07
CA ARG G 266 16.24 -30.93 -15.41
C ARG G 266 15.73 -31.79 -16.57
N PRO G 267 16.37 -32.93 -16.83
CA PRO G 267 16.10 -33.64 -18.09
C PRO G 267 14.78 -34.40 -18.08
N SER G 268 13.77 -33.78 -18.68
CA SER G 268 12.46 -34.37 -18.93
C SER G 268 11.58 -33.39 -19.69
N ASN G 269 10.72 -33.89 -20.56
CA ASN G 269 9.65 -33.08 -21.13
C ASN G 269 8.39 -33.19 -20.26
N MET G 270 7.99 -32.05 -19.70
CA MET G 270 6.78 -31.95 -18.90
C MET G 270 5.69 -31.27 -19.72
N THR G 271 4.54 -31.92 -19.87
CA THR G 271 3.41 -31.29 -20.52
C THR G 271 2.78 -30.29 -19.57
N ARG G 272 2.58 -29.06 -20.05
CA ARG G 272 2.05 -27.98 -19.23
C ARG G 272 0.54 -28.05 -19.29
N LYS G 273 -0.07 -28.58 -18.22
CA LYS G 273 -1.50 -28.86 -18.17
C LYS G 273 -2.22 -27.71 -17.48
N SER G 274 -3.30 -27.23 -18.11
CA SER G 274 -4.11 -26.17 -17.55
C SER G 274 -5.28 -26.78 -16.79
N ILE G 275 -5.43 -26.40 -15.53
CA ILE G 275 -6.48 -26.91 -14.65
C ILE G 275 -7.19 -25.73 -14.02
N ARG G 276 -8.49 -25.88 -13.81
CA ARG G 276 -9.35 -24.79 -13.31
C ARG G 276 -9.84 -25.13 -11.91
N ILE G 277 -9.56 -24.25 -10.96
CA ILE G 277 -10.07 -24.36 -9.59
C ILE G 277 -10.77 -23.05 -9.23
N GLY G 278 -12.00 -23.16 -8.75
CA GLY G 278 -12.78 -21.99 -8.41
C GLY G 278 -13.22 -21.20 -9.62
N PRO G 279 -14.13 -20.25 -9.44
CA PRO G 279 -14.58 -19.40 -10.55
C PRO G 279 -13.55 -18.32 -10.86
N GLY G 280 -12.88 -18.47 -11.99
CA GLY G 280 -11.97 -17.45 -12.48
C GLY G 280 -10.52 -17.61 -12.10
N GLN G 281 -10.13 -18.72 -11.50
CA GLN G 281 -8.74 -18.97 -11.10
C GLN G 281 -8.24 -20.23 -11.79
N THR G 282 -7.06 -20.13 -12.41
CA THR G 282 -6.40 -21.28 -13.03
C THR G 282 -4.95 -21.31 -12.59
N PHE G 283 -4.50 -22.46 -12.11
CA PHE G 283 -3.08 -22.68 -11.82
C PHE G 283 -2.56 -23.81 -12.70
N TYR G 284 -1.25 -23.96 -12.73
CA TYR G 284 -0.59 -24.89 -13.63
C TYR G 284 0.24 -25.90 -12.84
N ALA G 285 0.34 -27.11 -13.36
CA ALA G 285 1.08 -28.18 -12.71
C ALA G 285 1.63 -29.13 -13.77
N LEU G 286 2.41 -30.11 -13.31
CA LEU G 286 3.00 -31.08 -14.22
C LEU G 286 1.93 -31.99 -14.79
N GLY G 287 1.92 -32.15 -16.12
CA GLY G 287 0.90 -32.93 -16.77
C GLY G 287 1.14 -34.43 -16.79
N ASP G 288 2.22 -34.87 -17.45
CA ASP G 288 2.48 -36.28 -17.66
C ASP G 288 3.97 -36.48 -17.86
N ILE G 289 4.34 -37.73 -18.12
CA ILE G 289 5.73 -38.13 -18.37
C ILE G 289 5.81 -38.73 -19.77
N ILE G 290 6.81 -38.29 -20.54
CA ILE G 290 7.08 -38.85 -21.87
C ILE G 290 8.54 -39.29 -21.85
N GLY G 291 8.76 -40.59 -21.67
CA GLY G 291 10.10 -41.13 -21.65
C GLY G 291 10.48 -41.77 -20.34
N ASP G 292 11.71 -41.52 -19.89
CA ASP G 292 12.24 -42.11 -18.65
C ASP G 292 12.45 -41.03 -17.61
N ILE G 293 12.11 -41.35 -16.36
CA ILE G 293 12.28 -40.42 -15.25
C ILE G 293 13.73 -40.49 -14.79
N ARG G 294 14.42 -39.36 -14.84
CA ARG G 294 15.81 -39.25 -14.40
C ARG G 294 15.97 -38.06 -13.48
N GLN G 295 16.72 -38.26 -12.39
CA GLN G 295 16.88 -37.21 -11.39
C GLN G 295 17.75 -36.08 -11.93
N PRO G 296 17.53 -34.85 -11.45
CA PRO G 296 18.44 -33.76 -11.80
C PRO G 296 19.82 -33.99 -11.21
N HIS G 297 20.83 -33.51 -11.92
CA HIS G 297 22.22 -33.69 -11.49
C HIS G 297 23.06 -32.58 -12.09
N CYS G 298 23.93 -31.99 -11.28
CA CYS G 298 24.79 -30.90 -11.71
C CYS G 298 26.25 -31.32 -11.63
N ASN G 299 26.99 -31.08 -12.72
CA ASN G 299 28.37 -31.52 -12.85
C ASN G 299 29.30 -30.33 -12.65
N ILE G 300 30.45 -30.59 -12.02
CA ILE G 300 31.50 -29.60 -11.84
C ILE G 300 32.84 -30.28 -12.12
N SER G 301 33.68 -29.64 -12.93
CA SER G 301 34.94 -30.24 -13.35
C SER G 301 35.84 -30.52 -12.16
N LYS G 302 36.50 -31.68 -12.19
CA LYS G 302 37.36 -32.07 -11.07
C LYS G 302 38.57 -31.15 -10.94
N GLN G 303 39.27 -30.90 -12.06
CA GLN G 303 40.47 -30.07 -12.00
C GLN G 303 40.13 -28.62 -11.66
N ASN G 304 39.00 -28.12 -12.17
CA ASN G 304 38.62 -26.74 -11.87
C ASN G 304 38.31 -26.55 -10.39
N TRP G 305 37.56 -27.47 -9.80
CA TRP G 305 37.18 -27.32 -8.40
C TRP G 305 38.33 -27.67 -7.46
N ASN G 306 39.14 -28.67 -7.82
CA ASN G 306 40.24 -29.08 -6.94
C ASN G 306 41.31 -28.00 -6.87
N ARG G 307 41.62 -27.36 -8.01
CA ARG G 307 42.61 -26.28 -8.01
C ARG G 307 42.13 -25.10 -7.19
N THR G 308 40.84 -24.75 -7.30
CA THR G 308 40.31 -23.57 -6.61
C THR G 308 40.40 -23.73 -5.09
N LEU G 309 40.08 -24.93 -4.59
CA LEU G 309 40.11 -25.15 -3.15
C LEU G 309 41.52 -25.07 -2.58
N GLN G 310 42.54 -25.26 -3.41
CA GLN G 310 43.91 -25.21 -2.91
C GLN G 310 44.33 -23.78 -2.58
N GLN G 311 44.03 -22.82 -3.46
CA GLN G 311 44.37 -21.44 -3.15
C GLN G 311 43.53 -20.89 -2.01
N VAL G 312 42.27 -21.32 -1.92
CA VAL G 312 41.43 -20.92 -0.80
C VAL G 312 41.99 -21.46 0.50
N GLY G 313 42.45 -22.70 0.50
CA GLY G 313 43.03 -23.29 1.70
C GLY G 313 44.30 -22.57 2.14
N ARG G 314 45.19 -22.28 1.19
CA ARG G 314 46.43 -21.58 1.54
C ARG G 314 46.22 -20.11 1.81
N LYS G 315 45.14 -19.51 1.30
CA LYS G 315 44.83 -18.13 1.67
C LYS G 315 44.36 -18.04 3.11
N LEU G 316 43.58 -19.03 3.57
CA LEU G 316 43.20 -19.11 4.97
C LEU G 316 44.38 -19.49 5.87
N ALA G 317 45.46 -20.02 5.28
CA ALA G 317 46.62 -20.40 6.08
C ALA G 317 47.33 -19.19 6.69
N GLU G 318 47.36 -18.06 5.95
CA GLU G 318 47.93 -16.85 6.53
C GLU G 318 47.07 -16.32 7.67
N HIS G 319 45.75 -16.35 7.50
CA HIS G 319 44.85 -15.92 8.56
C HIS G 319 44.77 -16.93 9.70
N PHE G 320 45.10 -18.19 9.43
CA PHE G 320 45.09 -19.24 10.45
C PHE G 320 46.44 -19.97 10.42
N PRO G 321 47.49 -19.33 10.91
CA PRO G 321 48.82 -19.95 10.86
C PRO G 321 48.91 -21.17 11.78
N ASN G 322 49.78 -22.10 11.38
CA ASN G 322 50.08 -23.31 12.15
C ASN G 322 48.85 -24.18 12.39
N ARG G 323 47.84 -24.10 11.51
CA ARG G 323 46.60 -24.82 11.66
C ARG G 323 46.32 -25.63 10.40
N ASN G 324 45.70 -26.80 10.59
CA ASN G 324 45.31 -27.63 9.47
C ASN G 324 43.89 -27.29 9.03
N ILE G 325 43.72 -27.10 7.73
CA ILE G 325 42.46 -26.62 7.16
C ILE G 325 41.86 -27.73 6.31
N THR G 326 40.60 -28.07 6.61
CA THR G 326 39.87 -29.10 5.88
C THR G 326 38.47 -28.60 5.57
N PHE G 327 37.88 -29.17 4.52
CA PHE G 327 36.54 -28.80 4.07
C PHE G 327 35.59 -29.97 4.25
N ASN G 328 34.39 -29.68 4.75
CA ASN G 328 33.41 -30.69 5.08
C ASN G 328 32.03 -30.28 4.57
N HIS G 329 31.13 -31.25 4.52
CA HIS G 329 29.77 -30.99 4.06
C HIS G 329 28.97 -30.27 5.16
N SER G 330 27.73 -29.94 4.82
CA SER G 330 26.87 -29.20 5.73
C SER G 330 26.47 -30.07 6.93
N SER G 331 26.10 -29.40 8.02
CA SER G 331 25.73 -30.11 9.24
C SER G 331 24.46 -30.94 9.03
N GLY G 332 23.48 -30.38 8.35
CA GLY G 332 22.23 -31.05 8.07
C GLY G 332 21.06 -30.37 8.74
N GLY G 333 19.93 -31.08 8.77
CA GLY G 333 18.72 -30.55 9.36
C GLY G 333 17.70 -30.09 8.33
N ASP G 334 17.33 -28.82 8.39
CA ASP G 334 16.38 -28.27 7.42
C ASP G 334 17.01 -28.18 6.04
N LEU G 335 16.20 -28.47 5.01
CA LEU G 335 16.70 -28.53 3.64
C LEU G 335 17.00 -27.16 3.05
N GLU G 336 16.51 -26.08 3.67
CA GLU G 336 16.65 -24.76 3.08
C GLU G 336 18.11 -24.30 3.05
N ILE G 337 18.88 -24.64 4.08
CA ILE G 337 20.25 -24.14 4.19
C ILE G 337 21.30 -25.25 4.11
N THR G 338 20.92 -26.51 4.25
CA THR G 338 21.91 -27.58 4.16
C THR G 338 22.31 -27.90 2.72
N THR G 339 21.58 -27.38 1.74
CA THR G 339 21.85 -27.63 0.33
C THR G 339 22.14 -26.32 -0.38
N HIS G 340 22.59 -26.44 -1.62
CA HIS G 340 22.86 -25.28 -2.47
C HIS G 340 21.60 -24.99 -3.27
N SER G 341 20.85 -23.98 -2.84
CA SER G 341 19.61 -23.60 -3.50
C SER G 341 19.88 -22.45 -4.46
N PHE G 342 19.50 -22.63 -5.72
CA PHE G 342 19.78 -21.65 -6.75
C PHE G 342 18.62 -21.62 -7.73
N ASN G 343 18.69 -20.72 -8.70
CA ASN G 343 17.59 -20.48 -9.64
C ASN G 343 17.99 -20.92 -11.03
N CYS G 344 17.02 -21.47 -11.76
CA CYS G 344 17.27 -21.92 -13.13
C CYS G 344 15.94 -21.86 -13.89
N ARG G 345 15.79 -20.86 -14.76
CA ARG G 345 14.65 -20.67 -15.65
C ARG G 345 13.36 -20.35 -14.90
N GLY G 346 13.37 -20.29 -13.57
CA GLY G 346 12.17 -20.14 -12.78
C GLY G 346 11.82 -21.34 -11.95
N GLU G 347 12.53 -22.45 -12.10
CA GLU G 347 12.34 -23.64 -11.28
C GLU G 347 13.38 -23.61 -10.16
N PHE G 348 12.91 -23.79 -8.93
CA PHE G 348 13.76 -23.68 -7.75
C PHE G 348 14.42 -25.03 -7.49
N PHE G 349 15.75 -25.04 -7.41
CA PHE G 349 16.53 -26.25 -7.22
C PHE G 349 17.04 -26.34 -5.79
N TYR G 350 17.43 -27.56 -5.41
CA TYR G 350 18.03 -27.81 -4.09
C TYR G 350 19.04 -28.93 -4.28
N CYS G 351 20.31 -28.55 -4.47
CA CYS G 351 21.38 -29.49 -4.78
C CYS G 351 22.14 -29.89 -3.53
N ASN G 352 22.21 -31.19 -3.27
CA ASN G 352 22.94 -31.71 -2.12
C ASN G 352 24.43 -31.53 -2.35
N THR G 353 25.01 -30.51 -1.73
CA THR G 353 26.44 -30.22 -1.87
C THR G 353 27.19 -30.96 -0.77
N SER G 354 27.66 -32.16 -1.09
CA SER G 354 28.47 -32.95 -0.18
C SER G 354 29.77 -33.41 -0.81
N GLY G 355 29.78 -33.72 -2.11
CA GLY G 355 30.98 -34.13 -2.78
C GLY G 355 31.92 -33.00 -3.17
N LEU G 356 31.46 -31.75 -3.07
CA LEU G 356 32.35 -30.62 -3.37
C LEU G 356 33.35 -30.42 -2.24
N PHE G 357 32.90 -30.48 -0.99
CA PHE G 357 33.78 -30.33 0.16
C PHE G 357 34.20 -31.71 0.64
N ASN G 358 34.99 -32.37 -0.20
CA ASN G 358 35.40 -33.76 -0.04
C ASN G 358 36.92 -33.86 -0.07
N GLY G 359 37.57 -33.01 0.70
CA GLY G 359 39.03 -33.02 0.73
C GLY G 359 39.55 -32.25 1.91
N THR G 360 40.88 -32.26 2.04
CA THR G 360 41.57 -31.57 3.11
C THR G 360 42.82 -30.91 2.54
N TYR G 361 43.30 -29.88 3.22
CA TYR G 361 44.46 -29.11 2.79
C TYR G 361 45.55 -29.19 3.84
N HIS G 362 46.78 -29.42 3.39
CA HIS G 362 47.94 -29.47 4.26
C HIS G 362 48.94 -28.39 3.87
N PRO G 363 49.60 -27.74 4.84
CA PRO G 363 50.56 -26.68 4.49
C PRO G 363 51.74 -27.17 3.67
N ASN G 364 52.19 -28.41 3.88
CA ASN G 364 53.29 -28.97 3.12
C ASN G 364 52.82 -30.18 2.32
N GLY G 365 53.16 -30.21 1.05
CA GLY G 365 52.78 -31.31 0.18
C GLY G 365 52.88 -30.91 -1.27
N THR G 366 52.49 -31.85 -2.12
CA THR G 366 52.47 -31.65 -3.56
C THR G 366 51.03 -31.76 -4.08
N TYR G 367 50.61 -30.77 -4.85
CA TYR G 367 49.24 -30.73 -5.37
C TYR G 367 49.24 -30.24 -6.81
N ASN G 368 50.16 -30.74 -7.62
CA ASN G 368 50.28 -30.31 -9.00
C ASN G 368 49.13 -30.84 -9.85
N GLU G 369 48.86 -30.15 -10.96
CA GLU G 369 47.68 -30.46 -11.77
C GLU G 369 47.87 -31.73 -12.58
N THR G 370 49.11 -32.14 -12.83
CA THR G 370 49.35 -33.35 -13.63
C THR G 370 48.89 -34.60 -12.93
N ALA G 371 48.81 -34.61 -11.59
CA ALA G 371 48.32 -35.78 -10.88
C ALA G 371 46.83 -35.98 -11.10
N VAL G 372 46.06 -34.89 -11.15
CA VAL G 372 44.61 -34.98 -11.32
C VAL G 372 44.29 -35.29 -12.77
N ASN G 373 43.45 -36.29 -12.98
CA ASN G 373 43.04 -36.68 -14.32
C ASN G 373 41.93 -35.76 -14.82
N SER G 374 42.11 -35.23 -16.03
CA SER G 374 41.19 -34.25 -16.58
C SER G 374 39.93 -34.92 -17.11
N SER G 375 38.99 -34.10 -17.59
CA SER G 375 37.72 -34.51 -18.18
C SER G 375 36.84 -35.28 -17.20
N ASP G 376 37.20 -35.27 -15.93
CA ASP G 376 36.39 -35.88 -14.88
C ASP G 376 35.59 -34.81 -14.16
N THR G 377 34.45 -35.21 -13.61
CA THR G 377 33.54 -34.26 -12.96
C THR G 377 32.84 -34.92 -11.80
N ILE G 378 32.31 -34.08 -10.90
CA ILE G 378 31.58 -34.52 -9.72
C ILE G 378 30.10 -34.31 -9.98
N THR G 379 29.31 -35.37 -9.82
CA THR G 379 27.87 -35.31 -10.01
C THR G 379 27.21 -34.92 -8.68
N LEU G 380 26.42 -33.85 -8.71
CA LEU G 380 25.74 -33.35 -7.52
C LEU G 380 24.25 -33.67 -7.64
N GLN G 381 23.74 -34.45 -6.70
CA GLN G 381 22.33 -34.79 -6.69
C GLN G 381 21.51 -33.57 -6.27
N CYS G 382 20.40 -33.34 -6.96
CA CYS G 382 19.54 -32.21 -6.68
C CYS G 382 18.09 -32.66 -6.66
N ARG G 383 17.26 -31.93 -5.91
CA ARG G 383 15.84 -32.21 -5.81
C ARG G 383 15.06 -30.93 -6.08
N ILE G 384 13.90 -31.07 -6.71
CA ILE G 384 13.09 -29.94 -7.15
C ILE G 384 11.97 -29.73 -6.15
N LYS G 385 11.82 -28.49 -5.68
CA LYS G 385 10.76 -28.10 -4.76
C LYS G 385 10.05 -26.89 -5.36
N GLN G 386 8.81 -27.09 -5.81
CA GLN G 386 8.07 -26.03 -6.50
C GLN G 386 7.24 -25.16 -5.56
N ILE G 387 7.23 -25.48 -4.26
CA ILE G 387 6.61 -24.63 -3.25
C ILE G 387 7.73 -24.15 -2.33
N ILE G 388 7.92 -22.83 -2.27
CA ILE G 388 9.11 -22.24 -1.65
C ILE G 388 8.68 -21.19 -0.64
N ASN G 389 9.26 -21.25 0.55
CA ASN G 389 9.16 -20.19 1.55
C ASN G 389 10.50 -19.46 1.59
N MET G 390 10.47 -18.16 1.31
CA MET G 390 11.68 -17.36 1.16
C MET G 390 11.83 -16.41 2.34
N TRP G 391 13.07 -15.97 2.57
CA TRP G 391 13.48 -15.05 3.63
C TRP G 391 13.29 -15.63 5.03
N GLN G 392 13.07 -16.94 5.14
CA GLN G 392 13.00 -17.64 6.42
C GLN G 392 11.92 -17.06 7.33
N GLU G 393 10.78 -16.69 6.74
CA GLU G 393 9.65 -16.20 7.51
C GLU G 393 8.40 -16.98 7.12
N VAL G 394 7.42 -16.96 8.02
CA VAL G 394 6.33 -17.94 8.01
C VAL G 394 5.16 -17.47 7.15
N GLY G 395 5.35 -16.37 6.41
CA GLY G 395 4.25 -15.80 5.67
C GLY G 395 4.48 -15.54 4.19
N ARG G 396 5.19 -16.45 3.51
CA ARG G 396 5.50 -16.24 2.10
C ARG G 396 5.33 -17.54 1.32
N CYS G 397 4.81 -17.40 0.09
CA CYS G 397 4.82 -18.46 -0.90
C CYS G 397 5.26 -17.91 -2.25
N MET G 398 5.98 -18.75 -2.99
CA MET G 398 6.29 -18.49 -4.39
C MET G 398 6.19 -19.83 -5.12
N TYR G 399 5.00 -20.14 -5.61
CA TYR G 399 4.76 -21.40 -6.31
C TYR G 399 5.26 -21.26 -7.75
N ALA G 400 6.30 -22.02 -8.08
CA ALA G 400 6.89 -21.94 -9.42
C ALA G 400 6.11 -22.83 -10.37
N PRO G 401 5.48 -22.27 -11.40
CA PRO G 401 4.77 -23.09 -12.38
C PRO G 401 5.74 -23.88 -13.23
N PRO G 402 5.42 -25.13 -13.56
CA PRO G 402 6.30 -25.92 -14.43
C PRO G 402 6.38 -25.32 -15.82
N ILE G 403 7.53 -25.53 -16.46
CA ILE G 403 7.80 -25.03 -17.81
C ILE G 403 7.85 -26.22 -18.76
N ALA G 404 7.16 -26.10 -19.88
CA ALA G 404 7.13 -27.17 -20.87
C ALA G 404 8.53 -27.43 -21.42
N GLY G 405 8.89 -28.70 -21.51
CA GLY G 405 10.20 -29.09 -21.96
C GLY G 405 11.25 -28.98 -20.87
N ASN G 406 12.37 -29.65 -21.09
CA ASN G 406 13.47 -29.63 -20.14
C ASN G 406 14.18 -28.29 -20.16
N ILE G 407 14.70 -27.90 -19.00
CA ILE G 407 15.32 -26.60 -18.81
C ILE G 407 16.83 -26.79 -18.68
N THR G 408 17.56 -25.70 -18.94
CA THR G 408 19.02 -25.73 -18.82
C THR G 408 19.50 -24.35 -18.42
N CYS G 409 20.69 -24.32 -17.82
CA CYS G 409 21.28 -23.07 -17.34
C CYS G 409 22.79 -23.14 -17.47
N ASN G 410 23.41 -21.97 -17.53
CA ASN G 410 24.86 -21.84 -17.62
C ASN G 410 25.29 -20.69 -16.73
N SER G 411 26.12 -20.97 -15.72
CA SER G 411 26.55 -19.93 -14.80
C SER G 411 27.95 -20.27 -14.28
N ASN G 412 28.64 -19.23 -13.80
CA ASN G 412 29.97 -19.38 -13.23
C ASN G 412 29.86 -19.68 -11.73
N ILE G 413 31.01 -19.85 -11.10
CA ILE G 413 31.11 -19.90 -9.64
C ILE G 413 32.06 -18.80 -9.21
N THR G 414 31.58 -17.88 -8.38
CA THR G 414 32.35 -16.70 -8.02
C THR G 414 32.65 -16.61 -6.53
N GLY G 415 31.65 -16.81 -5.66
CA GLY G 415 31.85 -16.66 -4.24
C GLY G 415 31.35 -17.87 -3.47
N LEU G 416 31.94 -18.07 -2.30
CA LEU G 416 31.57 -19.15 -1.40
C LEU G 416 31.28 -18.58 -0.03
N LEU G 417 30.28 -19.14 0.65
CA LEU G 417 29.90 -18.74 2.00
C LEU G 417 30.32 -19.85 2.95
N LEU G 418 31.28 -19.56 3.81
CA LEU G 418 31.89 -20.56 4.69
C LEU G 418 31.61 -20.23 6.15
N THR G 419 31.55 -21.28 6.97
CA THR G 419 31.42 -21.15 8.42
C THR G 419 32.42 -22.08 9.10
N ARG G 420 32.80 -21.72 10.31
CA ARG G 420 33.84 -22.43 11.06
C ARG G 420 33.28 -22.96 12.37
N ASP G 421 33.68 -24.18 12.73
CA ASP G 421 33.20 -24.81 13.96
C ASP G 421 33.80 -24.13 15.19
N GLY G 422 35.12 -24.14 15.31
CA GLY G 422 35.79 -23.48 16.41
C GLY G 422 35.56 -24.10 17.77
N GLY G 423 35.73 -25.41 17.88
CA GLY G 423 35.66 -26.06 19.18
C GLY G 423 36.72 -25.55 20.13
N ILE G 424 36.31 -25.14 21.33
CA ILE G 424 37.25 -24.59 22.30
C ILE G 424 38.23 -25.66 22.76
N ASN G 425 37.72 -26.85 23.08
CA ASN G 425 38.61 -27.93 23.49
C ASN G 425 39.37 -28.52 22.31
N GLN G 426 38.83 -28.41 21.10
CA GLN G 426 39.49 -28.95 19.92
C GLN G 426 40.74 -28.14 19.59
N THR G 427 41.81 -28.85 19.26
CA THR G 427 43.08 -28.22 18.91
C THR G 427 43.64 -28.89 17.67
N GLY G 428 44.44 -28.12 16.91
CA GLY G 428 45.07 -28.63 15.71
C GLY G 428 44.24 -28.43 14.46
N GLU G 429 43.59 -29.49 13.99
CA GLU G 429 42.76 -29.41 12.80
C GLU G 429 41.52 -28.58 13.07
N GLU G 430 41.07 -27.84 12.06
CA GLU G 430 39.84 -27.06 12.13
C GLU G 430 39.02 -27.31 10.87
N ILE G 431 37.70 -27.28 11.00
CA ILE G 431 36.79 -27.69 9.94
C ILE G 431 36.00 -26.48 9.47
N PHE G 432 35.96 -26.28 8.15
CA PHE G 432 35.18 -25.23 7.52
C PHE G 432 34.00 -25.85 6.80
N ARG G 433 32.80 -25.32 7.05
CA ARG G 433 31.57 -25.84 6.47
C ARG G 433 30.82 -24.73 5.76
N PRO G 434 30.11 -25.04 4.68
CA PRO G 434 29.31 -24.01 4.01
C PRO G 434 27.97 -23.82 4.69
N GLY G 435 27.52 -22.57 4.73
CA GLY G 435 26.24 -22.25 5.34
C GLY G 435 25.75 -20.84 5.06
N GLY G 436 24.49 -20.73 4.62
CA GLY G 436 23.86 -19.45 4.38
C GLY G 436 23.28 -18.85 5.65
N GLY G 437 24.15 -18.31 6.51
CA GLY G 437 23.68 -17.77 7.78
C GLY G 437 22.74 -16.59 7.61
N ASP G 438 23.07 -15.68 6.70
CA ASP G 438 22.25 -14.50 6.46
C ASP G 438 22.01 -14.34 4.97
N MET G 439 20.78 -13.93 4.61
CA MET G 439 20.46 -13.71 3.21
C MET G 439 21.11 -12.45 2.67
N ARG G 440 21.35 -11.46 3.53
CA ARG G 440 21.99 -10.22 3.09
C ARG G 440 23.44 -10.43 2.68
N ASP G 441 24.03 -11.57 3.04
CA ASP G 441 25.43 -11.84 2.70
C ASP G 441 25.64 -12.01 1.20
N ASN G 442 24.60 -12.40 0.46
CA ASN G 442 24.74 -12.55 -0.99
C ASN G 442 25.04 -11.22 -1.66
N TRP G 443 24.36 -10.16 -1.24
CA TRP G 443 24.61 -8.83 -1.79
C TRP G 443 25.82 -8.15 -1.15
N ARG G 444 26.37 -8.71 -0.07
CA ARG G 444 27.57 -8.15 0.54
C ARG G 444 28.79 -8.34 -0.34
N SER G 445 28.77 -9.29 -1.27
CA SER G 445 29.90 -9.53 -2.16
C SER G 445 29.93 -8.59 -3.36
N GLU G 446 28.88 -7.80 -3.56
CA GLU G 446 28.84 -6.83 -4.65
C GLU G 446 28.85 -5.38 -4.17
N LEU G 447 28.60 -5.13 -2.89
CA LEU G 447 28.57 -3.80 -2.32
C LEU G 447 29.67 -3.59 -1.29
N TYR G 448 30.77 -4.33 -1.42
CA TYR G 448 31.86 -4.27 -0.47
C TYR G 448 32.76 -3.06 -0.65
N LYS G 449 32.71 -2.39 -1.80
CA LYS G 449 33.59 -1.28 -2.10
C LYS G 449 32.84 0.03 -2.26
N TYR G 450 31.58 0.08 -1.83
CA TYR G 450 30.72 1.23 -2.07
C TYR G 450 30.28 1.84 -0.74
N LYS G 451 30.15 3.17 -0.74
CA LYS G 451 29.69 3.91 0.43
C LYS G 451 29.05 5.21 -0.04
N VAL G 452 27.91 5.54 0.55
CA VAL G 452 27.20 6.76 0.22
C VAL G 452 27.63 7.86 1.19
N VAL G 453 27.74 9.08 0.67
CA VAL G 453 28.27 10.21 1.45
C VAL G 453 27.58 11.49 0.98
N GLU G 454 27.45 12.44 1.90
CA GLU G 454 26.89 13.75 1.61
C GLU G 454 27.97 14.71 1.13
N ILE G 455 27.53 15.82 0.56
CA ILE G 455 28.41 16.89 0.11
C ILE G 455 28.02 18.17 0.86
N LYS G 456 29.02 18.83 1.45
CA LYS G 456 28.83 20.09 2.16
C LYS G 456 29.65 21.16 1.45
N PRO G 457 29.04 21.93 0.55
CA PRO G 457 29.82 22.86 -0.28
C PRO G 457 30.20 24.15 0.44
N LEU G 458 30.05 24.20 1.75
CA LEU G 458 30.36 25.39 2.53
C LEU G 458 31.70 25.24 3.23
N GLY G 459 32.57 26.23 3.06
CA GLY G 459 33.87 26.24 3.71
C GLY G 459 34.28 27.62 4.16
N ILE G 460 34.94 27.70 5.31
CA ILE G 460 35.34 28.98 5.90
C ILE G 460 36.80 28.90 6.33
N ALA G 461 37.54 29.99 6.10
CA ALA G 461 38.95 30.06 6.44
C ALA G 461 39.35 31.52 6.53
N PRO G 462 40.34 31.86 7.36
CA PRO G 462 40.79 33.25 7.44
C PRO G 462 41.52 33.67 6.17
N THR G 463 41.49 34.99 5.92
CA THR G 463 42.13 35.56 4.74
C THR G 463 42.48 37.01 5.05
N LYS G 464 43.22 37.62 4.12
CA LYS G 464 43.71 38.98 4.28
C LYS G 464 42.83 40.00 3.55
N CYS G 465 41.72 39.58 2.96
CA CYS G 465 40.80 40.49 2.28
C CYS G 465 39.66 40.87 3.21
N LYS G 466 39.20 42.11 3.09
CA LYS G 466 38.15 42.65 3.93
C LYS G 466 37.01 43.15 3.06
N ARG G 467 35.78 42.94 3.52
CA ARG G 467 34.61 43.39 2.78
C ARG G 467 34.56 44.91 2.74
N ARG G 468 34.37 45.47 1.55
CA ARG G 468 34.33 46.91 1.39
C ARG G 468 32.98 47.45 1.84
N VAL G 469 33.01 48.62 2.48
CA VAL G 469 31.80 49.30 2.95
C VAL G 469 31.69 50.63 2.22
N VAL G 470 30.52 50.88 1.63
CA VAL G 470 30.31 52.11 0.88
C VAL G 470 30.13 53.28 1.86
N GLU G 471 30.63 54.45 1.46
CA GLU G 471 30.51 55.64 2.29
C GLU G 471 29.84 56.77 1.52
N VAL H 7 39.04 24.01 -15.89
CA VAL H 7 37.60 23.85 -16.04
C VAL H 7 37.30 22.41 -16.46
N PHE H 8 38.31 21.72 -16.96
CA PHE H 8 38.16 20.34 -17.39
C PHE H 8 38.12 19.35 -16.25
N LEU H 9 38.42 19.79 -15.02
CA LEU H 9 38.27 18.94 -13.85
C LEU H 9 36.79 18.73 -13.54
N GLY H 10 36.51 17.79 -12.65
CA GLY H 10 35.13 17.44 -12.38
C GLY H 10 34.73 17.42 -10.92
N PHE H 11 33.68 16.65 -10.61
CA PHE H 11 33.11 16.65 -9.27
C PHE H 11 34.11 16.07 -8.26
N LEU H 12 34.19 16.73 -7.11
CA LEU H 12 35.08 16.35 -6.00
C LEU H 12 36.55 16.28 -6.43
N GLY H 13 36.91 16.99 -7.49
CA GLY H 13 38.29 16.99 -7.94
C GLY H 13 39.19 17.75 -7.00
N ALA H 14 40.46 17.33 -6.97
CA ALA H 14 41.50 17.94 -6.13
C ALA H 14 41.12 17.93 -4.65
N ALA H 15 40.36 16.91 -4.23
CA ALA H 15 39.99 16.80 -2.82
C ALA H 15 41.22 16.54 -1.95
N GLY H 16 42.14 15.70 -2.42
CA GLY H 16 43.38 15.45 -1.73
C GLY H 16 44.48 16.44 -2.02
N SER H 17 44.21 17.45 -2.84
CA SER H 17 45.20 18.46 -3.18
C SER H 17 45.38 19.43 -2.01
N THR H 18 46.17 20.47 -2.26
CA THR H 18 46.47 21.43 -1.20
C THR H 18 45.29 22.37 -0.96
N MET H 19 45.49 23.30 -0.02
CA MET H 19 44.44 24.23 0.36
C MET H 19 44.09 25.17 -0.79
N GLY H 20 45.10 25.79 -1.39
CA GLY H 20 44.89 26.80 -2.40
C GLY H 20 44.73 26.28 -3.82
N ALA H 21 45.11 25.02 -4.05
CA ALA H 21 44.97 24.44 -5.38
C ALA H 21 43.49 24.27 -5.74
N ALA H 22 42.65 23.95 -4.75
CA ALA H 22 41.23 23.79 -4.99
C ALA H 22 40.48 25.11 -5.02
N SER H 23 41.14 26.23 -4.72
CA SER H 23 40.47 27.53 -4.74
C SER H 23 40.04 27.92 -6.14
N ASN H 24 40.73 27.43 -7.16
CA ASN H 24 40.40 27.70 -8.56
C ASN H 24 39.57 26.59 -9.18
N THR H 25 39.08 25.65 -8.38
CA THR H 25 38.33 24.49 -8.87
C THR H 25 37.02 24.38 -8.11
N LEU H 26 36.30 25.50 -7.99
CA LEU H 26 35.04 25.54 -7.25
C LEU H 26 33.80 25.49 -8.11
N THR H 27 33.89 25.92 -9.38
CA THR H 27 32.71 25.96 -10.23
C THR H 27 32.25 24.57 -10.66
N VAL H 28 33.17 23.61 -10.71
CA VAL H 28 32.83 22.29 -11.22
C VAL H 28 31.89 21.53 -10.28
N GLN H 29 32.03 21.75 -8.96
CA GLN H 29 31.13 21.07 -8.03
C GLN H 29 29.72 21.67 -8.09
N ALA H 30 29.63 23.00 -8.20
CA ALA H 30 28.32 23.66 -8.22
C ALA H 30 27.50 23.26 -9.44
N ARG H 31 28.17 22.91 -10.54
CA ARG H 31 27.45 22.43 -11.71
C ARG H 31 26.80 21.08 -11.45
N GLN H 32 27.45 20.23 -10.65
CA GLN H 32 26.90 18.91 -10.36
C GLN H 32 25.72 18.97 -9.42
N LEU H 33 25.65 20.00 -8.57
CA LEU H 33 24.50 20.18 -7.71
C LEU H 33 23.26 20.49 -8.54
N LEU H 34 22.12 19.95 -8.10
CA LEU H 34 20.84 20.09 -8.78
C LEU H 34 20.94 19.57 -10.22
N SER H 35 21.25 18.28 -10.36
CA SER H 35 21.41 17.66 -11.66
C SER H 35 20.27 16.70 -11.95
N GLY H 58 4.13 1.71 -8.12
CA GLY H 58 5.53 1.65 -8.47
C GLY H 58 6.45 1.88 -7.29
N VAL H 59 7.25 0.86 -6.96
CA VAL H 59 8.18 0.97 -5.85
C VAL H 59 9.30 1.95 -6.18
N TRP H 60 9.75 1.97 -7.43
CA TRP H 60 10.82 2.88 -7.83
C TRP H 60 10.32 4.31 -8.00
N GLY H 61 9.05 4.49 -8.35
CA GLY H 61 8.52 5.83 -8.54
C GLY H 61 8.50 6.65 -7.26
N PHE H 62 8.10 6.02 -6.14
CA PHE H 62 8.07 6.73 -4.86
C PHE H 62 9.48 7.08 -4.39
N LYS H 63 10.43 6.16 -4.54
CA LYS H 63 11.80 6.44 -4.12
C LYS H 63 12.44 7.51 -4.99
N GLN H 64 12.18 7.48 -6.30
CA GLN H 64 12.67 8.55 -7.17
C GLN H 64 12.04 9.88 -6.82
N LEU H 65 10.74 9.87 -6.46
CA LEU H 65 10.09 11.08 -5.99
C LEU H 65 10.71 11.59 -4.70
N GLN H 66 11.01 10.67 -3.76
CA GLN H 66 11.69 11.07 -2.53
C GLN H 66 13.13 11.51 -2.80
N ALA H 67 13.79 10.91 -3.79
CA ALA H 67 15.14 11.32 -4.13
C ALA H 67 15.17 12.74 -4.68
N ARG H 68 14.21 13.09 -5.53
CA ARG H 68 14.21 14.41 -6.15
C ARG H 68 13.92 15.51 -5.14
N VAL H 69 12.94 15.30 -4.25
CA VAL H 69 12.58 16.33 -3.28
C VAL H 69 13.72 16.53 -2.27
N LEU H 70 14.45 15.47 -1.93
CA LEU H 70 15.56 15.61 -1.00
C LEU H 70 16.70 16.39 -1.63
N ALA H 71 16.97 16.19 -2.92
CA ALA H 71 18.00 16.96 -3.61
C ALA H 71 17.65 18.43 -3.67
N ILE H 72 16.36 18.76 -3.81
CA ILE H 72 15.93 20.15 -3.78
C ILE H 72 16.18 20.76 -2.40
N GLU H 73 15.88 20.00 -1.33
CA GLU H 73 16.08 20.51 0.02
C GLU H 73 17.56 20.75 0.31
N ARG H 74 18.43 19.86 -0.18
CA ARG H 74 19.86 20.05 0.01
C ARG H 74 20.36 21.31 -0.69
N TYR H 75 19.83 21.58 -1.89
CA TYR H 75 20.27 22.74 -2.64
C TYR H 75 19.72 24.03 -2.04
N LEU H 76 18.44 24.04 -1.65
CA LEU H 76 17.86 25.26 -1.10
C LEU H 76 18.42 25.60 0.28
N GLU H 77 18.76 24.58 1.08
CA GLU H 77 19.33 24.84 2.40
C GLU H 77 20.67 25.57 2.28
N VAL H 78 21.49 25.17 1.30
CA VAL H 78 22.73 25.87 1.03
C VAL H 78 22.45 27.29 0.53
N GLN H 79 21.51 27.41 -0.43
CA GLN H 79 21.24 28.71 -1.04
C GLN H 79 20.68 29.71 -0.04
N GLN H 80 19.94 29.25 0.96
CA GLN H 80 19.43 30.15 1.98
C GLN H 80 20.56 30.76 2.80
N LEU H 81 21.59 29.96 3.11
CA LEU H 81 22.70 30.46 3.93
C LEU H 81 23.51 31.51 3.17
N LEU H 82 23.77 31.29 1.89
CA LEU H 82 24.47 32.29 1.10
C LEU H 82 23.62 33.54 0.87
N GLY H 83 22.30 33.38 0.83
CA GLY H 83 21.43 34.53 0.63
C GLY H 83 21.47 35.51 1.80
N ILE H 84 21.42 34.99 3.03
CA ILE H 84 21.40 35.86 4.20
C ILE H 84 22.78 36.44 4.50
N TRP H 85 23.84 35.83 3.99
CA TRP H 85 25.20 36.33 4.22
C TRP H 85 25.60 37.40 3.21
N GLY H 86 24.77 37.69 2.21
CA GLY H 86 25.08 38.67 1.21
C GLY H 86 25.83 38.14 0.00
N CYS H 87 26.29 36.88 0.03
CA CYS H 87 26.95 36.27 -1.11
C CYS H 87 25.95 35.43 -1.91
N SER H 88 24.98 36.13 -2.49
CA SER H 88 23.90 35.44 -3.21
C SER H 88 24.44 34.71 -4.44
N GLY H 89 25.33 35.34 -5.19
CA GLY H 89 25.89 34.73 -6.37
C GLY H 89 27.39 34.63 -6.33
N LYS H 90 28.00 35.26 -5.33
CA LYS H 90 29.45 35.24 -5.20
C LYS H 90 29.94 33.85 -4.83
N LEU H 91 31.05 33.43 -5.44
CA LEU H 91 31.69 32.17 -5.11
C LEU H 91 32.73 32.33 -4.01
N ILE H 92 33.53 33.40 -4.08
CA ILE H 92 34.46 33.76 -3.02
C ILE H 92 34.15 35.20 -2.63
N CYS H 93 33.75 35.41 -1.38
CA CYS H 93 33.34 36.73 -0.91
C CYS H 93 33.99 37.03 0.43
N CYS H 94 34.56 38.23 0.55
CA CYS H 94 35.12 38.68 1.81
C CYS H 94 34.02 39.20 2.73
N THR H 95 34.20 39.01 4.03
CA THR H 95 33.27 39.47 5.03
C THR H 95 33.96 40.48 5.95
N ASN H 96 33.27 40.88 7.01
CA ASN H 96 33.78 41.89 7.94
C ASN H 96 34.11 41.34 9.31
N VAL H 97 33.68 40.12 9.64
CA VAL H 97 34.00 39.56 10.96
C VAL H 97 35.48 39.24 11.03
N PRO H 98 36.14 39.40 12.17
CA PRO H 98 37.56 39.04 12.28
C PRO H 98 37.76 37.62 12.75
N TRP H 99 38.73 36.94 12.15
CA TRP H 99 39.08 35.60 12.57
C TRP H 99 39.73 35.64 13.96
N ASN H 100 39.38 34.66 14.78
CA ASN H 100 39.86 34.58 16.15
C ASN H 100 41.07 33.65 16.22
N SER H 101 42.13 34.10 16.91
CA SER H 101 43.33 33.28 17.04
C SER H 101 43.10 32.04 17.86
N THR H 102 42.05 32.01 18.70
CA THR H 102 41.72 30.80 19.44
C THR H 102 41.24 29.68 18.52
N TRP H 103 40.57 30.03 17.43
CA TRP H 103 40.09 29.01 16.49
C TRP H 103 41.24 28.32 15.77
N SER H 104 42.28 29.07 15.39
CA SER H 104 43.41 28.51 14.67
C SER H 104 44.68 29.27 15.02
N ASN H 105 45.74 28.53 15.32
CA ASN H 105 47.04 29.12 15.63
C ASN H 105 48.01 29.05 14.45
N ARG H 106 47.67 28.34 13.40
CA ARG H 106 48.55 28.21 12.24
C ARG H 106 48.52 29.48 11.41
N THR H 107 49.65 29.78 10.78
CA THR H 107 49.75 30.97 9.94
C THR H 107 49.15 30.70 8.56
N GLN H 108 49.05 31.77 7.76
CA GLN H 108 48.46 31.65 6.44
C GLN H 108 49.31 30.78 5.51
N GLU H 109 50.63 30.90 5.59
CA GLU H 109 51.49 30.08 4.75
C GLU H 109 51.38 28.60 5.12
N ASP H 110 51.28 28.31 6.41
CA ASP H 110 51.15 26.93 6.89
C ASP H 110 49.72 26.41 6.79
N ILE H 111 48.77 27.25 6.39
CA ILE H 111 47.39 26.82 6.15
C ILE H 111 47.11 26.65 4.66
N TRP H 112 47.47 27.66 3.86
CA TRP H 112 47.10 27.68 2.45
C TRP H 112 47.95 26.78 1.57
N ASN H 113 49.06 26.23 2.08
CA ASN H 113 49.92 25.39 1.24
C ASN H 113 50.43 24.17 2.00
N ASN H 114 49.64 23.64 2.95
CA ASN H 114 50.09 22.50 3.73
C ASN H 114 49.03 21.42 3.95
N MET H 115 47.76 21.68 3.69
CA MET H 115 46.71 20.75 4.09
C MET H 115 45.53 20.90 3.12
N THR H 116 44.52 20.06 3.32
CA THR H 116 43.39 19.91 2.42
C THR H 116 42.08 20.26 3.13
N TRP H 117 40.98 20.19 2.37
CA TRP H 117 39.67 20.52 2.92
C TRP H 117 39.14 19.44 3.86
N MET H 118 39.68 18.22 3.79
CA MET H 118 39.30 17.17 4.72
C MET H 118 39.56 17.59 6.16
N GLU H 119 40.81 17.92 6.45
CA GLU H 119 41.22 18.16 7.83
C GLU H 119 40.81 19.55 8.31
N TRP H 120 40.57 20.50 7.40
CA TRP H 120 40.24 21.85 7.82
C TRP H 120 38.88 21.91 8.50
N GLU H 121 37.85 21.35 7.86
CA GLU H 121 36.52 21.31 8.46
C GLU H 121 36.46 20.38 9.65
N ARG H 122 37.40 19.44 9.77
CA ARG H 122 37.43 18.55 10.91
C ARG H 122 37.86 19.29 12.18
N GLU H 123 38.90 20.12 12.08
CA GLU H 123 39.44 20.78 13.26
C GLU H 123 38.57 21.94 13.73
N ILE H 124 37.89 22.63 12.83
CA ILE H 124 37.06 23.78 13.21
C ILE H 124 35.59 23.39 13.31
N GLY H 125 35.28 22.09 13.33
CA GLY H 125 33.91 21.64 13.46
C GLY H 125 33.28 22.01 14.79
N ASN H 126 34.09 22.25 15.82
CA ASN H 126 33.57 22.66 17.11
C ASN H 126 33.02 24.08 17.07
N TYR H 127 33.61 24.93 16.23
CA TYR H 127 33.29 26.35 16.21
C TYR H 127 32.44 26.76 15.01
N THR H 128 31.84 25.80 14.29
CA THR H 128 31.03 26.13 13.14
C THR H 128 29.79 26.93 13.53
N HIS H 129 29.14 26.56 14.64
CA HIS H 129 27.91 27.23 15.04
C HIS H 129 28.17 28.69 15.42
N THR H 130 29.27 28.96 16.11
CA THR H 130 29.57 30.33 16.52
C THR H 130 29.86 31.22 15.32
N ILE H 131 30.63 30.72 14.35
CA ILE H 131 31.01 31.53 13.19
C ILE H 131 29.79 31.83 12.33
N TYR H 132 28.89 30.86 12.19
CA TYR H 132 27.66 31.10 11.45
C TYR H 132 26.81 32.17 12.12
N SER H 133 26.72 32.13 13.45
CA SER H 133 25.89 33.10 14.17
C SER H 133 26.52 34.49 14.18
N LEU H 134 27.85 34.57 14.35
CA LEU H 134 28.52 35.87 14.34
C LEU H 134 28.42 36.53 12.97
N LEU H 135 28.52 35.74 11.90
CA LEU H 135 28.42 36.29 10.56
C LEU H 135 27.02 36.78 10.25
N GLU H 136 26.00 36.15 10.84
CA GLU H 136 24.62 36.61 10.65
C GLU H 136 24.41 37.98 11.26
N GLU H 137 24.93 38.21 12.47
CA GLU H 137 24.75 39.49 13.14
C GLU H 137 25.46 40.62 12.40
N SER H 138 26.67 40.36 11.91
CA SER H 138 27.44 41.41 11.24
C SER H 138 26.78 41.81 9.92
N GLN H 139 26.26 40.84 9.17
CA GLN H 139 25.62 41.16 7.90
C GLN H 139 24.37 42.01 8.10
N PHE H 140 23.59 41.72 9.14
CA PHE H 140 22.44 42.56 9.44
C PHE H 140 22.86 43.95 9.90
N GLN H 141 23.98 44.03 10.62
CA GLN H 141 24.52 45.33 11.02
C GLN H 141 24.97 46.15 9.81
N GLN H 142 25.44 45.48 8.75
CA GLN H 142 25.90 46.16 7.56
C GLN H 142 24.77 46.86 6.80
N GLU H 143 23.53 46.46 7.03
CA GLU H 143 22.38 47.02 6.31
C GLU H 143 21.68 48.15 7.05
N ILE H 144 21.62 48.08 8.39
CA ILE H 144 20.89 49.09 9.14
C ILE H 144 21.62 50.44 9.08
N ASN H 145 22.95 50.42 9.19
CA ASN H 145 23.70 51.67 9.10
C ASN H 145 23.76 52.18 7.66
N GLU H 146 23.69 51.27 6.68
CA GLU H 146 23.67 51.68 5.28
C GLU H 146 22.39 52.44 4.96
N LYS H 147 21.26 52.01 5.52
CA LYS H 147 19.99 52.69 5.28
C LYS H 147 20.01 54.12 5.83
N ASP H 148 20.61 54.31 7.00
CA ASP H 148 20.70 55.65 7.57
C ASP H 148 21.59 56.57 6.73
N LEU H 149 22.61 56.00 6.08
CA LEU H 149 23.47 56.80 5.22
C LEU H 149 22.71 57.32 4.00
N LEU H 150 21.77 56.53 3.47
CA LEU H 150 20.99 56.94 2.32
C LEU H 150 19.85 57.91 2.68
N ALA H 151 19.60 58.12 3.97
CA ALA H 151 18.54 59.01 4.42
C ALA H 151 19.03 60.44 4.65
N LEU H 152 20.29 60.73 4.38
CA LEU H 152 20.84 62.06 4.58
C LEU H 152 20.57 63.00 3.42
N ASP H 153 19.96 62.52 2.34
CA ASP H 153 19.67 63.36 1.18
C ASP H 153 18.26 63.10 0.66
#